data_6KLQ
# 
_entry.id   6KLQ 
# 
_audit_conform.dict_name       mmcif_pdbx.dic 
_audit_conform.dict_version    5.387 
_audit_conform.dict_location   http://mmcif.pdb.org/dictionaries/ascii/mmcif_pdbx.dic 
# 
loop_
_database_2.database_id 
_database_2.database_code 
_database_2.pdbx_database_accession 
_database_2.pdbx_DOI 
PDB   6KLQ         pdb_00006klq 10.2210/pdb6klq/pdb 
WWPDB D_1300013257 ?            ?                   
EMDB  EMD-0715     ?            ?                   
# 
loop_
_pdbx_audit_revision_history.ordinal 
_pdbx_audit_revision_history.data_content_type 
_pdbx_audit_revision_history.major_revision 
_pdbx_audit_revision_history.minor_revision 
_pdbx_audit_revision_history.revision_date 
1 'Structure model' 1 0 2020-01-15 
2 'Structure model' 1 1 2020-01-29 
3 'Structure model' 1 2 2020-03-11 
4 'Structure model' 1 3 2024-03-27 
# 
_pdbx_audit_revision_details.ordinal             1 
_pdbx_audit_revision_details.revision_ordinal    1 
_pdbx_audit_revision_details.data_content_type   'Structure model' 
_pdbx_audit_revision_details.provider            repository 
_pdbx_audit_revision_details.type                'Initial release' 
_pdbx_audit_revision_details.description         ? 
_pdbx_audit_revision_details.details             ? 
# 
loop_
_pdbx_audit_revision_group.ordinal 
_pdbx_audit_revision_group.revision_ordinal 
_pdbx_audit_revision_group.data_content_type 
_pdbx_audit_revision_group.group 
1 2 'Structure model' 'Database references'    
2 3 'Structure model' 'Database references'    
3 4 'Structure model' 'Database references'    
4 4 'Structure model' 'Refinement description' 
# 
loop_
_pdbx_audit_revision_category.ordinal 
_pdbx_audit_revision_category.revision_ordinal 
_pdbx_audit_revision_category.data_content_type 
_pdbx_audit_revision_category.category 
1 2 'Structure model' citation                      
2 3 'Structure model' citation                      
3 4 'Structure model' database_2                    
4 4 'Structure model' em_3d_fitting_list            
5 4 'Structure model' pdbx_initial_refinement_model 
# 
loop_
_pdbx_audit_revision_item.ordinal 
_pdbx_audit_revision_item.revision_ordinal 
_pdbx_audit_revision_item.data_content_type 
_pdbx_audit_revision_item.item 
1  2 'Structure model' '_citation.country'                               
2  2 'Structure model' '_citation.journal_abbrev'                        
3  2 'Structure model' '_citation.journal_id_ASTM'                       
4  2 'Structure model' '_citation.journal_id_CSD'                        
5  2 'Structure model' '_citation.journal_id_ISSN'                       
6  2 'Structure model' '_citation.page_first'                            
7  2 'Structure model' '_citation.page_last'                             
8  2 'Structure model' '_citation.pdbx_database_id_DOI'                  
9  2 'Structure model' '_citation.pdbx_database_id_PubMed'               
10 2 'Structure model' '_citation.title'                                 
11 2 'Structure model' '_citation.year'                                  
12 3 'Structure model' '_citation.journal_volume'                        
13 4 'Structure model' '_database_2.pdbx_DOI'                            
14 4 'Structure model' '_database_2.pdbx_database_accession'             
15 4 'Structure model' '_em_3d_fitting_list.accession_code'              
16 4 'Structure model' '_em_3d_fitting_list.initial_refinement_model_id' 
17 4 'Structure model' '_em_3d_fitting_list.source_name'                 
18 4 'Structure model' '_em_3d_fitting_list.type'                        
# 
_pdbx_database_status.status_code                     REL 
_pdbx_database_status.status_code_sf                  ? 
_pdbx_database_status.status_code_mr                  ? 
_pdbx_database_status.entry_id                        6KLQ 
_pdbx_database_status.recvd_initial_deposition_date   2019-07-30 
_pdbx_database_status.SG_entry                        N 
_pdbx_database_status.deposit_site                    PDBJ 
_pdbx_database_status.process_site                    PDBJ 
_pdbx_database_status.status_code_cs                  ? 
_pdbx_database_status.methods_development_category    ? 
_pdbx_database_status.pdb_format_compatible           Y 
_pdbx_database_status.status_code_nmr_data            ? 
# 
loop_
_pdbx_database_related.db_name 
_pdbx_database_related.details 
_pdbx_database_related.db_id 
_pdbx_database_related.content_type 
EMDB .                                                            EMD-0711 'other EM volume'      
EMDB .                                                            EMD-0712 'other EM volume'      
EMDB .                                                            EMD-0714 'other EM volume'      
EMDB 'Tropomyosin of cardiac thin filament in high-calcium state' EMD-0715 'associated EM volume' 
EMDB .                                                            EMD-0717 'other EM volume'      
EMDB .                                                            EMD-0718 'other EM volume'      
EMDB .                                                            EMD-0797 'other EM volume'      
EMDB .                                                            EMD-0799 'other EM volume'      
# 
loop_
_audit_author.name 
_audit_author.pdbx_ordinal 
_audit_author.identifier_ORCID 
'Oda, T.'         1 0000-0001-8090-2159 
'Yanagisawa, H.'  2 0000-0003-0313-2343 
'Wakabayashi, T.' 3 ?                   
# 
_citation.abstract                  ? 
_citation.abstract_id_CAS           ? 
_citation.book_id_ISBN              ? 
_citation.book_publisher            ? 
_citation.book_publisher_city       ? 
_citation.book_title                ? 
_citation.coordinate_linkage        ? 
_citation.country                   US 
_citation.database_id_Medline       ? 
_citation.details                   ? 
_citation.id                        primary 
_citation.journal_abbrev            J.Struct.Biol. 
_citation.journal_id_ASTM           JSBIEM 
_citation.journal_id_CSD            0803 
_citation.journal_id_ISSN           1095-8657 
_citation.journal_full              ? 
_citation.journal_issue             ? 
_citation.journal_volume            209 
_citation.language                  ? 
_citation.page_first                107450 
_citation.page_last                 107450 
_citation.title                     'Cryo-EM structures of cardiac thin filaments reveal the 3D architecture of troponin.' 
_citation.year                      2020 
_citation.database_id_CSD           ? 
_citation.pdbx_database_id_DOI      10.1016/j.jsb.2020.107450 
_citation.pdbx_database_id_PubMed   31954841 
_citation.unpublished_flag          ? 
# 
loop_
_citation_author.citation_id 
_citation_author.name 
_citation_author.ordinal 
_citation_author.identifier_ORCID 
primary 'Oda, T.'         1 ? 
primary 'Yanagisawa, H.'  2 ? 
primary 'Wakabayashi, T.' 3 ? 
# 
_entity.id                         1 
_entity.type                       polymer 
_entity.src_method                 nat 
_entity.pdbx_description           Tropomyosin 
_entity.formula_weight             11507.176 
_entity.pdbx_number_of_molecules   2 
_entity.pdbx_ec                    ? 
_entity.pdbx_mutation              ? 
_entity.pdbx_fragment              ? 
_entity.details                    ? 
# 
_entity_poly.entity_id                      1 
_entity_poly.type                           'polypeptide(L)' 
_entity_poly.nstd_linkage                   no 
_entity_poly.nstd_monomer                   no 
_entity_poly.pdbx_seq_one_letter_code       
;(UNK)(UNK)(UNK)(UNK)(UNK)(UNK)(UNK)(UNK)(UNK)(UNK)(UNK)(UNK)(UNK)(UNK)(UNK)(UNK)
(UNK)(UNK)(UNK)(UNK)(UNK)(UNK)(UNK)(UNK)(UNK)(UNK)(UNK)(UNK)(UNK)(UNK)(UNK)(UNK)
(UNK)(UNK)(UNK)(UNK)(UNK)(UNK)(UNK)(UNK)(UNK)(UNK)(UNK)(UNK)(UNK)(UNK)(UNK)(UNK)
(UNK)(UNK)(UNK)(UNK)(UNK)(UNK)(UNK)(UNK)(UNK)(UNK)(UNK)(UNK)(UNK)(UNK)(UNK)(UNK)
(UNK)(UNK)(UNK)(UNK)(UNK)(UNK)(UNK)(UNK)(UNK)(UNK)(UNK)(UNK)(UNK)(UNK)(UNK)(UNK)
(UNK)(UNK)(UNK)(UNK)(UNK)(UNK)(UNK)(UNK)(UNK)(UNK)(UNK)(UNK)(UNK)(UNK)(UNK)(UNK)
(UNK)(UNK)(UNK)(UNK)(UNK)(UNK)(UNK)(UNK)(UNK)(UNK)(UNK)(UNK)(UNK)(UNK)(UNK)(UNK)
(UNK)(UNK)(UNK)(UNK)(UNK)(UNK)(UNK)(UNK)(UNK)(UNK)(UNK)(UNK)(UNK)(UNK)(UNK)(UNK)
(UNK)(UNK)(UNK)(UNK)(UNK)(UNK)(UNK)
;
_entity_poly.pdbx_seq_one_letter_code_can   
;XXXXXXXXXXXXXXXXXXXXXXXXXXXXXXXXXXXXXXXXXXXXXXXXXXXXXXXXXXXXXXXXXXXXXXXXXXXXXXXX
XXXXXXXXXXXXXXXXXXXXXXXXXXXXXXXXXXXXXXXXXXXXXXXXXXXXXXX
;
_entity_poly.pdbx_strand_id                 A,B 
_entity_poly.pdbx_target_identifier         ? 
# 
loop_
_entity_poly_seq.entity_id 
_entity_poly_seq.num 
_entity_poly_seq.mon_id 
_entity_poly_seq.hetero 
1 1   UNK n 
1 2   UNK n 
1 3   UNK n 
1 4   UNK n 
1 5   UNK n 
1 6   UNK n 
1 7   UNK n 
1 8   UNK n 
1 9   UNK n 
1 10  UNK n 
1 11  UNK n 
1 12  UNK n 
1 13  UNK n 
1 14  UNK n 
1 15  UNK n 
1 16  UNK n 
1 17  UNK n 
1 18  UNK n 
1 19  UNK n 
1 20  UNK n 
1 21  UNK n 
1 22  UNK n 
1 23  UNK n 
1 24  UNK n 
1 25  UNK n 
1 26  UNK n 
1 27  UNK n 
1 28  UNK n 
1 29  UNK n 
1 30  UNK n 
1 31  UNK n 
1 32  UNK n 
1 33  UNK n 
1 34  UNK n 
1 35  UNK n 
1 36  UNK n 
1 37  UNK n 
1 38  UNK n 
1 39  UNK n 
1 40  UNK n 
1 41  UNK n 
1 42  UNK n 
1 43  UNK n 
1 44  UNK n 
1 45  UNK n 
1 46  UNK n 
1 47  UNK n 
1 48  UNK n 
1 49  UNK n 
1 50  UNK n 
1 51  UNK n 
1 52  UNK n 
1 53  UNK n 
1 54  UNK n 
1 55  UNK n 
1 56  UNK n 
1 57  UNK n 
1 58  UNK n 
1 59  UNK n 
1 60  UNK n 
1 61  UNK n 
1 62  UNK n 
1 63  UNK n 
1 64  UNK n 
1 65  UNK n 
1 66  UNK n 
1 67  UNK n 
1 68  UNK n 
1 69  UNK n 
1 70  UNK n 
1 71  UNK n 
1 72  UNK n 
1 73  UNK n 
1 74  UNK n 
1 75  UNK n 
1 76  UNK n 
1 77  UNK n 
1 78  UNK n 
1 79  UNK n 
1 80  UNK n 
1 81  UNK n 
1 82  UNK n 
1 83  UNK n 
1 84  UNK n 
1 85  UNK n 
1 86  UNK n 
1 87  UNK n 
1 88  UNK n 
1 89  UNK n 
1 90  UNK n 
1 91  UNK n 
1 92  UNK n 
1 93  UNK n 
1 94  UNK n 
1 95  UNK n 
1 96  UNK n 
1 97  UNK n 
1 98  UNK n 
1 99  UNK n 
1 100 UNK n 
1 101 UNK n 
1 102 UNK n 
1 103 UNK n 
1 104 UNK n 
1 105 UNK n 
1 106 UNK n 
1 107 UNK n 
1 108 UNK n 
1 109 UNK n 
1 110 UNK n 
1 111 UNK n 
1 112 UNK n 
1 113 UNK n 
1 114 UNK n 
1 115 UNK n 
1 116 UNK n 
1 117 UNK n 
1 118 UNK n 
1 119 UNK n 
1 120 UNK n 
1 121 UNK n 
1 122 UNK n 
1 123 UNK n 
1 124 UNK n 
1 125 UNK n 
1 126 UNK n 
1 127 UNK n 
1 128 UNK n 
1 129 UNK n 
1 130 UNK n 
1 131 UNK n 
1 132 UNK n 
1 133 UNK n 
1 134 UNK n 
1 135 UNK n 
# 
_entity_src_nat.entity_id                  1 
_entity_src_nat.pdbx_src_id                1 
_entity_src_nat.pdbx_alt_source_flag       sample 
_entity_src_nat.pdbx_beg_seq_num           1 
_entity_src_nat.pdbx_end_seq_num           135 
_entity_src_nat.common_name                ? 
_entity_src_nat.pdbx_organism_scientific   'Mus musculus' 
_entity_src_nat.pdbx_ncbi_taxonomy_id      10090 
_entity_src_nat.genus                      ? 
_entity_src_nat.species                    ? 
_entity_src_nat.strain                     ICR 
_entity_src_nat.tissue                     ? 
_entity_src_nat.tissue_fraction            ? 
_entity_src_nat.pdbx_secretion             ? 
_entity_src_nat.pdbx_fragment              ? 
_entity_src_nat.pdbx_variant               ? 
_entity_src_nat.pdbx_cell_line             ? 
_entity_src_nat.pdbx_atcc                  ? 
_entity_src_nat.pdbx_cellular_location     ? 
_entity_src_nat.pdbx_organ                 Heart 
_entity_src_nat.pdbx_organelle             ? 
_entity_src_nat.pdbx_cell                  ? 
_entity_src_nat.pdbx_plasmid_name          ? 
_entity_src_nat.pdbx_plasmid_details       ? 
_entity_src_nat.details                    ? 
# 
_chem_comp.id               UNK 
_chem_comp.type             'L-peptide linking' 
_chem_comp.mon_nstd_flag    . 
_chem_comp.name             UNKNOWN 
_chem_comp.pdbx_synonyms    ? 
_chem_comp.formula          'C4 H9 N O2' 
_chem_comp.formula_weight   103.120 
# 
loop_
_pdbx_poly_seq_scheme.asym_id 
_pdbx_poly_seq_scheme.entity_id 
_pdbx_poly_seq_scheme.seq_id 
_pdbx_poly_seq_scheme.mon_id 
_pdbx_poly_seq_scheme.ndb_seq_num 
_pdbx_poly_seq_scheme.pdb_seq_num 
_pdbx_poly_seq_scheme.auth_seq_num 
_pdbx_poly_seq_scheme.pdb_mon_id 
_pdbx_poly_seq_scheme.auth_mon_id 
_pdbx_poly_seq_scheme.pdb_strand_id 
_pdbx_poly_seq_scheme.pdb_ins_code 
_pdbx_poly_seq_scheme.hetero 
A 1 1   UNK 1   97  97  UNK UNK A . n 
A 1 2   UNK 2   98  98  UNK UNK A . n 
A 1 3   UNK 3   99  99  UNK UNK A . n 
A 1 4   UNK 4   100 100 UNK UNK A . n 
A 1 5   UNK 5   101 101 UNK UNK A . n 
A 1 6   UNK 6   102 102 UNK UNK A . n 
A 1 7   UNK 7   103 103 UNK UNK A . n 
A 1 8   UNK 8   104 104 UNK UNK A . n 
A 1 9   UNK 9   105 105 UNK UNK A . n 
A 1 10  UNK 10  106 106 UNK UNK A . n 
A 1 11  UNK 11  107 107 UNK UNK A . n 
A 1 12  UNK 12  108 108 UNK UNK A . n 
A 1 13  UNK 13  109 109 UNK UNK A . n 
A 1 14  UNK 14  110 110 UNK UNK A . n 
A 1 15  UNK 15  111 111 UNK UNK A . n 
A 1 16  UNK 16  112 112 UNK UNK A . n 
A 1 17  UNK 17  113 113 UNK UNK A . n 
A 1 18  UNK 18  114 114 UNK UNK A . n 
A 1 19  UNK 19  115 115 UNK UNK A . n 
A 1 20  UNK 20  116 116 UNK UNK A . n 
A 1 21  UNK 21  117 117 UNK UNK A . n 
A 1 22  UNK 22  118 118 UNK UNK A . n 
A 1 23  UNK 23  119 119 UNK UNK A . n 
A 1 24  UNK 24  120 120 UNK UNK A . n 
A 1 25  UNK 25  121 121 UNK UNK A . n 
A 1 26  UNK 26  122 122 UNK UNK A . n 
A 1 27  UNK 27  123 123 UNK UNK A . n 
A 1 28  UNK 28  124 124 UNK UNK A . n 
A 1 29  UNK 29  125 125 UNK UNK A . n 
A 1 30  UNK 30  126 126 UNK UNK A . n 
A 1 31  UNK 31  127 127 UNK UNK A . n 
A 1 32  UNK 32  128 128 UNK UNK A . n 
A 1 33  UNK 33  129 129 UNK UNK A . n 
A 1 34  UNK 34  130 130 UNK UNK A . n 
A 1 35  UNK 35  131 131 UNK UNK A . n 
A 1 36  UNK 36  132 132 UNK UNK A . n 
A 1 37  UNK 37  133 133 UNK UNK A . n 
A 1 38  UNK 38  134 134 UNK UNK A . n 
A 1 39  UNK 39  135 135 UNK UNK A . n 
A 1 40  UNK 40  136 136 UNK UNK A . n 
A 1 41  UNK 41  137 137 UNK UNK A . n 
A 1 42  UNK 42  138 138 UNK UNK A . n 
A 1 43  UNK 43  139 139 UNK UNK A . n 
A 1 44  UNK 44  140 140 UNK UNK A . n 
A 1 45  UNK 45  141 141 UNK UNK A . n 
A 1 46  UNK 46  142 142 UNK UNK A . n 
A 1 47  UNK 47  143 143 UNK UNK A . n 
A 1 48  UNK 48  144 144 UNK UNK A . n 
A 1 49  UNK 49  145 145 UNK UNK A . n 
A 1 50  UNK 50  146 146 UNK UNK A . n 
A 1 51  UNK 51  147 147 UNK UNK A . n 
A 1 52  UNK 52  148 148 UNK UNK A . n 
A 1 53  UNK 53  149 149 UNK UNK A . n 
A 1 54  UNK 54  150 150 UNK UNK A . n 
A 1 55  UNK 55  151 151 UNK UNK A . n 
A 1 56  UNK 56  152 152 UNK UNK A . n 
A 1 57  UNK 57  153 153 UNK UNK A . n 
A 1 58  UNK 58  154 154 UNK UNK A . n 
A 1 59  UNK 59  155 155 UNK UNK A . n 
A 1 60  UNK 60  156 156 UNK UNK A . n 
A 1 61  UNK 61  157 157 UNK UNK A . n 
A 1 62  UNK 62  158 158 UNK UNK A . n 
A 1 63  UNK 63  159 159 UNK UNK A . n 
A 1 64  UNK 64  160 160 UNK UNK A . n 
A 1 65  UNK 65  161 161 UNK UNK A . n 
A 1 66  UNK 66  162 162 UNK UNK A . n 
A 1 67  UNK 67  163 163 UNK UNK A . n 
A 1 68  UNK 68  164 164 UNK UNK A . n 
A 1 69  UNK 69  165 165 UNK UNK A . n 
A 1 70  UNK 70  166 166 UNK UNK A . n 
A 1 71  UNK 71  167 167 UNK UNK A . n 
A 1 72  UNK 72  168 168 UNK UNK A . n 
A 1 73  UNK 73  169 169 UNK UNK A . n 
A 1 74  UNK 74  170 170 UNK UNK A . n 
A 1 75  UNK 75  171 171 UNK UNK A . n 
A 1 76  UNK 76  172 172 UNK UNK A . n 
A 1 77  UNK 77  173 173 UNK UNK A . n 
A 1 78  UNK 78  174 174 UNK UNK A . n 
A 1 79  UNK 79  175 175 UNK UNK A . n 
A 1 80  UNK 80  176 176 UNK UNK A . n 
A 1 81  UNK 81  177 177 UNK UNK A . n 
A 1 82  UNK 82  178 178 UNK UNK A . n 
A 1 83  UNK 83  179 179 UNK UNK A . n 
A 1 84  UNK 84  180 180 UNK UNK A . n 
A 1 85  UNK 85  181 181 UNK UNK A . n 
A 1 86  UNK 86  182 182 UNK UNK A . n 
A 1 87  UNK 87  183 183 UNK UNK A . n 
A 1 88  UNK 88  184 184 UNK UNK A . n 
A 1 89  UNK 89  185 185 UNK UNK A . n 
A 1 90  UNK 90  186 186 UNK UNK A . n 
A 1 91  UNK 91  187 187 UNK UNK A . n 
A 1 92  UNK 92  188 188 UNK UNK A . n 
A 1 93  UNK 93  189 189 UNK UNK A . n 
A 1 94  UNK 94  190 190 UNK UNK A . n 
A 1 95  UNK 95  191 191 UNK UNK A . n 
A 1 96  UNK 96  192 192 UNK UNK A . n 
A 1 97  UNK 97  193 193 UNK UNK A . n 
A 1 98  UNK 98  194 194 UNK UNK A . n 
A 1 99  UNK 99  195 195 UNK UNK A . n 
A 1 100 UNK 100 196 196 UNK UNK A . n 
A 1 101 UNK 101 197 197 UNK UNK A . n 
A 1 102 UNK 102 198 198 UNK UNK A . n 
A 1 103 UNK 103 199 199 UNK UNK A . n 
A 1 104 UNK 104 200 200 UNK UNK A . n 
A 1 105 UNK 105 201 201 UNK UNK A . n 
A 1 106 UNK 106 202 202 UNK UNK A . n 
A 1 107 UNK 107 203 203 UNK UNK A . n 
A 1 108 UNK 108 204 204 UNK UNK A . n 
A 1 109 UNK 109 205 205 UNK UNK A . n 
A 1 110 UNK 110 206 206 UNK UNK A . n 
A 1 111 UNK 111 207 207 UNK UNK A . n 
A 1 112 UNK 112 208 208 UNK UNK A . n 
A 1 113 UNK 113 209 209 UNK UNK A . n 
A 1 114 UNK 114 210 210 UNK UNK A . n 
A 1 115 UNK 115 211 211 UNK UNK A . n 
A 1 116 UNK 116 212 212 UNK UNK A . n 
A 1 117 UNK 117 213 213 UNK UNK A . n 
A 1 118 UNK 118 214 214 UNK UNK A . n 
A 1 119 UNK 119 215 215 UNK UNK A . n 
A 1 120 UNK 120 216 216 UNK UNK A . n 
A 1 121 UNK 121 217 217 UNK UNK A . n 
A 1 122 UNK 122 218 218 UNK UNK A . n 
A 1 123 UNK 123 219 219 UNK UNK A . n 
A 1 124 UNK 124 220 220 UNK UNK A . n 
A 1 125 UNK 125 221 221 UNK UNK A . n 
A 1 126 UNK 126 222 222 UNK UNK A . n 
A 1 127 UNK 127 223 223 UNK UNK A . n 
A 1 128 UNK 128 224 224 UNK UNK A . n 
A 1 129 UNK 129 225 225 UNK UNK A . n 
A 1 130 UNK 130 226 226 UNK UNK A . n 
A 1 131 UNK 131 227 227 UNK UNK A . n 
A 1 132 UNK 132 228 228 UNK UNK A . n 
A 1 133 UNK 133 229 229 UNK UNK A . n 
A 1 134 UNK 134 230 230 UNK UNK A . n 
A 1 135 UNK 135 231 231 UNK UNK A . n 
B 1 1   UNK 1   97  97  UNK UNK B . n 
B 1 2   UNK 2   98  98  UNK UNK B . n 
B 1 3   UNK 3   99  99  UNK UNK B . n 
B 1 4   UNK 4   100 100 UNK UNK B . n 
B 1 5   UNK 5   101 101 UNK UNK B . n 
B 1 6   UNK 6   102 102 UNK UNK B . n 
B 1 7   UNK 7   103 103 UNK UNK B . n 
B 1 8   UNK 8   104 104 UNK UNK B . n 
B 1 9   UNK 9   105 105 UNK UNK B . n 
B 1 10  UNK 10  106 106 UNK UNK B . n 
B 1 11  UNK 11  107 107 UNK UNK B . n 
B 1 12  UNK 12  108 108 UNK UNK B . n 
B 1 13  UNK 13  109 109 UNK UNK B . n 
B 1 14  UNK 14  110 110 UNK UNK B . n 
B 1 15  UNK 15  111 111 UNK UNK B . n 
B 1 16  UNK 16  112 112 UNK UNK B . n 
B 1 17  UNK 17  113 113 UNK UNK B . n 
B 1 18  UNK 18  114 114 UNK UNK B . n 
B 1 19  UNK 19  115 115 UNK UNK B . n 
B 1 20  UNK 20  116 116 UNK UNK B . n 
B 1 21  UNK 21  117 117 UNK UNK B . n 
B 1 22  UNK 22  118 118 UNK UNK B . n 
B 1 23  UNK 23  119 119 UNK UNK B . n 
B 1 24  UNK 24  120 120 UNK UNK B . n 
B 1 25  UNK 25  121 121 UNK UNK B . n 
B 1 26  UNK 26  122 122 UNK UNK B . n 
B 1 27  UNK 27  123 123 UNK UNK B . n 
B 1 28  UNK 28  124 124 UNK UNK B . n 
B 1 29  UNK 29  125 125 UNK UNK B . n 
B 1 30  UNK 30  126 126 UNK UNK B . n 
B 1 31  UNK 31  127 127 UNK UNK B . n 
B 1 32  UNK 32  128 128 UNK UNK B . n 
B 1 33  UNK 33  129 129 UNK UNK B . n 
B 1 34  UNK 34  130 130 UNK UNK B . n 
B 1 35  UNK 35  131 131 UNK UNK B . n 
B 1 36  UNK 36  132 132 UNK UNK B . n 
B 1 37  UNK 37  133 133 UNK UNK B . n 
B 1 38  UNK 38  134 134 UNK UNK B . n 
B 1 39  UNK 39  135 135 UNK UNK B . n 
B 1 40  UNK 40  136 136 UNK UNK B . n 
B 1 41  UNK 41  137 137 UNK UNK B . n 
B 1 42  UNK 42  138 138 UNK UNK B . n 
B 1 43  UNK 43  139 139 UNK UNK B . n 
B 1 44  UNK 44  140 140 UNK UNK B . n 
B 1 45  UNK 45  141 141 UNK UNK B . n 
B 1 46  UNK 46  142 142 UNK UNK B . n 
B 1 47  UNK 47  143 143 UNK UNK B . n 
B 1 48  UNK 48  144 144 UNK UNK B . n 
B 1 49  UNK 49  145 145 UNK UNK B . n 
B 1 50  UNK 50  146 146 UNK UNK B . n 
B 1 51  UNK 51  147 147 UNK UNK B . n 
B 1 52  UNK 52  148 148 UNK UNK B . n 
B 1 53  UNK 53  149 149 UNK UNK B . n 
B 1 54  UNK 54  150 150 UNK UNK B . n 
B 1 55  UNK 55  151 151 UNK UNK B . n 
B 1 56  UNK 56  152 152 UNK UNK B . n 
B 1 57  UNK 57  153 153 UNK UNK B . n 
B 1 58  UNK 58  154 154 UNK UNK B . n 
B 1 59  UNK 59  155 155 UNK UNK B . n 
B 1 60  UNK 60  156 156 UNK UNK B . n 
B 1 61  UNK 61  157 157 UNK UNK B . n 
B 1 62  UNK 62  158 158 UNK UNK B . n 
B 1 63  UNK 63  159 159 UNK UNK B . n 
B 1 64  UNK 64  160 160 UNK UNK B . n 
B 1 65  UNK 65  161 161 UNK UNK B . n 
B 1 66  UNK 66  162 162 UNK UNK B . n 
B 1 67  UNK 67  163 163 UNK UNK B . n 
B 1 68  UNK 68  164 164 UNK UNK B . n 
B 1 69  UNK 69  165 165 UNK UNK B . n 
B 1 70  UNK 70  166 166 UNK UNK B . n 
B 1 71  UNK 71  167 167 UNK UNK B . n 
B 1 72  UNK 72  168 168 UNK UNK B . n 
B 1 73  UNK 73  169 169 UNK UNK B . n 
B 1 74  UNK 74  170 170 UNK UNK B . n 
B 1 75  UNK 75  171 171 UNK UNK B . n 
B 1 76  UNK 76  172 172 UNK UNK B . n 
B 1 77  UNK 77  173 173 UNK UNK B . n 
B 1 78  UNK 78  174 174 UNK UNK B . n 
B 1 79  UNK 79  175 175 UNK UNK B . n 
B 1 80  UNK 80  176 176 UNK UNK B . n 
B 1 81  UNK 81  177 177 UNK UNK B . n 
B 1 82  UNK 82  178 178 UNK UNK B . n 
B 1 83  UNK 83  179 179 UNK UNK B . n 
B 1 84  UNK 84  180 180 UNK UNK B . n 
B 1 85  UNK 85  181 181 UNK UNK B . n 
B 1 86  UNK 86  182 182 UNK UNK B . n 
B 1 87  UNK 87  183 183 UNK UNK B . n 
B 1 88  UNK 88  184 184 UNK UNK B . n 
B 1 89  UNK 89  185 185 UNK UNK B . n 
B 1 90  UNK 90  186 186 UNK UNK B . n 
B 1 91  UNK 91  187 187 UNK UNK B . n 
B 1 92  UNK 92  188 188 UNK UNK B . n 
B 1 93  UNK 93  189 189 UNK UNK B . n 
B 1 94  UNK 94  190 190 UNK UNK B . n 
B 1 95  UNK 95  191 191 UNK UNK B . n 
B 1 96  UNK 96  192 192 UNK UNK B . n 
B 1 97  UNK 97  193 193 UNK UNK B . n 
B 1 98  UNK 98  194 194 UNK UNK B . n 
B 1 99  UNK 99  195 195 UNK UNK B . n 
B 1 100 UNK 100 196 196 UNK UNK B . n 
B 1 101 UNK 101 197 197 UNK UNK B . n 
B 1 102 UNK 102 198 198 UNK UNK B . n 
B 1 103 UNK 103 199 199 UNK UNK B . n 
B 1 104 UNK 104 200 200 UNK UNK B . n 
B 1 105 UNK 105 201 201 UNK UNK B . n 
B 1 106 UNK 106 202 202 UNK UNK B . n 
B 1 107 UNK 107 203 203 UNK UNK B . n 
B 1 108 UNK 108 204 204 UNK UNK B . n 
B 1 109 UNK 109 205 205 UNK UNK B . n 
B 1 110 UNK 110 206 206 UNK UNK B . n 
B 1 111 UNK 111 207 207 UNK UNK B . n 
B 1 112 UNK 112 208 208 UNK UNK B . n 
B 1 113 UNK 113 209 209 UNK UNK B . n 
B 1 114 UNK 114 210 210 UNK UNK B . n 
B 1 115 UNK 115 211 211 UNK UNK B . n 
B 1 116 UNK 116 212 212 UNK UNK B . n 
B 1 117 UNK 117 213 213 UNK UNK B . n 
B 1 118 UNK 118 214 214 UNK UNK B . n 
B 1 119 UNK 119 215 215 UNK UNK B . n 
B 1 120 UNK 120 216 216 UNK UNK B . n 
B 1 121 UNK 121 217 217 UNK UNK B . n 
B 1 122 UNK 122 218 218 UNK UNK B . n 
B 1 123 UNK 123 219 219 UNK UNK B . n 
B 1 124 UNK 124 220 220 UNK UNK B . n 
B 1 125 UNK 125 221 221 UNK UNK B . n 
B 1 126 UNK 126 222 222 UNK UNK B . n 
B 1 127 UNK 127 223 223 UNK UNK B . n 
B 1 128 UNK 128 224 224 UNK UNK B . n 
B 1 129 UNK 129 225 225 UNK UNK B . n 
B 1 130 UNK 130 226 226 UNK UNK B . n 
B 1 131 UNK 131 227 227 UNK UNK B . n 
B 1 132 UNK 132 228 228 UNK UNK B . n 
B 1 133 UNK 133 229 229 UNK UNK B . n 
B 1 134 UNK 134 230 ?   ?   ?   B . n 
B 1 135 UNK 135 231 ?   ?   ?   B . n 
# 
_exptl.absorpt_coefficient_mu     ? 
_exptl.absorpt_correction_T_max   ? 
_exptl.absorpt_correction_T_min   ? 
_exptl.absorpt_correction_type    ? 
_exptl.absorpt_process_details    ? 
_exptl.entry_id                   6KLQ 
_exptl.crystals_number            ? 
_exptl.details                    ? 
_exptl.method                     'ELECTRON MICROSCOPY' 
_exptl.method_details             ? 
# 
_struct.entry_id                     6KLQ 
_struct.title                        'Tropomyosin of cardiac thin filament in high-calcium state' 
_struct.pdbx_model_details           ? 
_struct.pdbx_formula_weight          ? 
_struct.pdbx_formula_weight_method   ? 
_struct.pdbx_model_type_details      ? 
_struct.pdbx_CASP_flag               N 
# 
_struct_keywords.entry_id        6KLQ 
_struct_keywords.text            'Cardiac thin filament, CONTRACTILE PROTEIN' 
_struct_keywords.pdbx_keywords   'CONTRACTILE PROTEIN' 
# 
loop_
_struct_asym.id 
_struct_asym.pdbx_blank_PDB_chainid_flag 
_struct_asym.pdbx_modified 
_struct_asym.entity_id 
_struct_asym.details 
A N N 1 ? 
B N N 1 ? 
# 
_struct_ref.id                         1 
_struct_ref.db_name                    PDB 
_struct_ref.db_code                    6KLQ 
_struct_ref.pdbx_db_accession          6KLQ 
_struct_ref.pdbx_db_isoform            ? 
_struct_ref.entity_id                  1 
_struct_ref.pdbx_seq_one_letter_code   ? 
_struct_ref.pdbx_align_begin           1 
# 
loop_
_struct_ref_seq.align_id 
_struct_ref_seq.ref_id 
_struct_ref_seq.pdbx_PDB_id_code 
_struct_ref_seq.pdbx_strand_id 
_struct_ref_seq.seq_align_beg 
_struct_ref_seq.pdbx_seq_align_beg_ins_code 
_struct_ref_seq.seq_align_end 
_struct_ref_seq.pdbx_seq_align_end_ins_code 
_struct_ref_seq.pdbx_db_accession 
_struct_ref_seq.db_align_beg 
_struct_ref_seq.pdbx_db_align_beg_ins_code 
_struct_ref_seq.db_align_end 
_struct_ref_seq.pdbx_db_align_end_ins_code 
_struct_ref_seq.pdbx_auth_seq_align_beg 
_struct_ref_seq.pdbx_auth_seq_align_end 
1 1 6KLQ A 1 ? 135 ? 6KLQ 97 ? 231 ? 97 231 
2 1 6KLQ B 1 ? 135 ? 6KLQ 97 ? 231 ? 97 231 
# 
_pdbx_struct_assembly.id                   1 
_pdbx_struct_assembly.details              author_defined_assembly 
_pdbx_struct_assembly.method_details       ? 
_pdbx_struct_assembly.oligomeric_details   dimeric 
_pdbx_struct_assembly.oligomeric_count     2 
# 
loop_
_pdbx_struct_assembly_prop.biol_id 
_pdbx_struct_assembly_prop.type 
_pdbx_struct_assembly_prop.value 
_pdbx_struct_assembly_prop.details 
1 'ABSA (A^2)' 3200  ? 
1 MORE         -46   ? 
1 'SSA (A^2)'  14060 ? 
# 
_pdbx_struct_assembly_gen.assembly_id       1 
_pdbx_struct_assembly_gen.oper_expression   1 
_pdbx_struct_assembly_gen.asym_id_list      A,B 
# 
_pdbx_struct_oper_list.id                   1 
_pdbx_struct_oper_list.type                 'identity operation' 
_pdbx_struct_oper_list.name                 1_555 
_pdbx_struct_oper_list.symmetry_operation   ? 
_pdbx_struct_oper_list.matrix[1][1]         1.0000000000 
_pdbx_struct_oper_list.matrix[1][2]         0.0000000000 
_pdbx_struct_oper_list.matrix[1][3]         0.0000000000 
_pdbx_struct_oper_list.vector[1]            0.0000000000 
_pdbx_struct_oper_list.matrix[2][1]         0.0000000000 
_pdbx_struct_oper_list.matrix[2][2]         1.0000000000 
_pdbx_struct_oper_list.matrix[2][3]         0.0000000000 
_pdbx_struct_oper_list.vector[2]            0.0000000000 
_pdbx_struct_oper_list.matrix[3][1]         0.0000000000 
_pdbx_struct_oper_list.matrix[3][2]         0.0000000000 
_pdbx_struct_oper_list.matrix[3][3]         1.0000000000 
_pdbx_struct_oper_list.vector[3]            0.0000000000 
# 
loop_
_struct_conf.conf_type_id 
_struct_conf.id 
_struct_conf.pdbx_PDB_helix_id 
_struct_conf.beg_label_comp_id 
_struct_conf.beg_label_asym_id 
_struct_conf.beg_label_seq_id 
_struct_conf.pdbx_beg_PDB_ins_code 
_struct_conf.end_label_comp_id 
_struct_conf.end_label_asym_id 
_struct_conf.end_label_seq_id 
_struct_conf.pdbx_end_PDB_ins_code 
_struct_conf.beg_auth_comp_id 
_struct_conf.beg_auth_asym_id 
_struct_conf.beg_auth_seq_id 
_struct_conf.end_auth_comp_id 
_struct_conf.end_auth_asym_id 
_struct_conf.end_auth_seq_id 
_struct_conf.pdbx_PDB_helix_class 
_struct_conf.details 
_struct_conf.pdbx_PDB_helix_length 
HELX_P HELX_P1 AA1 UNK A 1 ? UNK A 134 ? UNK A 97 UNK A 230 1 ? 134 
HELX_P HELX_P2 AA2 UNK B 2 ? UNK B 133 ? UNK B 98 UNK B 229 1 ? 132 
# 
_struct_conf_type.id          HELX_P 
_struct_conf_type.criteria    ? 
_struct_conf_type.reference   ? 
# 
loop_
_pdbx_validate_torsion.id 
_pdbx_validate_torsion.PDB_model_num 
_pdbx_validate_torsion.auth_comp_id 
_pdbx_validate_torsion.auth_asym_id 
_pdbx_validate_torsion.auth_seq_id 
_pdbx_validate_torsion.PDB_ins_code 
_pdbx_validate_torsion.label_alt_id 
_pdbx_validate_torsion.phi 
_pdbx_validate_torsion.psi 
1  1 UNK A 111 ? ? -57.02 -78.45  
2  1 UNK A 113 ? ? -57.49 -80.59  
3  1 UNK A 115 ? ? -50.42 -79.77  
4  1 UNK A 117 ? ? -54.40 -70.48  
5  1 UNK A 132 ? ? -55.05 -76.43  
6  1 UNK A 151 ? ? -56.39 -71.29  
7  1 UNK A 153 ? ? -52.72 -70.49  
8  1 UNK A 190 ? ? -57.45 -73.94  
9  1 UNK A 197 ? ? -53.05 -83.57  
10 1 UNK A 199 ? ? -49.50 -78.13  
11 1 UNK A 223 ? ? -62.87 -72.22  
12 1 UNK A 224 ? ? -36.04 -36.93  
13 1 UNK A 228 ? ? -64.35 -111.14 
14 1 UNK A 229 ? ? 47.62  -78.06  
15 1 UNK A 230 ? ? 52.99  -97.25  
16 1 UNK B 128 ? ? -45.91 -73.30  
17 1 UNK B 149 ? ? -53.23 -73.25  
18 1 UNK B 169 ? ? -48.54 -71.60  
# 
_pdbx_entry_details.compound_details         ? 
_pdbx_entry_details.entry_id                 6KLQ 
_pdbx_entry_details.has_ligand_of_interest   ? 
_pdbx_entry_details.nonpolymer_details       ? 
_pdbx_entry_details.sequence_details         
'Protein used in this study is tropomyosin 1alpha. Sequence details can be found at https://www.ncbi.nlm.nih.gov/gene/22003.' 
_pdbx_entry_details.source_details           ? 
# 
_em_3d_fitting.entry_id          6KLQ 
_em_3d_fitting.id                1 
_em_3d_fitting.details           ? 
_em_3d_fitting.overall_b_value   ? 
_em_3d_fitting.ref_protocol      ? 
_em_3d_fitting.ref_space         ? 
_em_3d_fitting.target_criteria   ? 
_em_3d_fitting.method            ? 
# 
_em_3d_fitting_list.3d_fitting_id                 1 
_em_3d_fitting_list.id                            1 
_em_3d_fitting_list.details                       ? 
_em_3d_fitting_list.pdb_chain_id                  ? 
_em_3d_fitting_list.pdb_chain_residue_range       ? 
_em_3d_fitting_list.pdb_entry_id                  3J8A 
_em_3d_fitting_list.initial_refinement_model_id   1 
_em_3d_fitting_list.chain_id                      ? 
_em_3d_fitting_list.chain_residue_range           ? 
_em_3d_fitting_list.source_name                   PDB 
_em_3d_fitting_list.type                          'experimental model' 
_em_3d_fitting_list.accession_code                3J8A 
# 
_em_3d_reconstruction.entry_id                    6KLQ 
_em_3d_reconstruction.id                          1 
_em_3d_reconstruction.algorithm                   ? 
_em_3d_reconstruction.details                     ? 
_em_3d_reconstruction.refinement_type             ? 
_em_3d_reconstruction.image_processing_id         1 
_em_3d_reconstruction.num_class_averages          ? 
_em_3d_reconstruction.num_particles               328766 
_em_3d_reconstruction.resolution                  7.7 
_em_3d_reconstruction.resolution_method           'FSC 0.5 CUT-OFF' 
_em_3d_reconstruction.symmetry_type               POINT 
_em_3d_reconstruction.method                      ? 
_em_3d_reconstruction.nominal_pixel_size          ? 
_em_3d_reconstruction.actual_pixel_size           ? 
_em_3d_reconstruction.magnification_calibration   ? 
# 
_em_buffer.id            1 
_em_buffer.details       ? 
_em_buffer.pH            7.2 
_em_buffer.specimen_id   1 
_em_buffer.name          ? 
# 
_em_entity_assembly.id                   1 
_em_entity_assembly.parent_id            0 
_em_entity_assembly.details              ? 
_em_entity_assembly.name                 'Cardiac thin filament' 
_em_entity_assembly.source               NATURAL 
_em_entity_assembly.type                 COMPLEX 
_em_entity_assembly.entity_id_list       1 
_em_entity_assembly.synonym              ? 
_em_entity_assembly.oligomeric_details   ? 
# 
_em_imaging.id                              1 
_em_imaging.entry_id                        6KLQ 
_em_imaging.accelerating_voltage            300 
_em_imaging.alignment_procedure             ? 
_em_imaging.c2_aperture_diameter            ? 
_em_imaging.calibrated_defocus_max          ? 
_em_imaging.calibrated_defocus_min          ? 
_em_imaging.calibrated_magnification        ? 
_em_imaging.cryogen                         ? 
_em_imaging.details                         ? 
_em_imaging.electron_source                 'FIELD EMISSION GUN' 
_em_imaging.illumination_mode               'FLOOD BEAM' 
_em_imaging.microscope_model                'FEI TITAN KRIOS' 
_em_imaging.mode                            'BRIGHT FIELD' 
_em_imaging.nominal_cs                      ? 
_em_imaging.nominal_defocus_max             ? 
_em_imaging.nominal_defocus_min             ? 
_em_imaging.nominal_magnification           ? 
_em_imaging.recording_temperature_maximum   ? 
_em_imaging.recording_temperature_minimum   ? 
_em_imaging.residual_tilt                   ? 
_em_imaging.specimen_holder_model           ? 
_em_imaging.specimen_id                     1 
_em_imaging.citation_id                     ? 
_em_imaging.date                            ? 
_em_imaging.temperature                     ? 
_em_imaging.tilt_angle_min                  ? 
_em_imaging.tilt_angle_max                  ? 
_em_imaging.astigmatism                     ? 
_em_imaging.detector_distance               ? 
_em_imaging.electron_beam_tilt_params       ? 
_em_imaging.specimen_holder_type            ? 
# 
_em_sample_support.id               1 
_em_sample_support.specimen_id      1 
_em_sample_support.details          ? 
_em_sample_support.grid_material    COPPER 
_em_sample_support.grid_mesh_size   ? 
_em_sample_support.grid_type        ? 
_em_sample_support.method           ? 
_em_sample_support.film_material    ? 
# 
_em_vitrification.id                    1 
_em_vitrification.specimen_id           1 
_em_vitrification.chamber_temperature   ? 
_em_vitrification.cryogen_name          ETHANE 
_em_vitrification.details               ? 
_em_vitrification.humidity              ? 
_em_vitrification.instrument            ? 
_em_vitrification.entry_id              6KLQ 
_em_vitrification.citation_id           ? 
_em_vitrification.method                ? 
_em_vitrification.temp                  ? 
_em_vitrification.time_resolved_state   ? 
# 
_em_experiment.entry_id                6KLQ 
_em_experiment.id                      1 
_em_experiment.aggregation_state       FILAMENT 
_em_experiment.reconstruction_method   'SINGLE PARTICLE' 
_em_experiment.entity_assembly_id      1 
# 
_em_single_particle_entity.entry_id              6KLQ 
_em_single_particle_entity.id                    1 
_em_single_particle_entity.image_processing_id   1 
_em_single_particle_entity.point_symmetry        C1 
# 
loop_
_pdbx_unobs_or_zero_occ_residues.id 
_pdbx_unobs_or_zero_occ_residues.PDB_model_num 
_pdbx_unobs_or_zero_occ_residues.polymer_flag 
_pdbx_unobs_or_zero_occ_residues.occupancy_flag 
_pdbx_unobs_or_zero_occ_residues.auth_asym_id 
_pdbx_unobs_or_zero_occ_residues.auth_comp_id 
_pdbx_unobs_or_zero_occ_residues.auth_seq_id 
_pdbx_unobs_or_zero_occ_residues.PDB_ins_code 
_pdbx_unobs_or_zero_occ_residues.label_asym_id 
_pdbx_unobs_or_zero_occ_residues.label_comp_id 
_pdbx_unobs_or_zero_occ_residues.label_seq_id 
1 1 Y 1 B UNK 230 ? B UNK 134 
2 1 Y 1 B UNK 231 ? B UNK 135 
# 
_em_ctf_correction.id                       1 
_em_ctf_correction.em_image_processing_id   1 
_em_ctf_correction.type                     'PHASE FLIPPING AND AMPLITUDE CORRECTION' 
_em_ctf_correction.details                  ? 
# 
_em_entity_assembly_naturalsource.id                   1 
_em_entity_assembly_naturalsource.entity_assembly_id   1 
_em_entity_assembly_naturalsource.cell                 ? 
_em_entity_assembly_naturalsource.cellular_location    ? 
_em_entity_assembly_naturalsource.ncbi_tax_id          10090 
_em_entity_assembly_naturalsource.organ                ? 
_em_entity_assembly_naturalsource.organelle            Heart 
_em_entity_assembly_naturalsource.organism             'Mus musculus' 
_em_entity_assembly_naturalsource.strain               ? 
_em_entity_assembly_naturalsource.tissue               ? 
# 
_em_image_processing.id                   1 
_em_image_processing.image_recording_id   1 
_em_image_processing.details              ? 
# 
_em_image_recording.id                            1 
_em_image_recording.imaging_id                    1 
_em_image_recording.avg_electron_dose_per_image   60 
_em_image_recording.average_exposure_time         5.5 
_em_image_recording.details                       ? 
_em_image_recording.detector_mode                 ? 
_em_image_recording.film_or_detector_model        'GATAN K3 (6k x 4k)' 
_em_image_recording.num_diffraction_images        ? 
_em_image_recording.num_grids_imaged              ? 
_em_image_recording.num_real_images               8460 
# 
loop_
_em_software.id 
_em_software.category 
_em_software.details 
_em_software.name 
_em_software.version 
_em_software.image_processing_id 
_em_software.fitting_id 
_em_software.imaging_id 
1  'PARTICLE SELECTION'       ? RELION 3.0.6     1 ? ? 
2  'IMAGE ACQUISITION'        ? ?      ?         ? ? 1 
3  MASKING                    ? ?      ?         ? ? ? 
4  'CTF CORRECTION'           ? Gctf   1.18      1 ? ? 
5  'LAYERLINE INDEXING'       ? ?      ?         ? ? ? 
6  'DIFFRACTION INDEXING'     ? ?      ?         ? ? ? 
7  'MODEL FITTING'            ? PHENIX 1.15-3459 ? 1 ? 
8  OTHER                      ? ?      ?         ? ? ? 
9  'INITIAL EULER ASSIGNMENT' ? RELION 3.0.6     1 ? ? 
10 'FINAL EULER ASSIGNMENT'   ? RELION 3.0.6     1 ? ? 
11 CLASSIFICATION             ? RELION 3.0.6     1 ? ? 
12 RECONSTRUCTION             ? RELION 3.0.6     1 ? ? 
13 'MODEL REFINEMENT'         ? PHENIX 1.15-3459 ? 1 ? 
# 
_em_specimen.id                      1 
_em_specimen.experiment_id           1 
_em_specimen.concentration           0.1 
_em_specimen.details                 ? 
_em_specimen.embedding_applied       NO 
_em_specimen.shadowing_applied       NO 
_em_specimen.staining_applied        NO 
_em_specimen.vitrification_applied   YES 
# 
_pdbx_initial_refinement_model.id               1 
_pdbx_initial_refinement_model.type             'experimental model' 
_pdbx_initial_refinement_model.source_name      PDB 
_pdbx_initial_refinement_model.accession_code   3J8A 
# 
_atom_sites.entry_id                    6KLQ 
_atom_sites.Cartn_transf_matrix[1][1]   ? 
_atom_sites.Cartn_transf_matrix[1][2]   ? 
_atom_sites.Cartn_transf_matrix[1][3]   ? 
_atom_sites.Cartn_transf_matrix[2][1]   ? 
_atom_sites.Cartn_transf_matrix[2][2]   ? 
_atom_sites.Cartn_transf_matrix[2][3]   ? 
_atom_sites.Cartn_transf_matrix[3][1]   ? 
_atom_sites.Cartn_transf_matrix[3][2]   ? 
_atom_sites.Cartn_transf_matrix[3][3]   ? 
_atom_sites.Cartn_transf_vector[1]      ? 
_atom_sites.Cartn_transf_vector[2]      ? 
_atom_sites.Cartn_transf_vector[3]      ? 
_atom_sites.fract_transf_matrix[1][1]   1.000000 
_atom_sites.fract_transf_matrix[1][2]   0.000000 
_atom_sites.fract_transf_matrix[1][3]   0.000000 
_atom_sites.fract_transf_matrix[2][1]   0.000000 
_atom_sites.fract_transf_matrix[2][2]   1.000000 
_atom_sites.fract_transf_matrix[2][3]   0.000000 
_atom_sites.fract_transf_matrix[3][1]   0.000000 
_atom_sites.fract_transf_matrix[3][2]   0.000000 
_atom_sites.fract_transf_matrix[3][3]   1.000000 
_atom_sites.fract_transf_vector[1]      0.00000 
_atom_sites.fract_transf_vector[2]      0.00000 
_atom_sites.fract_transf_vector[3]      0.00000 
_atom_sites.solution_primary            ? 
_atom_sites.solution_secondary          ? 
_atom_sites.solution_hydrogens          ? 
_atom_sites.special_details             ? 
# 
loop_
_atom_type.symbol 
C 
N 
O 
# 
loop_
_atom_site.group_PDB 
_atom_site.id 
_atom_site.type_symbol 
_atom_site.label_atom_id 
_atom_site.label_alt_id 
_atom_site.label_comp_id 
_atom_site.label_asym_id 
_atom_site.label_entity_id 
_atom_site.label_seq_id 
_atom_site.pdbx_PDB_ins_code 
_atom_site.Cartn_x 
_atom_site.Cartn_y 
_atom_site.Cartn_z 
_atom_site.occupancy 
_atom_site.B_iso_or_equiv 
_atom_site.pdbx_formal_charge 
_atom_site.auth_seq_id 
_atom_site.auth_comp_id 
_atom_site.auth_asym_id 
_atom_site.auth_atom_id 
_atom_site.pdbx_PDB_model_num 
ATOM 1    N N  . UNK A 1 1   ? -63.403 -57.417 33.821  1.00 658.70 ? 97  UNK A N  1 
ATOM 2    C CA . UNK A 1 1   ? -63.526 -56.517 34.954  1.00 658.70 ? 97  UNK A CA 1 
ATOM 3    C C  . UNK A 1 1   ? -62.281 -55.668 35.049  1.00 658.70 ? 97  UNK A C  1 
ATOM 4    O O  . UNK A 1 1   ? -61.916 -54.927 34.136  1.00 658.70 ? 97  UNK A O  1 
ATOM 5    C CB . UNK A 1 1   ? -63.730 -57.303 36.250  1.00 658.70 ? 97  UNK A CB 1 
ATOM 6    N N  . UNK A 1 2   ? -61.599 -55.813 36.173  1.00 695.31 ? 98  UNK A N  1 
ATOM 7    C CA . UNK A 1 2   ? -60.286 -55.225 36.334  1.00 695.31 ? 98  UNK A CA 1 
ATOM 8    C C  . UNK A 1 2   ? -59.412 -55.732 35.214  1.00 695.31 ? 98  UNK A C  1 
ATOM 9    O O  . UNK A 1 2   ? -58.403 -55.147 34.858  1.00 695.31 ? 98  UNK A O  1 
ATOM 10   C CB . UNK A 1 2   ? -59.689 -55.591 37.684  1.00 695.31 ? 98  UNK A CB 1 
ATOM 11   N N  . UNK A 1 3   ? -59.812 -56.872 34.682  1.00 682.86 ? 99  UNK A N  1 
ATOM 12   C CA . UNK A 1 3   ? -59.273 -57.365 33.440  1.00 682.86 ? 99  UNK A CA 1 
ATOM 13   C C  . UNK A 1 3   ? -59.299 -56.252 32.424  1.00 682.86 ? 99  UNK A C  1 
ATOM 14   O O  . UNK A 1 3   ? -58.279 -55.791 31.912  1.00 682.86 ? 99  UNK A O  1 
ATOM 15   C CB . UNK A 1 3   ? -60.094 -58.549 32.942  1.00 682.86 ? 99  UNK A CB 1 
ATOM 16   N N  . UNK A 1 4   ? -60.506 -55.801 32.146  1.00 684.06 ? 100 UNK A N  1 
ATOM 17   C CA . UNK A 1 4   ? -60.684 -54.760 31.169  1.00 684.06 ? 100 UNK A CA 1 
ATOM 18   C C  . UNK A 1 4   ? -59.917 -53.527 31.608  1.00 684.06 ? 100 UNK A C  1 
ATOM 19   O O  . UNK A 1 4   ? -59.469 -52.726 30.798  1.00 684.06 ? 100 UNK A O  1 
ATOM 20   C CB . UNK A 1 4   ? -62.161 -54.447 30.996  1.00 684.06 ? 100 UNK A CB 1 
ATOM 21   N N  . UNK A 1 5   ? -59.758 -53.379 32.912  1.00 761.29 ? 101 UNK A N  1 
ATOM 22   C CA . UNK A 1 5   ? -59.036 -52.227 33.426  1.00 761.29 ? 101 UNK A CA 1 
ATOM 23   C C  . UNK A 1 5   ? -57.597 -52.241 32.929  1.00 761.29 ? 101 UNK A C  1 
ATOM 24   O O  . UNK A 1 5   ? -57.011 -51.268 32.426  1.00 761.29 ? 101 UNK A O  1 
ATOM 25   C CB . UNK A 1 5   ? -59.072 -52.217 34.949  1.00 761.29 ? 101 UNK A CB 1 
ATOM 26   N N  . UNK A 1 6   ? -57.018 -53.410 33.099  1.00 765.75 ? 102 UNK A N  1 
ATOM 27   C CA . UNK A 1 6   ? -55.675 -53.652 32.648  1.00 765.75 ? 102 UNK A CA 1 
ATOM 28   C C  . UNK A 1 6   ? -55.639 -53.381 31.163  1.00 765.75 ? 102 UNK A C  1 
ATOM 29   O O  . UNK A 1 6   ? -54.680 -52.826 30.645  1.00 765.75 ? 102 UNK A O  1 
ATOM 30   C CB . UNK A 1 6   ? -55.255 -55.081 32.956  1.00 765.75 ? 102 UNK A CB 1 
ATOM 31   N N  . UNK A 1 7   ? -56.710 -53.777 30.488  1.00 776.03 ? 103 UNK A N  1 
ATOM 32   C CA . UNK A 1 7   ? -56.801 -53.600 29.046  1.00 776.03 ? 103 UNK A CA 1 
ATOM 33   C C  . UNK A 1 7   ? -56.622 -52.133 28.708  1.00 776.03 ? 103 UNK A C  1 
ATOM 34   O O  . UNK A 1 7   ? -55.939 -51.733 27.766  1.00 776.03 ? 103 UNK A O  1 
ATOM 35   C CB . UNK A 1 7   ? -58.141 -54.111 28.520  1.00 776.03 ? 103 UNK A CB 1 
ATOM 36   N N  . UNK A 1 8   ? -57.271 -51.319 29.516  1.00 824.99 ? 104 UNK A N  1 
ATOM 37   C CA . UNK A 1 8   ? -57.203 -49.882 29.346  1.00 824.99 ? 104 UNK A CA 1 
ATOM 38   C C  . UNK A 1 8   ? -55.774 -49.431 29.468  1.00 824.99 ? 104 UNK A C  1 
ATOM 39   O O  . UNK A 1 8   ? -55.250 -48.696 28.639  1.00 824.99 ? 104 UNK A O  1 
ATOM 40   C CB . UNK A 1 8   ? -58.056 -49.172 30.387  1.00 824.99 ? 104 UNK A CB 1 
ATOM 41   N N  . UNK A 1 9   ? -55.157 -49.885 30.541  1.00 809.76 ? 105 UNK A N  1 
ATOM 42   C CA . UNK A 1 9   ? -53.777 -49.534 30.808  1.00 809.76 ? 105 UNK A CA 1 
ATOM 43   C C  . UNK A 1 9   ? -52.939 -49.879 29.593  1.00 809.76 ? 105 UNK A C  1 
ATOM 44   O O  . UNK A 1 9   ? -52.019 -49.182 29.204  1.00 809.76 ? 105 UNK A O  1 
ATOM 45   C CB . UNK A 1 9   ? -53.265 -50.270 32.036  1.00 809.76 ? 105 UNK A CB 1 
ATOM 46   N N  . UNK A 1 10  ? -53.306 -50.986 28.977  1.00 772.84 ? 106 UNK A N  1 
ATOM 47   C CA . UNK A 1 10  ? -52.561 -51.515 27.857  1.00 772.84 ? 106 UNK A CA 1 
ATOM 48   C C  . UNK A 1 10  ? -52.723 -50.617 26.662  1.00 772.84 ? 106 UNK A C  1 
ATOM 49   O O  . UNK A 1 10  ? -51.844 -50.424 25.835  1.00 772.84 ? 106 UNK A O  1 
ATOM 50   C CB . UNK A 1 10  ? -53.042 -52.919 27.524  1.00 772.84 ? 106 UNK A CB 1 
ATOM 51   N N  . UNK A 1 11  ? -53.912 -50.069 26.566  1.00 840.08 ? 107 UNK A N  1 
ATOM 52   C CA . UNK A 1 11  ? -54.168 -49.153 25.490  1.00 840.08 ? 107 UNK A CA 1 
ATOM 53   C C  . UNK A 1 11  ? -53.295 -47.937 25.730  1.00 840.08 ? 107 UNK A C  1 
ATOM 54   O O  . UNK A 1 11  ? -52.733 -47.346 24.808  1.00 840.08 ? 107 UNK A O  1 
ATOM 55   C CB . UNK A 1 11  ? -55.639 -48.782 25.439  1.00 840.08 ? 107 UNK A CB 1 
ATOM 56   N N  . UNK A 1 12  ? -53.191 -47.576 27.002  1.00 827.75 ? 108 UNK A N  1 
ATOM 57   C CA . UNK A 1 12  ? -52.456 -46.385 27.414  1.00 827.75 ? 108 UNK A CA 1 
ATOM 58   C C  . UNK A 1 12  ? -51.013 -46.547 26.990  1.00 827.75 ? 108 UNK A C  1 
ATOM 59   O O  . UNK A 1 12  ? -50.288 -45.634 26.550  1.00 827.75 ? 108 UNK A O  1 
ATOM 60   C CB . UNK A 1 12  ? -52.556 -46.180 28.923  1.00 827.75 ? 108 UNK A CB 1 
ATOM 61   N N  . UNK A 1 13  ? -50.601 -47.789 27.140  1.00 765.23 ? 109 UNK A N  1 
ATOM 62   C CA . UNK A 1 13  ? -49.332 -48.223 26.621  1.00 765.23 ? 109 UNK A CA 1 
ATOM 63   C C  . UNK A 1 13  ? -49.305 -47.897 25.139  1.00 765.23 ? 109 UNK A C  1 
ATOM 64   O O  . UNK A 1 13  ? -48.602 -46.972 24.743  1.00 765.23 ? 109 UNK A O  1 
ATOM 65   C CB . UNK A 1 13  ? -49.128 -49.714 26.860  1.00 765.23 ? 109 UNK A CB 1 
ATOM 66   N N  . UNK A 1 14  ? -50.111 -48.619 24.361  1.00 806.27 ? 110 UNK A N  1 
ATOM 67   C CA . UNK A 1 14  ? -50.194 -48.478 22.900  1.00 806.27 ? 110 UNK A CA 1 
ATOM 68   C C  . UNK A 1 14  ? -49.940 -47.043 22.444  1.00 806.27 ? 110 UNK A C  1 
ATOM 69   O O  . UNK A 1 14  ? -49.195 -46.722 21.501  1.00 806.27 ? 110 UNK A O  1 
ATOM 70   C CB . UNK A 1 14  ? -51.566 -48.949 22.415  1.00 806.27 ? 110 UNK A CB 1 
ATOM 71   N N  . UNK A 1 15  ? -50.581 -46.163 23.193  1.00 855.01 ? 111 UNK A N  1 
ATOM 72   C CA . UNK A 1 15  ? -50.375 -44.739 23.048  1.00 855.01 ? 111 UNK A CA 1 
ATOM 73   C C  . UNK A 1 15  ? -48.921 -44.386 23.232  1.00 855.01 ? 111 UNK A C  1 
ATOM 74   O O  . UNK A 1 15  ? -48.203 -44.202 22.248  1.00 855.01 ? 111 UNK A O  1 
ATOM 75   C CB . UNK A 1 15  ? -51.214 -43.976 24.060  1.00 855.01 ? 111 UNK A CB 1 
ATOM 76   N N  . UNK A 1 16  ? -48.502 -44.342 24.495  1.00 832.51 ? 112 UNK A N  1 
ATOM 77   C CA . UNK A 1 16  ? -47.151 -43.916 24.865  1.00 832.51 ? 112 UNK A CA 1 
ATOM 78   C C  . UNK A 1 16  ? -46.122 -44.479 23.901  1.00 832.51 ? 112 UNK A C  1 
ATOM 79   O O  . UNK A 1 16  ? -45.101 -43.881 23.582  1.00 832.51 ? 112 UNK A O  1 
ATOM 80   C CB . UNK A 1 16  ? -46.833 -44.359 26.289  1.00 832.51 ? 112 UNK A CB 1 
ATOM 81   N N  . UNK A 1 17  ? -46.444 -45.664 23.420  1.00 793.65 ? 113 UNK A N  1 
ATOM 82   C CA . UNK A 1 17  ? -45.701 -46.328 22.378  1.00 793.65 ? 113 UNK A CA 1 
ATOM 83   C C  . UNK A 1 17  ? -45.637 -45.468 21.150  1.00 793.65 ? 113 UNK A C  1 
ATOM 84   O O  . UNK A 1 17  ? -44.639 -44.780 20.931  1.00 793.65 ? 113 UNK A O  1 
ATOM 85   C CB . UNK A 1 17  ? -46.349 -47.662 22.030  1.00 793.65 ? 113 UNK A CB 1 
ATOM 86   N N  . UNK A 1 18  ? -46.720 -45.500 20.379  1.00 882.77 ? 114 UNK A N  1 
ATOM 87   C CA . UNK A 1 18  ? -46.795 -44.791 19.105  1.00 882.77 ? 114 UNK A CA 1 
ATOM 88   C C  . UNK A 1 18  ? -46.193 -43.407 19.242  1.00 882.77 ? 114 UNK A C  1 
ATOM 89   O O  . UNK A 1 18  ? -45.531 -42.846 18.348  1.00 882.77 ? 114 UNK A O  1 
ATOM 90   C CB . UNK A 1 18  ? -48.242 -44.696 18.642  1.00 882.77 ? 114 UNK A CB 1 
ATOM 91   N N  . UNK A 1 19  ? -46.431 -42.868 20.429  1.00 855.71 ? 115 UNK A N  1 
ATOM 92   C CA . UNK A 1 19  ? -45.828 -41.637 20.881  1.00 855.71 ? 115 UNK A CA 1 
ATOM 93   C C  . UNK A 1 19  ? -44.321 -41.667 20.693  1.00 855.71 ? 115 UNK A C  1 
ATOM 94   O O  . UNK A 1 19  ? -43.797 -41.111 19.713  1.00 855.71 ? 115 UNK A O  1 
ATOM 95   C CB . UNK A 1 19  ? -46.173 -41.402 22.347  1.00 855.71 ? 115 UNK A CB 1 
ATOM 96   N N  . UNK A 1 20  ? -43.644 -42.334 21.623  1.00 795.68 ? 116 UNK A N  1 
ATOM 97   C CA . UNK A 1 20  ? -42.190 -42.428 21.628  1.00 795.68 ? 116 UNK A CA 1 
ATOM 98   C C  . UNK A 1 20  ? -41.661 -42.724 20.233  1.00 795.68 ? 116 UNK A C  1 
ATOM 99   O O  . UNK A 1 20  ? -40.605 -42.245 19.822  1.00 795.68 ? 116 UNK A O  1 
ATOM 100  C CB . UNK A 1 20  ? -41.738 -43.511 22.603  1.00 795.68 ? 116 UNK A CB 1 
ATOM 101  N N  . UNK A 1 21  ? -42.447 -43.504 19.502  1.00 818.29 ? 117 UNK A N  1 
ATOM 102  C CA . UNK A 1 21  ? -42.145 -43.860 18.122  1.00 818.29 ? 117 UNK A CA 1 
ATOM 103  C C  . UNK A 1 21  ? -41.909 -42.643 17.228  1.00 818.29 ? 117 UNK A C  1 
ATOM 104  O O  . UNK A 1 21  ? -40.785 -42.360 16.769  1.00 818.29 ? 117 UNK A O  1 
ATOM 105  C CB . UNK A 1 21  ? -43.285 -44.699 17.549  1.00 818.29 ? 117 UNK A CB 1 
ATOM 106  N N  . UNK A 1 22  ? -42.991 -41.926 16.966  1.00 870.27 ? 118 UNK A N  1 
ATOM 107  C CA . UNK A 1 22  ? -42.882 -40.777 16.073  1.00 870.27 ? 118 UNK A CA 1 
ATOM 108  C C  . UNK A 1 22  ? -41.893 -39.770 16.651  1.00 870.27 ? 118 UNK A C  1 
ATOM 109  O O  . UNK A 1 22  ? -41.213 -39.043 15.920  1.00 870.27 ? 118 UNK A O  1 
ATOM 110  C CB . UNK A 1 22  ? -44.241 -40.134 15.849  1.00 870.27 ? 118 UNK A CB 1 
ATOM 111  N N  . UNK A 1 23  ? -41.808 -39.752 17.979  1.00 819.93 ? 119 UNK A N  1 
ATOM 112  C CA . UNK A 1 23  ? -40.866 -38.880 18.664  1.00 819.93 ? 119 UNK A CA 1 
ATOM 113  C C  . UNK A 1 23  ? -39.458 -39.131 18.167  1.00 819.93 ? 119 UNK A C  1 
ATOM 114  O O  . UNK A 1 23  ? -38.743 -38.226 17.746  1.00 819.93 ? 119 UNK A O  1 
ATOM 115  C CB . UNK A 1 23  ? -40.932 -39.101 20.174  1.00 819.93 ? 119 UNK A CB 1 
ATOM 116  N N  . UNK A 1 24  ? -39.065 -40.391 18.212  1.00 823.45 ? 120 UNK A N  1 
ATOM 117  C CA . UNK A 1 24  ? -37.732 -40.770 17.790  1.00 823.45 ? 120 UNK A CA 1 
ATOM 118  C C  . UNK A 1 24  ? -37.555 -40.489 16.313  1.00 823.45 ? 120 UNK A C  1 
ATOM 119  O O  . UNK A 1 24  ? -36.462 -40.114 15.876  1.00 823.45 ? 120 UNK A O  1 
ATOM 120  C CB . UNK A 1 24  ? -37.476 -42.242 18.086  1.00 823.45 ? 120 UNK A CB 1 
ATOM 121  N N  . UNK A 1 25  ? -38.628 -40.698 15.553  1.00 914.78 ? 121 UNK A N  1 
ATOM 122  C CA . UNK A 1 25  ? -38.607 -40.402 14.125  1.00 914.78 ? 121 UNK A CA 1 
ATOM 123  C C  . UNK A 1 25  ? -38.072 -38.989 13.956  1.00 914.78 ? 121 UNK A C  1 
ATOM 124  O O  . UNK A 1 25  ? -37.123 -38.678 13.213  1.00 914.78 ? 121 UNK A O  1 
ATOM 125  C CB . UNK A 1 25  ? -40.004 -40.535 13.513  1.00 914.78 ? 121 UNK A CB 1 
ATOM 126  N N  . UNK A 1 26  ? -38.697 -38.118 14.728  1.00 829.11 ? 122 UNK A N  1 
ATOM 127  C CA . UNK A 1 26  ? -38.339 -36.714 14.734  1.00 829.11 ? 122 UNK A CA 1 
ATOM 128  C C  . UNK A 1 26  ? -36.884 -36.466 15.133  1.00 829.11 ? 122 UNK A C  1 
ATOM 129  O O  . UNK A 1 26  ? -36.161 -35.756 14.433  1.00 829.11 ? 122 UNK A O  1 
ATOM 130  C CB . UNK A 1 26  ? -39.266 -35.958 15.679  1.00 829.11 ? 122 UNK A CB 1 
ATOM 131  N N  . UNK A 1 27  ? -36.470 -37.032 16.263  1.00 761.11 ? 123 UNK A N  1 
ATOM 132  C CA . UNK A 1 27  ? -35.133 -36.798 16.793  1.00 761.11 ? 123 UNK A CA 1 
ATOM 133  C C  . UNK A 1 27  ? -34.079 -37.181 15.772  1.00 761.11 ? 123 UNK A C  1 
ATOM 134  O O  . UNK A 1 27  ? -33.042 -36.531 15.624  1.00 761.11 ? 123 UNK A O  1 
ATOM 135  C CB . UNK A 1 27  ? -34.924 -37.584 18.085  1.00 761.11 ? 123 UNK A CB 1 
ATOM 136  N N  . UNK A 1 28  ? -34.360 -38.254 15.050  1.00 851.18 ? 124 UNK A N  1 
ATOM 137  C CA . UNK A 1 28  ? -33.439 -38.715 14.028  1.00 851.18 ? 124 UNK A CA 1 
ATOM 138  C C  . UNK A 1 28  ? -33.410 -37.723 12.877  1.00 851.18 ? 124 UNK A C  1 
ATOM 139  O O  . UNK A 1 28  ? -32.338 -37.417 12.342  1.00 851.18 ? 124 UNK A O  1 
ATOM 140  C CB . UNK A 1 28  ? -33.836 -40.101 13.531  1.00 851.18 ? 124 UNK A CB 1 
ATOM 141  N N  . UNK A 1 29  ? -34.585 -37.226 12.497  1.00 908.55 ? 125 UNK A N  1 
ATOM 142  C CA . UNK A 1 29  ? -34.648 -36.210 11.450  1.00 908.55 ? 125 UNK A CA 1 
ATOM 143  C C  . UNK A 1 29  ? -33.793 -35.017 11.849  1.00 908.55 ? 125 UNK A C  1 
ATOM 144  O O  . UNK A 1 29  ? -33.184 -34.337 11.027  1.00 908.55 ? 125 UNK A O  1 
ATOM 145  C CB . UNK A 1 29  ? -36.087 -35.771 11.203  1.00 908.55 ? 125 UNK A CB 1 
ATOM 146  N N  . UNK A 1 30  ? -33.761 -34.775 13.149  1.00 840.96 ? 126 UNK A N  1 
ATOM 147  C CA . UNK A 1 30  ? -32.975 -33.684 13.699  1.00 840.96 ? 126 UNK A CA 1 
ATOM 148  C C  . UNK A 1 30  ? -31.488 -33.954 13.515  1.00 840.96 ? 126 UNK A C  1 
ATOM 149  O O  . UNK A 1 30  ? -30.752 -33.144 12.938  1.00 840.96 ? 126 UNK A O  1 
ATOM 150  C CB . UNK A 1 30  ? -33.299 -33.489 15.178  1.00 840.96 ? 126 UNK A CB 1 
ATOM 151  N N  . UNK A 1 31  ? -31.061 -35.111 14.014  1.00 795.60 ? 127 UNK A N  1 
ATOM 152  C CA . UNK A 1 31  ? -29.658 -35.528 13.947  1.00 795.60 ? 127 UNK A CA 1 
ATOM 153  C C  . UNK A 1 31  ? -29.137 -35.482 12.519  1.00 795.60 ? 127 UNK A C  1 
ATOM 154  O O  . UNK A 1 31  ? -27.954 -35.219 12.244  1.00 795.60 ? 127 UNK A O  1 
ATOM 155  C CB . UNK A 1 31  ? -29.494 -36.938 14.505  1.00 795.60 ? 127 UNK A CB 1 
ATOM 156  N N  . UNK A 1 32  ? -30.056 -35.761 11.604  1.00 811.38 ? 128 UNK A N  1 
ATOM 157  C CA . UNK A 1 32  ? -29.787 -35.654 10.186  1.00 811.38 ? 128 UNK A CA 1 
ATOM 158  C C  . UNK A 1 32  ? -29.252 -34.265 9.846   1.00 811.38 ? 128 UNK A C  1 
ATOM 159  O O  . UNK A 1 32  ? -28.072 -34.113 9.496   1.00 811.38 ? 128 UNK A O  1 
ATOM 160  C CB . UNK A 1 32  ? -31.057 -35.947 9.387   1.00 811.38 ? 128 UNK A CB 1 
ATOM 161  N N  . UNK A 1 33  ? -30.116 -33.259 9.970   1.00 803.30 ? 129 UNK A N  1 
ATOM 162  C CA . UNK A 1 33  ? -29.757 -31.878 9.675   1.00 803.30 ? 129 UNK A CA 1 
ATOM 163  C C  . UNK A 1 33  ? -28.533 -31.456 10.472  1.00 803.30 ? 129 UNK A C  1 
ATOM 164  O O  . UNK A 1 33  ? -27.790 -30.576 10.056  1.00 803.30 ? 129 UNK A O  1 
ATOM 165  C CB . UNK A 1 33  ? -30.926 -30.941 9.972   1.00 803.30 ? 129 UNK A CB 1 
ATOM 166  N N  . UNK A 1 34  ? -28.332 -32.092 11.621  1.00 786.90 ? 130 UNK A N  1 
ATOM 167  C CA . UNK A 1 34  ? -27.137 -31.833 12.414  1.00 786.90 ? 130 UNK A CA 1 
ATOM 168  C C  . UNK A 1 34  ? -25.878 -32.199 11.632  1.00 786.90 ? 130 UNK A C  1 
ATOM 169  O O  . UNK A 1 34  ? -25.005 -31.353 11.400  1.00 786.90 ? 130 UNK A O  1 
ATOM 170  C CB . UNK A 1 34  ? -27.184 -32.612 13.728  1.00 786.90 ? 130 UNK A CB 1 
ATOM 171  N N  . UNK A 1 35  ? -25.798 -33.466 11.242  1.00 831.60 ? 131 UNK A N  1 
ATOM 172  C CA . UNK A 1 35  ? -24.665 -33.966 10.468  1.00 831.60 ? 131 UNK A CA 1 
ATOM 173  C C  . UNK A 1 35  ? -24.482 -33.121 9.219   1.00 831.60 ? 131 UNK A C  1 
ATOM 174  O O  . UNK A 1 35  ? -23.373 -32.807 8.773   1.00 831.60 ? 131 UNK A O  1 
ATOM 175  C CB . UNK A 1 35  ? -24.874 -35.429 10.090  1.00 831.60 ? 131 UNK A CB 1 
ATOM 176  N N  . UNK A 1 36  ? -25.625 -32.744 8.667   1.00 808.30 ? 132 UNK A N  1 
ATOM 177  C CA . UNK A 1 36  ? -25.677 -31.883 7.505   1.00 808.30 ? 132 UNK A CA 1 
ATOM 178  C C  . UNK A 1 36  ? -24.913 -30.608 7.758   1.00 808.30 ? 132 UNK A C  1 
ATOM 179  O O  . UNK A 1 36  ? -23.800 -30.429 7.278   1.00 808.30 ? 132 UNK A O  1 
ATOM 180  C CB . UNK A 1 36  ? -27.126 -31.552 7.149   1.00 808.30 ? 132 UNK A CB 1 
ATOM 181  N N  . UNK A 1 37  ? -25.544 -29.728 8.526   1.00 822.69 ? 133 UNK A N  1 
ATOM 182  C CA . UNK A 1 37  ? -25.002 -28.429 8.874   1.00 822.69 ? 133 UNK A CA 1 
ATOM 183  C C  . UNK A 1 37  ? -23.534 -28.529 9.213   1.00 822.69 ? 133 UNK A C  1 
ATOM 184  O O  . UNK A 1 37  ? -22.737 -27.685 8.807   1.00 822.69 ? 133 UNK A O  1 
ATOM 185  C CB . UNK A 1 37  ? -25.772 -27.841 10.049  1.00 822.69 ? 133 UNK A CB 1 
ATOM 186  N N  . UNK A 1 38  ? -23.188 -29.578 9.951   1.00 837.61 ? 134 UNK A N  1 
ATOM 187  C CA . UNK A 1 38  ? -21.805 -29.876 10.241  1.00 837.61 ? 134 UNK A CA 1 
ATOM 188  C C  . UNK A 1 38  ? -21.014 -29.869 8.962   1.00 837.61 ? 134 UNK A C  1 
ATOM 189  O O  . UNK A 1 38  ? -20.143 -29.020 8.757   1.00 837.61 ? 134 UNK A O  1 
ATOM 190  C CB . UNK A 1 38  ? -21.685 -31.232 10.920  1.00 837.61 ? 134 UNK A CB 1 
ATOM 191  N N  . UNK A 1 39  ? -21.347 -30.812 8.096   1.00 843.86 ? 135 UNK A N  1 
ATOM 192  C CA . UNK A 1 39  ? -20.619 -30.994 6.859   1.00 843.86 ? 135 UNK A CA 1 
ATOM 193  C C  . UNK A 1 39  ? -20.590 -29.714 6.015   1.00 843.86 ? 135 UNK A C  1 
ATOM 194  O O  . UNK A 1 39  ? -19.577 -29.384 5.419   1.00 843.86 ? 135 UNK A O  1 
ATOM 195  C CB . UNK A 1 39  ? -21.232 -32.148 6.070   1.00 843.86 ? 135 UNK A CB 1 
ATOM 196  N N  . UNK A 1 40  ? -21.697 -28.990 5.988   1.00 819.21 ? 136 UNK A N  1 
ATOM 197  C CA . UNK A 1 40  ? -21.816 -27.806 5.134   1.00 819.21 ? 136 UNK A CA 1 
ATOM 198  C C  . UNK A 1 40  ? -20.893 -26.685 5.602   1.00 819.21 ? 136 UNK A C  1 
ATOM 199  O O  . UNK A 1 40  ? -20.115 -26.070 4.850   1.00 819.21 ? 136 UNK A O  1 
ATOM 200  C CB . UNK A 1 40  ? -23.260 -27.315 5.112   1.00 819.21 ? 136 UNK A CB 1 
ATOM 201  N N  . UNK A 1 41  ? -20.990 -26.412 6.892   1.00 788.76 ? 137 UNK A N  1 
ATOM 202  C CA . UNK A 1 41  ? -20.138 -25.431 7.520   1.00 788.76 ? 137 UNK A CA 1 
ATOM 203  C C  . UNK A 1 41  ? -18.689 -25.819 7.327   1.00 788.76 ? 137 UNK A C  1 
ATOM 204  O O  . UNK A 1 41  ? -17.825 -24.977 7.138   1.00 788.76 ? 137 UNK A O  1 
ATOM 205  C CB . UNK A 1 41  ? -20.466 -25.330 8.998   1.00 788.76 ? 137 UNK A CB 1 
ATOM 206  N N  . UNK A 1 42  ? -18.428 -27.118 7.358   1.00 737.17 ? 138 UNK A N  1 
ATOM 207  C CA . UNK A 1 42  ? -17.074 -27.622 7.174   1.00 737.17 ? 138 UNK A CA 1 
ATOM 208  C C  . UNK A 1 42  ? -16.582 -27.383 5.755   1.00 737.17 ? 138 UNK A C  1 
ATOM 209  O O  . UNK A 1 42  ? -15.395 -27.143 5.492   1.00 737.17 ? 138 UNK A O  1 
ATOM 210  C CB . UNK A 1 42  ? -17.024 -29.113 7.496   1.00 737.17 ? 138 UNK A CB 1 
ATOM 211  N N  . UNK A 1 43  ? -17.523 -27.504 4.832   1.00 775.14 ? 139 UNK A N  1 
ATOM 212  C CA . UNK A 1 43  ? -17.265 -27.218 3.441   1.00 775.14 ? 139 UNK A CA 1 
ATOM 213  C C  . UNK A 1 43  ? -16.723 -25.816 3.397   1.00 775.14 ? 139 UNK A C  1 
ATOM 214  O O  . UNK A 1 43  ? -15.691 -25.536 2.792   1.00 775.14 ? 139 UNK A O  1 
ATOM 215  C CB . UNK A 1 43  ? -18.535 -27.345 2.604   1.00 775.14 ? 139 UNK A CB 1 
ATOM 216  N N  . UNK A 1 44  ? -17.430 -24.933 4.082   1.00 842.01 ? 140 UNK A N  1 
ATOM 217  C CA . UNK A 1 44  ? -16.966 -23.556 4.185   1.00 842.01 ? 140 UNK A CA 1 
ATOM 218  C C  . UNK A 1 44  ? -15.560 -23.493 4.804   1.00 842.01 ? 140 UNK A C  1 
ATOM 219  O O  . UNK A 1 44  ? -14.658 -22.847 4.279   1.00 842.01 ? 140 UNK A O  1 
ATOM 220  C CB . UNK A 1 44  ? -17.947 -22.717 4.999   1.00 842.01 ? 140 UNK A CB 1 
ATOM 221  N N  . UNK A 1 45  ? -15.369 -24.214 5.899   1.00 837.94 ? 141 UNK A N  1 
ATOM 222  C CA . UNK A 1 45  ? -14.187 -24.048 6.749   1.00 837.94 ? 141 UNK A CA 1 
ATOM 223  C C  . UNK A 1 45  ? -12.858 -24.537 6.162   1.00 837.94 ? 141 UNK A C  1 
ATOM 224  O O  . UNK A 1 45  ? -11.805 -23.919 6.372   1.00 837.94 ? 141 UNK A O  1 
ATOM 225  C CB . UNK A 1 45  ? -14.427 -24.754 8.082   1.00 837.94 ? 141 UNK A CB 1 
ATOM 226  N N  . UNK A 1 46  ? -12.900 -25.665 5.468   1.00 857.67 ? 142 UNK A N  1 
ATOM 227  C CA . UNK A 1 46  ? -11.692 -26.216 4.869   1.00 857.67 ? 142 UNK A CA 1 
ATOM 228  C C  . UNK A 1 46  ? -11.115 -25.166 3.949   1.00 857.67 ? 142 UNK A C  1 
ATOM 229  O O  . UNK A 1 46  ? -9.993  -24.653 4.100   1.00 857.67 ? 142 UNK A O  1 
ATOM 230  C CB . UNK A 1 46  ? -11.998 -27.495 4.097   1.00 857.67 ? 142 UNK A CB 1 
ATOM 231  N N  . UNK A 1 47  ? -11.955 -24.817 2.987   1.00 837.43 ? 143 UNK A N  1 
ATOM 232  C CA . UNK A 1 47  ? -11.652 -23.793 2.007   1.00 837.43 ? 143 UNK A CA 1 
ATOM 233  C C  . UNK A 1 47  ? -11.336 -22.479 2.670   1.00 837.43 ? 143 UNK A C  1 
ATOM 234  O O  . UNK A 1 47  ? -10.652 -21.652 2.098   1.00 837.43 ? 143 UNK A O  1 
ATOM 235  C CB . UNK A 1 47  ? -12.828 -23.603 1.051   1.00 837.43 ? 143 UNK A CB 1 
ATOM 236  N N  . UNK A 1 48  ? -11.849 -22.280 3.872   1.00 777.72 ? 144 UNK A N  1 
ATOM 237  C CA . UNK A 1 48  ? -11.587 -21.044 4.578   1.00 777.72 ? 144 UNK A CA 1 
ATOM 238  C C  . UNK A 1 48  ? -10.136 -20.971 5.019   1.00 777.72 ? 144 UNK A C  1 
ATOM 239  O O  . UNK A 1 48  ? -9.450  -19.968 4.815   1.00 777.72 ? 144 UNK A O  1 
ATOM 240  C CB . UNK A 1 48  ? -12.521 -20.927 5.775   1.00 777.72 ? 144 UNK A CB 1 
ATOM 241  N N  . UNK A 1 49  ? -9.682  -22.046 5.640   1.00 793.69 ? 145 UNK A N  1 
ATOM 242  C CA . UNK A 1 49  ? -8.284  -22.149 6.016   1.00 793.69 ? 145 UNK A CA 1 
ATOM 243  C C  . UNK A 1 49  ? -7.450  -21.906 4.766   1.00 793.69 ? 145 UNK A C  1 
ATOM 244  O O  . UNK A 1 49  ? -6.462  -21.145 4.731   1.00 793.69 ? 145 UNK A O  1 
ATOM 245  C CB . UNK A 1 49  ? -7.992  -23.516 6.615   1.00 793.69 ? 145 UNK A CB 1 
ATOM 246  N N  . UNK A 1 50  ? -7.909  -22.559 3.706   1.00 832.92 ? 146 UNK A N  1 
ATOM 247  C CA . UNK A 1 50  ? -7.267  -22.469 2.404   1.00 832.92 ? 146 UNK A CA 1 
ATOM 248  C C  . UNK A 1 50  ? -7.109  -21.036 1.910   1.00 832.92 ? 146 UNK A C  1 
ATOM 249  O O  . UNK A 1 50  ? -6.040  -20.584 1.490   1.00 832.92 ? 146 UNK A O  1 
ATOM 250  C CB . UNK A 1 50  ? -8.073  -23.269 1.382   1.00 832.92 ? 146 UNK A CB 1 
ATOM 251  N N  . UNK A 1 51  ? -8.217  -20.321 1.941   1.00 780.15 ? 147 UNK A N  1 
ATOM 252  C CA . UNK A 1 51  ? -8.267  -18.984 1.417   1.00 780.15 ? 147 UNK A CA 1 
ATOM 253  C C  . UNK A 1 51  ? -7.403  -18.098 2.286   1.00 780.15 ? 147 UNK A C  1 
ATOM 254  O O  . UNK A 1 51  ? -6.781  -17.183 1.774   1.00 780.15 ? 147 UNK A O  1 
ATOM 255  C CB . UNK A 1 51  ? -9.706  -18.479 1.368   1.00 780.15 ? 147 UNK A CB 1 
ATOM 256  N N  . UNK A 1 52  ? -7.362  -18.371 3.584   1.00 705.84 ? 148 UNK A N  1 
ATOM 257  C CA . UNK A 1 52  ? -6.518  -17.603 4.491   1.00 705.84 ? 148 UNK A CA 1 
ATOM 258  C C  . UNK A 1 52  ? -5.091  -17.680 3.995   1.00 705.84 ? 148 UNK A C  1 
ATOM 259  O O  . UNK A 1 52  ? -4.343  -16.682 3.890   1.00 705.84 ? 148 UNK A O  1 
ATOM 260  C CB . UNK A 1 52  ? -6.621  -18.141 5.912   1.00 705.84 ? 148 UNK A CB 1 
ATOM 261  N N  . UNK A 1 53  ? -4.724  -18.914 3.680   1.00 780.25 ? 149 UNK A N  1 
ATOM 262  C CA . UNK A 1 53  ? -3.424  -19.167 3.090   1.00 780.25 ? 149 UNK A CA 1 
ATOM 263  C C  . UNK A 1 53  ? -3.225  -18.270 1.875   1.00 780.25 ? 149 UNK A C  1 
ATOM 264  O O  . UNK A 1 53  ? -2.398  -17.344 1.901   1.00 780.25 ? 149 UNK A O  1 
ATOM 265  C CB . UNK A 1 53  ? -3.281  -20.636 2.697   1.00 780.25 ? 149 UNK A CB 1 
ATOM 266  N N  . UNK A 1 54  ? -4.028  -18.529 0.849   1.00 804.80 ? 150 UNK A N  1 
ATOM 267  C CA . UNK A 1 54  ? -3.934  -17.842 -0.446  1.00 804.80 ? 150 UNK A CA 1 
ATOM 268  C C  . UNK A 1 54  ? -3.777  -16.340 -0.300  1.00 804.80 ? 150 UNK A C  1 
ATOM 269  O O  . UNK A 1 54  ? -3.031  -15.636 -1.008  1.00 804.80 ? 150 UNK A O  1 
ATOM 270  C CB . UNK A 1 54  ? -5.176  -18.135 -1.282  1.00 804.80 ? 150 UNK A CB 1 
ATOM 271  N N  . UNK A 1 55  ? -4.532  -15.855 0.671   1.00 702.27 ? 151 UNK A N  1 
ATOM 272  C CA . UNK A 1 55  ? -4.547  -14.467 1.034   1.00 702.27 ? 151 UNK A CA 1 
ATOM 273  C C  . UNK A 1 55  ? -3.150  -14.036 1.374   1.00 702.27 ? 151 UNK A C  1 
ATOM 274  O O  . UNK A 1 55  ? -2.511  -13.310 0.601   1.00 702.27 ? 151 UNK A O  1 
ATOM 275  C CB . UNK A 1 55  ? -5.478  -14.243 2.225   1.00 702.27 ? 151 UNK A CB 1 
ATOM 276  N N  . UNK A 1 56  ? -2.681  -14.522 2.518   1.00 717.78 ? 152 UNK A N  1 
ATOM 277  C CA . UNK A 1 56  ? -1.388  -14.097 3.045   1.00 717.78 ? 152 UNK A CA 1 
ATOM 278  C C  . UNK A 1 56  ? -0.321  -14.168 1.958   1.00 717.78 ? 152 UNK A C  1 
ATOM 279  O O  . UNK A 1 56  ? 0.597   -13.333 1.851   1.00 717.78 ? 152 UNK A O  1 
ATOM 280  C CB . UNK A 1 56  ? -0.995  -14.964 4.236   1.00 717.78 ? 152 UNK A CB 1 
ATOM 281  N N  . UNK A 1 57  ? -0.480  -15.200 1.134   1.00 779.32 ? 153 UNK A N  1 
ATOM 282  C CA . UNK A 1 57  ? 0.395   -15.431 -0.001  1.00 779.32 ? 153 UNK A CA 1 
ATOM 283  C C  . UNK A 1 57  ? 0.494   -14.199 -0.867  1.00 779.32 ? 153 UNK A C  1 
ATOM 284  O O  . UNK A 1 57  ? 1.525   -13.508 -0.929  1.00 779.32 ? 153 UNK A O  1 
ATOM 285  C CB . UNK A 1 57  ? -0.122  -16.603 -0.833  1.00 779.32 ? 153 UNK A CB 1 
ATOM 286  N N  . UNK A 1 58  ? -0.612  -13.926 -1.539  1.00 771.85 ? 154 UNK A N  1 
ATOM 287  C CA . UNK A 1 58  ? -0.658  -12.802 -2.456  1.00 771.85 ? 154 UNK A CA 1 
ATOM 288  C C  . UNK A 1 58  ? -0.225  -11.503 -1.758  1.00 771.85 ? 154 UNK A C  1 
ATOM 289  O O  . UNK A 1 58  ? 0.365   -10.610 -2.384  1.00 771.85 ? 154 UNK A O  1 
ATOM 290  C CB . UNK A 1 58  ? -2.060  -12.663 -3.040  1.00 771.85 ? 154 UNK A CB 1 
ATOM 291  N N  . UNK A 1 59  ? -0.517  -11.415 -0.462  1.00 741.16 ? 155 UNK A N  1 
ATOM 292  C CA . UNK A 1 59  ? -0.178  -10.229 0.326   1.00 741.16 ? 155 UNK A CA 1 
ATOM 293  C C  . UNK A 1 59  ? 1.311   -9.957  0.263   1.00 741.16 ? 155 UNK A C  1 
ATOM 294  O O  . UNK A 1 59  ? 1.794   -8.875  -0.143  1.00 741.16 ? 155 UNK A O  1 
ATOM 295  C CB . UNK A 1 59  ? -0.609  -10.410 1.781   1.00 741.16 ? 155 UNK A CB 1 
ATOM 296  N N  . UNK A 1 60  ? 2.033   -10.977 0.705   1.00 771.71 ? 156 UNK A N  1 
ATOM 297  C CA . UNK A 1 60  ? 3.477   -10.962 0.644   1.00 771.71 ? 156 UNK A CA 1 
ATOM 298  C C  . UNK A 1 60  ? 3.915   -10.595 -0.769  1.00 771.71 ? 156 UNK A C  1 
ATOM 299  O O  . UNK A 1 60  ? 4.785   -9.733  -0.960  1.00 771.71 ? 156 UNK A O  1 
ATOM 300  C CB . UNK A 1 60  ? 4.039   -12.320 1.056   1.00 771.71 ? 156 UNK A CB 1 
ATOM 301  N N  . UNK A 1 61  ? 3.286   -11.242 -1.748  1.00 796.57 ? 157 UNK A N  1 
ATOM 302  C CA . UNK A 1 61  ? 3.671   -11.082 -3.154  1.00 796.57 ? 157 UNK A CA 1 
ATOM 303  C C  . UNK A 1 61  ? 3.691   -9.627  -3.598  1.00 796.57 ? 157 UNK A C  1 
ATOM 304  O O  . UNK A 1 61  ? 4.642   -9.120  -4.187  1.00 796.57 ? 157 UNK A O  1 
ATOM 305  C CB . UNK A 1 61  ? 2.725   -11.872 -4.057  1.00 796.57 ? 157 UNK A CB 1 
ATOM 306  N N  . UNK A 1 62  ? 2.603   -8.944  -3.298  1.00 715.91 ? 158 UNK A N  1 
ATOM 307  C CA . UNK A 1 62  ? 2.464   -7.562  -3.729  1.00 715.91 ? 158 UNK A CA 1 
ATOM 308  C C  . UNK A 1 62  ? 3.426   -6.652  -2.977  1.00 715.91 ? 158 UNK A C  1 
ATOM 309  O O  . UNK A 1 62  ? 4.097   -5.772  -3.576  1.00 715.91 ? 158 UNK A O  1 
ATOM 310  C CB . UNK A 1 62  ? 1.029   -7.088  -3.530  1.00 715.91 ? 158 UNK A CB 1 
ATOM 311  N N  . UNK A 1 63  ? 3.472   -6.844  -1.657  1.00 636.98 ? 159 UNK A N  1 
ATOM 312  C CA . UNK A 1 63  ? 4.299   -5.993  -0.808  1.00 636.98 ? 159 UNK A CA 1 
ATOM 313  C C  . UNK A 1 63  ? 5.710   -6.008  -1.364  1.00 636.98 ? 159 UNK A C  1 
ATOM 314  O O  . UNK A 1 63  ? 6.435   -4.986  -1.454  1.00 636.98 ? 159 UNK A O  1 
ATOM 315  C CB . UNK A 1 63  ? 4.279   -6.480  0.639   1.00 636.98 ? 159 UNK A CB 1 
ATOM 316  N N  . UNK A 1 64  ? 6.087   -7.215  -1.759  1.00 723.63 ? 160 UNK A N  1 
ATOM 317  C CA . UNK A 1 64  ? 7.340   -7.429  -2.435  1.00 723.63 ? 160 UNK A CA 1 
ATOM 318  C C  . UNK A 1 64  ? 7.368   -6.648  -3.739  1.00 723.63 ? 160 UNK A C  1 
ATOM 319  O O  . UNK A 1 64  ? 8.299   -5.879  -3.967  1.00 723.63 ? 160 UNK A O  1 
ATOM 320  C CB . UNK A 1 64  ? 7.549   -8.915  -2.697  1.00 723.63 ? 160 UNK A CB 1 
ATOM 321  N N  . UNK A 1 65  ? 6.345   -6.822  -4.572  1.00 795.29 ? 161 UNK A N  1 
ATOM 322  C CA . UNK A 1 65  ? 6.325   -6.201  -5.891  1.00 795.29 ? 161 UNK A CA 1 
ATOM 323  C C  . UNK A 1 65  ? 6.592   -4.694  -5.838  1.00 795.29 ? 161 UNK A C  1 
ATOM 324  O O  . UNK A 1 65  ? 6.937   -4.088  -6.852  1.00 795.29 ? 161 UNK A O  1 
ATOM 325  C CB . UNK A 1 65  ? 4.986   -6.470  -6.574  1.00 795.29 ? 161 UNK A CB 1 
ATOM 326  N N  . UNK A 1 66  ? 6.439   -4.103  -4.654  1.00 625.20 ? 162 UNK A N  1 
ATOM 327  C CA . UNK A 1 66  ? 6.588   -2.633  -4.539  1.00 625.20 ? 162 UNK A CA 1 
ATOM 328  C C  . UNK A 1 66  ? 7.673   -1.977  -3.625  1.00 625.20 ? 162 UNK A C  1 
ATOM 329  O O  . UNK A 1 66  ? 8.102   -0.832  -3.894  1.00 625.20 ? 162 UNK A O  1 
ATOM 330  C CB . UNK A 1 66  ? 5.241   -2.054  -4.111  1.00 625.20 ? 162 UNK A CB 1 
ATOM 331  N N  . UNK A 1 67  ? 8.089   -2.642  -2.549  1.00 688.07 ? 163 UNK A N  1 
ATOM 332  C CA . UNK A 1 67  ? 8.921   -1.954  -1.533  1.00 688.07 ? 163 UNK A CA 1 
ATOM 333  C C  . UNK A 1 67  ? 10.249  -1.264  -1.960  1.00 688.07 ? 163 UNK A C  1 
ATOM 334  O O  . UNK A 1 67  ? 10.433  -0.044  -1.852  1.00 688.07 ? 163 UNK A O  1 
ATOM 335  C CB . UNK A 1 67  ? 9.251   -2.946  -0.421  1.00 688.07 ? 163 UNK A CB 1 
ATOM 336  N N  . UNK A 1 68  ? 11.220  -2.045  -2.410  1.00 759.87 ? 164 UNK A N  1 
ATOM 337  C CA . UNK A 1 68  ? 12.507  -1.447  -2.743  1.00 759.87 ? 164 UNK A CA 1 
ATOM 338  C C  . UNK A 1 68  ? 12.344  -0.564  -3.965  1.00 759.87 ? 164 UNK A C  1 
ATOM 339  O O  . UNK A 1 68  ? 13.183  0.278   -4.257  1.00 759.87 ? 164 UNK A O  1 
ATOM 340  C CB . UNK A 1 68  ? 13.572  -2.509  -2.989  1.00 759.87 ? 164 UNK A CB 1 
ATOM 341  N N  . UNK A 1 69  ? 11.249  -0.765  -4.686  1.00 745.94 ? 165 UNK A N  1 
ATOM 342  C CA . UNK A 1 69  ? 10.899  0.137   -5.760  1.00 745.94 ? 165 UNK A CA 1 
ATOM 343  C C  . UNK A 1 69  ? 10.699  1.498   -5.120  1.00 745.94 ? 165 UNK A C  1 
ATOM 344  O O  . UNK A 1 69  ? 11.133  2.527   -5.637  1.00 745.94 ? 165 UNK A O  1 
ATOM 345  C CB . UNK A 1 69  ? 9.643   -0.332  -6.497  1.00 745.94 ? 165 UNK A CB 1 
ATOM 346  N N  . UNK A 1 70  ? 10.042  1.496   -3.968  1.00 808.28 ? 166 UNK A N  1 
ATOM 347  C CA . UNK A 1 70  ? 9.898   2.747   -3.220  1.00 808.28 ? 166 UNK A CA 1 
ATOM 348  C C  . UNK A 1 70  ? 11.278  3.292   -2.804  1.00 808.28 ? 166 UNK A C  1 
ATOM 349  O O  . UNK A 1 70  ? 11.548  4.514   -2.792  1.00 808.28 ? 166 UNK A O  1 
ATOM 350  C CB . UNK A 1 70  ? 9.007   2.550   -1.992  1.00 808.28 ? 166 UNK A CB 1 
ATOM 351  N N  . UNK A 1 71  ? 12.150  2.358   -2.444  1.00 791.04 ? 167 UNK A N  1 
ATOM 352  C CA . UNK A 1 71  ? 13.528  2.721   -2.072  1.00 791.04 ? 167 UNK A CA 1 
ATOM 353  C C  . UNK A 1 71  ? 14.163  3.550   -3.199  1.00 791.04 ? 167 UNK A C  1 
ATOM 354  O O  . UNK A 1 71  ? 14.748  4.629   -3.033  1.00 791.04 ? 167 UNK A O  1 
ATOM 355  C CB . UNK A 1 71  ? 14.373  1.480   -1.785  1.00 791.04 ? 167 UNK A CB 1 
ATOM 356  N N  . UNK A 1 72  ? 13.990  3.008   -4.392  1.00 803.10 ? 168 UNK A N  1 
ATOM 357  C CA . UNK A 1 72  ? 14.485  3.605   -5.623  1.00 803.10 ? 168 UNK A CA 1 
ATOM 358  C C  . UNK A 1 72  ? 13.833  4.939   -5.936  1.00 803.10 ? 168 UNK A C  1 
ATOM 359  O O  . UNK A 1 72  ? 14.428  5.826   -6.553  1.00 803.10 ? 168 UNK A O  1 
ATOM 360  C CB . UNK A 1 72  ? 14.244  2.650   -6.787  1.00 803.10 ? 168 UNK A CB 1 
ATOM 361  N N  . UNK A 1 73  ? 12.569  5.040   -5.561  1.00 823.11 ? 169 UNK A N  1 
ATOM 362  C CA . UNK A 1 73  ? 11.865  6.298   -5.680  1.00 823.11 ? 169 UNK A CA 1 
ATOM 363  C C  . UNK A 1 73  ? 12.714  7.325   -4.970  1.00 823.11 ? 169 UNK A C  1 
ATOM 364  O O  . UNK A 1 73  ? 13.290  8.216   -5.603  1.00 823.11 ? 169 UNK A O  1 
ATOM 365  C CB . UNK A 1 73  ? 10.474  6.222   -5.058  1.00 823.11 ? 169 UNK A CB 1 
ATOM 366  N N  . UNK A 1 74  ? 12.828  7.127   -3.661  1.00 801.41 ? 170 UNK A N  1 
ATOM 367  C CA . UNK A 1 74  ? 13.573  8.044   -2.799  1.00 801.41 ? 170 UNK A CA 1 
ATOM 368  C C  . UNK A 1 74  ? 14.918  8.372   -3.417  1.00 801.41 ? 170 UNK A C  1 
ATOM 369  O O  . UNK A 1 74  ? 15.403  9.507   -3.414  1.00 801.41 ? 170 UNK A O  1 
ATOM 370  C CB . UNK A 1 74  ? 13.772  7.435   -1.415  1.00 801.41 ? 170 UNK A CB 1 
ATOM 371  N N  . UNK A 1 75  ? 15.517  7.337   -3.977  1.00 775.05 ? 171 UNK A N  1 
ATOM 372  C CA . UNK A 1 75  ? 16.798  7.482   -4.642  1.00 775.05 ? 171 UNK A CA 1 
ATOM 373  C C  . UNK A 1 75  ? 16.785  8.521   -5.764  1.00 775.05 ? 171 UNK A C  1 
ATOM 374  O O  . UNK A 1 75  ? 17.478  9.534   -5.717  1.00 775.05 ? 171 UNK A O  1 
ATOM 375  C CB . UNK A 1 75  ? 17.233  6.131   -5.194  1.00 775.05 ? 171 UNK A CB 1 
ATOM 376  N N  . UNK A 1 76  ? 15.989  8.256   -6.786  1.00 861.25 ? 172 UNK A N  1 
ATOM 377  C CA . UNK A 1 76  ? 15.962  9.126   -7.955  1.00 861.25 ? 172 UNK A CA 1 
ATOM 378  C C  . UNK A 1 76  ? 15.553  10.523  -7.521  1.00 861.25 ? 172 UNK A C  1 
ATOM 379  O O  . UNK A 1 76  ? 15.859  11.539  -8.154  1.00 861.25 ? 172 UNK A O  1 
ATOM 380  C CB . UNK A 1 76  ? 15.009  8.580   -9.010  1.00 861.25 ? 172 UNK A CB 1 
ATOM 381  N N  . UNK A 1 77  ? 14.862  10.562  -6.392  1.00 880.69 ? 173 UNK A N  1 
ATOM 382  C CA . UNK A 1 77  ? 14.480  11.826  -5.804  1.00 880.69 ? 173 UNK A CA 1 
ATOM 383  C C  . UNK A 1 77  ? 15.742  12.560  -5.409  1.00 880.69 ? 173 UNK A C  1 
ATOM 384  O O  . UNK A 1 77  ? 15.943  13.735  -5.708  1.00 880.69 ? 173 UNK A O  1 
ATOM 385  C CB . UNK A 1 77  ? 13.573  11.612  -4.597  1.00 880.69 ? 173 UNK A CB 1 
ATOM 386  N N  . UNK A 1 78  ? 16.607  11.833  -4.727  1.00 832.01 ? 174 UNK A N  1 
ATOM 387  C CA . UNK A 1 78  ? 17.880  12.394  -4.308  1.00 832.01 ? 174 UNK A CA 1 
ATOM 388  C C  . UNK A 1 78  ? 18.656  12.879  -5.524  1.00 832.01 ? 174 UNK A C  1 
ATOM 389  O O  . UNK A 1 78  ? 19.451  13.839  -5.503  1.00 832.01 ? 174 UNK A O  1 
ATOM 390  C CB . UNK A 1 78  ? 18.689  11.355  -3.543  1.00 832.01 ? 174 UNK A CB 1 
ATOM 391  N N  . UNK A 1 79  ? 18.427  12.149  -6.602  1.00 847.85 ? 175 UNK A N  1 
ATOM 392  C CA . UNK A 1 79  ? 19.104  12.422  -7.854  1.00 847.85 ? 175 UNK A CA 1 
ATOM 393  C C  . UNK A 1 79  ? 18.722  13.820  -8.302  1.00 847.85 ? 175 UNK A C  1 
ATOM 394  O O  . UNK A 1 79  ? 19.563  14.707  -8.532  1.00 847.85 ? 175 UNK A O  1 
ATOM 395  C CB . UNK A 1 79  ? 18.733  11.379  -8.898  1.00 847.85 ? 175 UNK A CB 1 
ATOM 396  N N  . UNK A 1 80  ? 17.419  14.010  -8.388  1.00 924.32 ? 176 UNK A N  1 
ATOM 397  C CA . UNK A 1 80  ? 16.863  15.330  -8.608  1.00 924.32 ? 176 UNK A CA 1 
ATOM 398  C C  . UNK A 1 80  ? 17.519  16.358  -7.717  1.00 924.32 ? 176 UNK A C  1 
ATOM 399  O O  . UNK A 1 80  ? 17.906  17.427  -8.161  1.00 924.32 ? 176 UNK A O  1 
ATOM 400  C CB . UNK A 1 80  ? 15.372  15.313  -8.341  1.00 924.32 ? 176 UNK A CB 1 
ATOM 401  N N  . UNK A 1 81  ? 17.625  16.013  -6.444  1.00 938.76 ? 177 UNK A N  1 
ATOM 402  C CA . UNK A 1 81  ? 18.078  16.966  -5.437  1.00 938.76 ? 177 UNK A CA 1 
ATOM 403  C C  . UNK A 1 81  ? 19.448  17.540  -5.757  1.00 938.76 ? 177 UNK A C  1 
ATOM 404  O O  . UNK A 1 81  ? 19.600  18.741  -6.004  1.00 938.76 ? 177 UNK A O  1 
ATOM 405  C CB . UNK A 1 81  ? 18.108  16.305  -4.059  1.00 938.76 ? 177 UNK A CB 1 
ATOM 406  N N  . UNK A 1 82  ? 20.451  16.671  -5.759  1.00 946.27 ? 178 UNK A N  1 
ATOM 407  C CA . UNK A 1 82  ? 21.813  17.151  -5.996  1.00 946.27 ? 178 UNK A CA 1 
ATOM 408  C C  . UNK A 1 82  ? 21.905  17.735  -7.407  1.00 946.27 ? 178 UNK A C  1 
ATOM 409  O O  . UNK A 1 82  ? 22.751  18.583  -7.667  1.00 946.27 ? 178 UNK A O  1 
ATOM 410  C CB . UNK A 1 82  ? 22.857  16.045  -5.783  1.00 946.27 ? 178 UNK A CB 1 
ATOM 411  N N  . UNK A 1 83  ? 21.017  17.325  -8.309  1.00 939.67 ? 179 UNK A N  1 
ATOM 412  C CA . UNK A 1 83  ? 21.051  17.875  -9.656  1.00 939.67 ? 179 UNK A CA 1 
ATOM 413  C C  . UNK A 1 83  ? 20.654  19.337  -9.626  1.00 939.67 ? 179 UNK A C  1 
ATOM 414  O O  . UNK A 1 83  ? 21.234  20.209  -10.269 1.00 939.67 ? 179 UNK A O  1 
ATOM 415  C CB . UNK A 1 83  ? 20.124  17.077  -10.563 1.00 939.67 ? 179 UNK A CB 1 
ATOM 416  N N  . UNK A 1 84  ? 19.629  19.587  -8.836  1.00 969.98 ? 180 UNK A N  1 
ATOM 417  C CA . UNK A 1 84  ? 19.142  20.926  -8.626  1.00 969.98 ? 180 UNK A CA 1 
ATOM 418  C C  . UNK A 1 84  ? 20.249  21.716  -7.993  1.00 969.98 ? 180 UNK A C  1 
ATOM 419  O O  . UNK A 1 84  ? 20.452  22.893  -8.269  1.00 969.98 ? 180 UNK A O  1 
ATOM 420  C CB . UNK A 1 84  ? 17.915  20.919  -7.727  1.00 969.98 ? 180 UNK A CB 1 
ATOM 421  N N  . UNK A 1 85  ? 20.955  21.035  -7.109  1.00 964.66 ? 181 UNK A N  1 
ATOM 422  C CA . UNK A 1 85  ? 22.064  21.637  -6.410  1.00 964.66 ? 181 UNK A CA 1 
ATOM 423  C C  . UNK A 1 85  ? 23.035  22.151  -7.442  1.00 964.66 ? 181 UNK A C  1 
ATOM 424  O O  . UNK A 1 85  ? 23.506  23.279  -7.380  1.00 964.66 ? 181 UNK A O  1 
ATOM 425  C CB . UNK A 1 85  ? 22.749  20.633  -5.485  1.00 964.66 ? 181 UNK A CB 1 
ATOM 426  N N  . UNK A 1 86  ? 23.316  21.293  -8.404  1.00 964.66 ? 182 UNK A N  1 
ATOM 427  C CA . UNK A 1 86  ? 24.300  21.586  -9.424  1.00 964.66 ? 182 UNK A CA 1 
ATOM 428  C C  . UNK A 1 86  ? 23.868  22.794  -10.226 1.00 964.66 ? 182 UNK A C  1 
ATOM 429  O O  . UNK A 1 86  ? 24.643  23.727  -10.508 1.00 964.66 ? 182 UNK A O  1 
ATOM 430  C CB . UNK A 1 86  ? 24.482  20.381  -10.332 1.00 964.66 ? 182 UNK A CB 1 
ATOM 431  N N  . UNK A 1 87  ? 22.601  22.743  -10.607 1.00 937.63 ? 183 UNK A N  1 
ATOM 432  C CA . UNK A 1 87  ? 21.970  23.837  -11.309 1.00 937.63 ? 183 UNK A CA 1 
ATOM 433  C C  . UNK A 1 87  ? 22.290  25.117  -10.599 1.00 937.63 ? 183 UNK A C  1 
ATOM 434  O O  . UNK A 1 87  ? 22.979  25.983  -11.123 1.00 937.63 ? 183 UNK A O  1 
ATOM 435  C CB . UNK A 1 87  ? 20.460  23.621  -11.383 1.00 937.63 ? 183 UNK A CB 1 
ATOM 436  N N  . UNK A 1 88  ? 21.810  25.186  -9.372  1.00 840.36 ? 184 UNK A N  1 
ATOM 437  C CA . UNK A 1 88  ? 21.891  26.379  -8.563  1.00 840.36 ? 184 UNK A CA 1 
ATOM 438  C C  . UNK A 1 88  ? 23.310  26.868  -8.428  1.00 840.36 ? 184 UNK A C  1 
ATOM 439  O O  . UNK A 1 88  ? 23.586  28.051  -8.517  1.00 840.36 ? 184 UNK A O  1 
ATOM 440  C CB . UNK A 1 88  ? 21.315  26.106  -7.179  1.00 840.36 ? 184 UNK A CB 1 
ATOM 441  N N  . UNK A 1 89  ? 24.206  25.926  -8.202  1.00 893.65 ? 185 UNK A N  1 
ATOM 442  C CA . UNK A 1 89  ? 25.574  26.252  -7.889  1.00 893.65 ? 185 UNK A CA 1 
ATOM 443  C C  . UNK A 1 89  ? 26.203  26.959  -9.057  1.00 893.65 ? 185 UNK A C  1 
ATOM 444  O O  . UNK A 1 89  ? 26.741  28.079  -8.948  1.00 893.65 ? 185 UNK A O  1 
ATOM 445  C CB . UNK A 1 89  ? 26.353  24.983  -7.557  1.00 893.65 ? 185 UNK A CB 1 
ATOM 446  N N  . UNK A 1 90  ? 26.149  26.271  -10.188 1.00 858.46 ? 186 UNK A N  1 
ATOM 447  C CA . UNK A 1 90  ? 26.787  26.788  -11.367 1.00 858.46 ? 186 UNK A CA 1 
ATOM 448  C C  . UNK A 1 90  ? 26.106  28.096  -11.690 1.00 858.46 ? 186 UNK A C  1 
ATOM 449  O O  . UNK A 1 90  ? 26.768  29.036  -12.090 1.00 858.46 ? 186 UNK A O  1 
ATOM 450  C CB . UNK A 1 90  ? 26.708  25.799  -12.523 1.00 858.46 ? 186 UNK A CB 1 
ATOM 451  N N  . UNK A 1 91  ? 24.804  28.176  -11.449 1.00 802.28 ? 187 UNK A N  1 
ATOM 452  C CA . UNK A 1 91  ? 24.048  29.387  -11.717 1.00 802.28 ? 187 UNK A CA 1 
ATOM 453  C C  . UNK A 1 91  ? 24.558  30.566  -10.906 1.00 802.28 ? 187 UNK A C  1 
ATOM 454  O O  . UNK A 1 91  ? 24.637  31.713  -11.353 1.00 802.28 ? 187 UNK A O  1 
ATOM 455  C CB . UNK A 1 91  ? 22.575  29.147  -11.410 1.00 802.28 ? 187 UNK A CB 1 
ATOM 456  N N  . UNK A 1 92  ? 24.900  30.260  -9.671  1.00 818.71 ? 188 UNK A N  1 
ATOM 457  C CA . UNK A 1 92  ? 25.331  31.273  -8.742  1.00 818.71 ? 188 UNK A CA 1 
ATOM 458  C C  . UNK A 1 92  ? 26.638  31.857  -9.226  1.00 818.71 ? 188 UNK A C  1 
ATOM 459  O O  . UNK A 1 92  ? 26.807  33.075  -9.441  1.00 818.71 ? 188 UNK A O  1 
ATOM 460  C CB . UNK A 1 92  ? 25.492  30.670  -7.354  1.00 818.71 ? 188 UNK A CB 1 
ATOM 461  N N  . UNK A 1 93  ? 27.572  30.936  -9.401  1.00 872.45 ? 189 UNK A N  1 
ATOM 462  C CA . UNK A 1 93  ? 28.910  31.298  -9.826  1.00 872.45 ? 189 UNK A CA 1 
ATOM 463  C C  . UNK A 1 93  ? 28.813  32.078  -11.122 1.00 872.45 ? 189 UNK A C  1 
ATOM 464  O O  . UNK A 1 93  ? 29.579  33.004  -11.394 1.00 872.45 ? 189 UNK A O  1 
ATOM 465  C CB . UNK A 1 93  ? 29.765  30.051  -10.005 1.00 872.45 ? 189 UNK A CB 1 
ATOM 466  N N  . UNK A 1 94  ? 27.834  31.685  -11.924 1.00 820.26 ? 190 UNK A N  1 
ATOM 467  C CA . UNK A 1 94  ? 27.558  32.349  -13.171 1.00 820.26 ? 190 UNK A CA 1 
ATOM 468  C C  . UNK A 1 94  ? 27.288  33.785  -12.873 1.00 820.26 ? 190 UNK A C  1 
ATOM 469  O O  . UNK A 1 94  ? 28.142  34.602  -13.116 1.00 820.26 ? 190 UNK A O  1 
ATOM 470  C CB . UNK A 1 94  ? 26.364  31.717  -13.876 1.00 820.26 ? 190 UNK A CB 1 
ATOM 471  N N  . UNK A 1 95  ? 26.116  34.051  -12.314 1.00 845.43 ? 191 UNK A N  1 
ATOM 472  C CA . UNK A 1 95  ? 25.706  35.395  -11.940 1.00 845.43 ? 191 UNK A CA 1 
ATOM 473  C C  . UNK A 1 95  ? 26.909  36.223  -11.562 1.00 845.43 ? 191 UNK A C  1 
ATOM 474  O O  . UNK A 1 95  ? 27.121  37.325  -12.065 1.00 845.43 ? 191 UNK A O  1 
ATOM 475  C CB . UNK A 1 95  ? 24.723  35.341  -10.780 1.00 845.43 ? 191 UNK A CB 1 
ATOM 476  N N  . UNK A 1 96  ? 27.728  35.631  -10.703 1.00 886.27 ? 192 UNK A N  1 
ATOM 477  C CA . UNK A 1 96  ? 28.977  36.249  -10.298 1.00 886.27 ? 192 UNK A CA 1 
ATOM 478  C C  . UNK A 1 96  ? 29.804  36.690  -11.495 1.00 886.27 ? 192 UNK A C  1 
ATOM 479  O O  . UNK A 1 96  ? 30.103  37.871  -11.704 1.00 886.27 ? 192 UNK A O  1 
ATOM 480  C CB . UNK A 1 96  ? 29.787  35.279  -9.448  1.00 886.27 ? 192 UNK A CB 1 
ATOM 481  N N  . UNK A 1 97  ? 30.179  35.708  -12.290 1.00 907.40 ? 193 UNK A N  1 
ATOM 482  C CA . UNK A 1 97  ? 31.080  35.954  -13.396 1.00 907.40 ? 193 UNK A CA 1 
ATOM 483  C C  . UNK A 1 97  ? 30.440  36.885  -14.398 1.00 907.40 ? 193 UNK A C  1 
ATOM 484  O O  . UNK A 1 97  ? 31.081  37.737  -15.009 1.00 907.40 ? 193 UNK A O  1 
ATOM 485  C CB . UNK A 1 97  ? 31.454  34.645  -14.071 1.00 907.40 ? 193 UNK A CB 1 
ATOM 486  N N  . UNK A 1 98  ? 29.147  36.664  -14.562 1.00 867.48 ? 194 UNK A N  1 
ATOM 487  C CA . UNK A 1 98  ? 28.295  37.378  -15.479 1.00 867.48 ? 194 UNK A CA 1 
ATOM 488  C C  . UNK A 1 98  ? 28.498  38.834  -15.217 1.00 867.48 ? 194 UNK A C  1 
ATOM 489  O O  . UNK A 1 98  ? 28.771  39.645  -16.103 1.00 867.48 ? 194 UNK A O  1 
ATOM 490  C CB . UNK A 1 98  ? 26.834  36.993  -15.269 1.00 867.48 ? 194 UNK A CB 1 
ATOM 491  N N  . UNK A 1 99  ? 28.376  39.149  -13.944 1.00 835.87 ? 195 UNK A N  1 
ATOM 492  C CA . UNK A 1 99  ? 28.641  40.482  -13.478 1.00 835.87 ? 195 UNK A CA 1 
ATOM 493  C C  . UNK A 1 99  ? 30.041  40.897  -13.885 1.00 835.87 ? 195 UNK A C  1 
ATOM 494  O O  . UNK A 1 99  ? 30.229  41.747  -14.769 1.00 835.87 ? 195 UNK A O  1 
ATOM 495  C CB . UNK A 1 99  ? 28.487  40.540  -11.963 1.00 835.87 ? 195 UNK A CB 1 
ATOM 496  N N  . UNK A 1 100 ? 31.005  40.238  -13.252 1.00 876.92 ? 196 UNK A N  1 
ATOM 497  C CA . UNK A 1 100 ? 32.424  40.573  -13.364 1.00 876.92 ? 196 UNK A CA 1 
ATOM 498  C C  . UNK A 1 100 ? 32.809  41.019  -14.763 1.00 876.92 ? 196 UNK A C  1 
ATOM 499  O O  . UNK A 1 100 ? 33.527  42.001  -14.990 1.00 876.92 ? 196 UNK A O  1 
ATOM 500  C CB . UNK A 1 100 ? 33.266  39.367  -12.963 1.00 876.92 ? 196 UNK A CB 1 
ATOM 501  N N  . UNK A 1 101 ? 32.283  40.260  -15.709 1.00 862.15 ? 197 UNK A N  1 
ATOM 502  C CA . UNK A 1 101 ? 32.463  40.527  -17.115 1.00 862.15 ? 197 UNK A CA 1 
ATOM 503  C C  . UNK A 1 101 ? 32.071  41.945  -17.447 1.00 862.15 ? 197 UNK A C  1 
ATOM 504  O O  . UNK A 1 101 ? 32.919  42.834  -17.491 1.00 862.15 ? 197 UNK A O  1 
ATOM 505  C CB . UNK A 1 101 ? 31.629  39.556  -17.939 1.00 862.15 ? 197 UNK A CB 1 
ATOM 506  N N  . UNK A 1 102 ? 30.775  42.142  -17.653 1.00 896.59 ? 198 UNK A N  1 
ATOM 507  C CA . UNK A 1 102 ? 30.225  43.422  -18.072 1.00 896.59 ? 198 UNK A CA 1 
ATOM 508  C C  . UNK A 1 102 ? 30.834  44.556  -17.282 1.00 896.59 ? 198 UNK A C  1 
ATOM 509  O O  . UNK A 1 102 ? 31.049  45.658  -17.798 1.00 896.59 ? 198 UNK A O  1 
ATOM 510  C CB . UNK A 1 102 ? 28.707  43.423  -17.911 1.00 896.59 ? 198 UNK A CB 1 
ATOM 511  N N  . UNK A 1 103 ? 31.113  44.260  -16.018 1.00 948.78 ? 199 UNK A N  1 
ATOM 512  C CA . UNK A 1 103 ? 31.837  45.174  -15.163 1.00 948.78 ? 199 UNK A CA 1 
ATOM 513  C C  . UNK A 1 103 ? 33.080  45.647  -15.872 1.00 948.78 ? 199 UNK A C  1 
ATOM 514  O O  . UNK A 1 103 ? 33.132  46.756  -16.430 1.00 948.78 ? 199 UNK A O  1 
ATOM 515  C CB . UNK A 1 103 ? 32.214  44.494  -13.853 1.00 948.78 ? 199 UNK A CB 1 
ATOM 516  N N  . UNK A 1 104 ? 34.068  44.761  -15.860 1.00 951.21 ? 200 UNK A N  1 
ATOM 517  C CA . UNK A 1 104 ? 35.354  45.019  -16.469 1.00 951.21 ? 200 UNK A CA 1 
ATOM 518  C C  . UNK A 1 104 ? 35.187  45.661  -17.830 1.00 951.21 ? 200 UNK A C  1 
ATOM 519  O O  . UNK A 1 104 ? 35.939  46.541  -18.236 1.00 951.21 ? 200 UNK A O  1 
ATOM 520  C CB . UNK A 1 104 ? 36.138  43.718  -16.599 1.00 951.21 ? 200 UNK A CB 1 
ATOM 521  N N  . UNK A 1 105 ? 34.153  45.206  -18.521 1.00 912.11 ? 201 UNK A N  1 
ATOM 522  C CA . UNK A 1 105 ? 33.860  45.632  -19.876 1.00 912.11 ? 201 UNK A CA 1 
ATOM 523  C C  . UNK A 1 105 ? 33.690  47.130  -19.988 1.00 912.11 ? 201 UNK A C  1 
ATOM 524  O O  . UNK A 1 105 ? 34.463  47.857  -20.628 1.00 912.11 ? 201 UNK A O  1 
ATOM 525  C CB . UNK A 1 105 ? 32.588  44.944  -20.365 1.00 912.11 ? 201 UNK A CB 1 
ATOM 526  N N  . UNK A 1 106 ? 32.624  47.581  -19.356 1.00 931.64 ? 202 UNK A N  1 
ATOM 527  C CA . UNK A 1 106 ? 32.293  48.982  -19.374 1.00 931.64 ? 202 UNK A CA 1 
ATOM 528  C C  . UNK A 1 106 ? 33.469  49.759  -18.828 1.00 931.64 ? 202 UNK A C  1 
ATOM 529  O O  . UNK A 1 106 ? 33.771  50.860  -19.293 1.00 931.64 ? 202 UNK A O  1 
ATOM 530  C CB . UNK A 1 106 ? 31.042  49.240  -18.551 1.00 931.64 ? 202 UNK A CB 1 
ATOM 531  N N  . UNK A 1 107 ? 34.128  49.169  -17.834 1.00 971.51 ? 203 UNK A N  1 
ATOM 532  C CA . UNK A 1 107 ? 35.262  49.811  -17.194 1.00 971.51 ? 203 UNK A CA 1 
ATOM 533  C C  . UNK A 1 107 ? 36.285  50.208  -18.235 1.00 971.51 ? 203 UNK A C  1 
ATOM 534  O O  . UNK A 1 107 ? 36.733  51.355  -18.346 1.00 971.51 ? 203 UNK A O  1 
ATOM 535  C CB . UNK A 1 107 ? 35.893  48.871  -16.170 1.00 971.51 ? 203 UNK A CB 1 
ATOM 536  N N  . UNK A 1 108 ? 36.638  49.214  -19.026 1.00 938.82 ? 204 UNK A N  1 
ATOM 537  C CA . UNK A 1 108 ? 37.632  49.391  -20.054 1.00 938.82 ? 204 UNK A CA 1 
ATOM 538  C C  . UNK A 1 108 ? 37.155  50.414  -21.060 1.00 938.82 ? 204 UNK A C  1 
ATOM 539  O O  . UNK A 1 108 ? 37.936  51.244  -21.527 1.00 938.82 ? 204 UNK A O  1 
ATOM 540  C CB . UNK A 1 108 ? 37.917  48.061  -20.740 1.00 938.82 ? 204 UNK A CB 1 
ATOM 541  N N  . UNK A 1 109 ? 35.875  50.328  -21.403 1.00 889.67 ? 205 UNK A N  1 
ATOM 542  C CA . UNK A 1 109 ? 35.296  51.240  -22.377 1.00 889.67 ? 205 UNK A CA 1 
ATOM 543  C C  . UNK A 1 109 ? 35.590  52.667  -21.949 1.00 889.67 ? 205 UNK A C  1 
ATOM 544  O O  . UNK A 1 109 ? 36.043  53.540  -22.708 1.00 889.67 ? 205 UNK A O  1 
ATOM 545  C CB . UNK A 1 109 ? 33.791  51.012  -22.494 1.00 889.67 ? 205 UNK A CB 1 
ATOM 546  N N  . UNK A 1 110 ? 35.334  52.878  -20.670 1.00 867.44 ? 206 UNK A N  1 
ATOM 547  C CA . UNK A 1 110 ? 35.512  54.175  -20.056 1.00 867.44 ? 206 UNK A CA 1 
ATOM 548  C C  . UNK A 1 110 ? 36.958  54.628  -20.128 1.00 867.44 ? 206 UNK A C  1 
ATOM 549  O O  . UNK A 1 110 ? 37.257  55.772  -20.498 1.00 867.44 ? 206 UNK A O  1 
ATOM 550  C CB . UNK A 1 110 ? 35.059  54.123  -18.602 1.00 867.44 ? 206 UNK A CB 1 
ATOM 551  N N  . UNK A 1 111 ? 37.841  53.715  -19.735 1.00 880.09 ? 207 UNK A N  1 
ATOM 552  C CA . UNK A 1 111 ? 39.272  53.988  -19.708 1.00 880.09 ? 207 UNK A CA 1 
ATOM 553  C C  . UNK A 1 111 ? 39.699  54.474  -21.073 1.00 880.09 ? 207 UNK A C  1 
ATOM 554  O O  . UNK A 1 111 ? 40.439  55.441  -21.221 1.00 880.09 ? 207 UNK A O  1 
ATOM 555  C CB . UNK A 1 111 ? 40.063  52.742  -19.317 1.00 880.09 ? 207 UNK A CB 1 
ATOM 556  N N  . UNK A 1 112 ? 39.181  53.792  -22.082 1.00 845.26 ? 208 UNK A N  1 
ATOM 557  C CA . UNK A 1 112 ? 39.490  54.087  -23.468 1.00 845.26 ? 208 UNK A CA 1 
ATOM 558  C C  . UNK A 1 112 ? 39.071  55.492  -23.865 1.00 845.26 ? 208 UNK A C  1 
ATOM 559  O O  . UNK A 1 112 ? 39.851  56.273  -24.436 1.00 845.26 ? 208 UNK A O  1 
ATOM 560  C CB . UNK A 1 112 ? 38.797  53.074  -24.375 1.00 845.26 ? 208 UNK A CB 1 
ATOM 561  N N  . UNK A 1 113 ? 37.809  55.790  -23.593 1.00 795.44 ? 209 UNK A N  1 
ATOM 562  C CA . UNK A 1 113 ? 37.266  57.092  -23.935 1.00 795.44 ? 209 UNK A CA 1 
ATOM 563  C C  . UNK A 1 113 ? 38.141  58.176  -23.332 1.00 795.44 ? 209 UNK A C  1 
ATOM 564  O O  . UNK A 1 113 ? 38.638  59.098  -24.005 1.00 795.44 ? 209 UNK A O  1 
ATOM 565  C CB . UNK A 1 113 ? 35.834  57.221  -23.431 1.00 795.44 ? 209 UNK A CB 1 
ATOM 566  N N  . UNK A 1 114 ? 38.349  58.028  -22.031 1.00 795.65 ? 210 UNK A N  1 
ATOM 567  C CA . UNK A 1 114 ? 39.100  59.001  -21.267 1.00 795.65 ? 210 UNK A CA 1 
ATOM 568  C C  . UNK A 1 114 ? 40.515  59.124  -21.795 1.00 795.65 ? 210 UNK A C  1 
ATOM 569  O O  . UNK A 1 114 ? 41.110  60.190  -21.745 1.00 795.65 ? 210 UNK A O  1 
ATOM 570  C CB . UNK A 1 114 ? 39.119  58.611  -19.793 1.00 795.65 ? 210 UNK A CB 1 
ATOM 571  N N  . UNK A 1 115 ? 41.055  58.026  -22.297 1.00 812.13 ? 211 UNK A N  1 
ATOM 572  C CA . UNK A 1 115 ? 42.408  58.041  -22.813 1.00 812.13 ? 211 UNK A CA 1 
ATOM 573  C C  . UNK A 1 115 ? 42.452  58.882  -24.070 1.00 812.13 ? 211 UNK A C  1 
ATOM 574  O O  . UNK A 1 115 ? 43.376  59.672  -24.268 1.00 812.13 ? 211 UNK A O  1 
ATOM 575  C CB . UNK A 1 115 ? 42.891  56.620  -23.094 1.00 812.13 ? 211 UNK A CB 1 
ATOM 576  N N  . UNK A 1 116 ? 41.448  58.689  -24.915 1.00 792.15 ? 212 UNK A N  1 
ATOM 577  C CA . UNK A 1 116 ? 41.332  59.464  -26.139 1.00 792.15 ? 212 UNK A CA 1 
ATOM 578  C C  . UNK A 1 116 ? 41.389  60.924  -25.745 1.00 792.15 ? 212 UNK A C  1 
ATOM 579  O O  . UNK A 1 116 ? 42.136  61.748  -26.296 1.00 792.15 ? 212 UNK A O  1 
ATOM 580  C CB . UNK A 1 116 ? 40.033  59.149  -26.878 1.00 792.15 ? 212 UNK A CB 1 
ATOM 581  N N  . UNK A 1 117 ? 40.594  61.221  -24.731 1.00 807.31 ? 213 UNK A N  1 
ATOM 582  C CA . UNK A 1 117 ? 40.515  62.569  -24.194 1.00 807.31 ? 213 UNK A CA 1 
ATOM 583  C C  . UNK A 1 117 ? 41.880  63.121  -23.800 1.00 807.31 ? 213 UNK A C  1 
ATOM 584  O O  . UNK A 1 117 ? 42.338  64.166  -24.286 1.00 807.31 ? 213 UNK A O  1 
ATOM 585  C CB . UNK A 1 117 ? 39.589  62.587  -22.979 1.00 807.31 ? 213 UNK A CB 1 
ATOM 586  N N  . UNK A 1 118 ? 42.503  62.394  -22.887 1.00 831.06 ? 214 UNK A N  1 
ATOM 587  C CA . UNK A 1 118 ? 43.760  62.784  -22.285 1.00 831.06 ? 214 UNK A CA 1 
ATOM 588  C C  . UNK A 1 118 ? 44.769  63.078  -23.354 1.00 831.06 ? 214 UNK A C  1 
ATOM 589  O O  . UNK A 1 118 ? 45.513  64.044  -23.296 1.00 831.06 ? 214 UNK A O  1 
ATOM 590  C CB . UNK A 1 118 ? 44.281  61.678  -21.374 1.00 831.06 ? 214 UNK A CB 1 
ATOM 591  N N  . UNK A 1 119 ? 44.780  62.215  -24.351 1.00 805.64 ? 215 UNK A N  1 
ATOM 592  C CA . UNK A 1 119 ? 45.711  62.367  -25.439 1.00 805.64 ? 215 UNK A CA 1 
ATOM 593  C C  . UNK A 1 119 ? 45.452  63.680  -26.145 1.00 805.64 ? 215 UNK A C  1 
ATOM 594  O O  . UNK A 1 119 ? 46.358  64.500  -26.306 1.00 805.64 ? 215 UNK A O  1 
ATOM 595  C CB . UNK A 1 119 ? 45.584  61.194  -26.404 1.00 805.64 ? 215 UNK A CB 1 
ATOM 596  N N  . UNK A 1 120 ? 44.202  63.876  -26.547 1.00 777.66 ? 216 UNK A N  1 
ATOM 597  C CA . UNK A 1 120 ? 43.832  65.055  -27.314 1.00 777.66 ? 216 UNK A CA 1 
ATOM 598  C C  . UNK A 1 120 ? 44.327  66.276  -26.601 1.00 777.66 ? 216 UNK A C  1 
ATOM 599  O O  . UNK A 1 120 ? 44.835  67.226  -27.180 1.00 777.66 ? 216 UNK A O  1 
ATOM 600  C CB . UNK A 1 120 ? 42.326  65.130  -27.491 1.00 777.66 ? 216 UNK A CB 1 
ATOM 601  N N  . UNK A 1 121 ? 44.179  66.214  -25.295 1.00 723.74 ? 217 UNK A N  1 
ATOM 602  C CA . UNK A 1 121 ? 44.706  67.247  -24.443 1.00 723.74 ? 217 UNK A CA 1 
ATOM 603  C C  . UNK A 1 121 ? 46.195  67.367  -24.684 1.00 723.74 ? 217 UNK A C  1 
ATOM 604  O O  . UNK A 1 121 ? 46.720  68.414  -25.059 1.00 723.74 ? 217 UNK A O  1 
ATOM 605  C CB . UNK A 1 121 ? 44.427  66.926  -22.981 1.00 723.74 ? 217 UNK A CB 1 
ATOM 606  N N  . UNK A 1 122 ? 46.872  66.253  -24.472 1.00 724.62 ? 218 UNK A N  1 
ATOM 607  C CA . UNK A 1 122 ? 48.317  66.200  -24.557 1.00 724.62 ? 218 UNK A CA 1 
ATOM 608  C C  . UNK A 1 122 ? 48.743  66.580  -25.957 1.00 724.62 ? 218 UNK A C  1 
ATOM 609  O O  . UNK A 1 122 ? 49.791  67.217  -26.189 1.00 724.62 ? 218 UNK A O  1 
ATOM 610  C CB . UNK A 1 122 ? 48.812  64.802  -24.204 1.00 724.62 ? 218 UNK A CB 1 
ATOM 611  N N  . UNK A 1 123 ? 47.903  66.154  -26.892 1.00 746.58 ? 219 UNK A N  1 
ATOM 612  C CA . UNK A 1 123 ? 48.078  66.492  -28.283 1.00 746.58 ? 219 UNK A CA 1 
ATOM 613  C C  . UNK A 1 123 ? 48.247  67.993  -28.346 1.00 746.58 ? 219 UNK A C  1 
ATOM 614  O O  . UNK A 1 123 ? 49.304  68.507  -28.719 1.00 746.58 ? 219 UNK A O  1 
ATOM 615  C CB . UNK A 1 123 ? 46.885  66.033  -29.114 1.00 746.58 ? 219 UNK A CB 1 
ATOM 616  N N  . UNK A 1 124 ? 47.205  68.683  -27.914 1.00 762.40 ? 220 UNK A N  1 
ATOM 617  C CA . UNK A 1 124 ? 47.164  70.137  -27.932 1.00 762.40 ? 220 UNK A CA 1 
ATOM 618  C C  . UNK A 1 124 ? 48.362  70.777  -27.231 1.00 762.40 ? 220 UNK A C  1 
ATOM 619  O O  . UNK A 1 124 ? 48.844  71.846  -27.611 1.00 762.40 ? 220 UNK A O  1 
ATOM 620  C CB . UNK A 1 124 ? 45.871  70.613  -27.277 1.00 762.40 ? 220 UNK A CB 1 
ATOM 621  N N  . UNK A 1 125 ? 48.817  70.116  -26.180 1.00 775.80 ? 221 UNK A N  1 
ATOM 622  C CA . UNK A 1 125 ? 49.946  70.622  -25.412 1.00 775.80 ? 221 UNK A CA 1 
ATOM 623  C C  . UNK A 1 125 ? 51.148  70.745  -26.321 1.00 775.80 ? 221 UNK A C  1 
ATOM 624  O O  . UNK A 1 125 ? 51.674  71.841  -26.607 1.00 775.80 ? 221 UNK A O  1 
ATOM 625  C CB . UNK A 1 125 ? 50.265  69.696  -24.243 1.00 775.80 ? 221 UNK A CB 1 
ATOM 626  N N  . UNK A 1 126 ? 51.561  69.578  -26.795 1.00 805.41 ? 222 UNK A N  1 
ATOM 627  C CA . UNK A 1 126 ? 52.709  69.485  -27.677 1.00 805.41 ? 222 UNK A CA 1 
ATOM 628  C C  . UNK A 1 126 ? 52.510  70.382  -28.883 1.00 805.41 ? 222 UNK A C  1 
ATOM 629  O O  . UNK A 1 126 ? 53.466  70.837  -29.503 1.00 805.41 ? 222 UNK A O  1 
ATOM 630  C CB . UNK A 1 126 ? 52.933  68.043  -28.120 1.00 805.41 ? 222 UNK A CB 1 
ATOM 631  N N  . UNK A 1 127 ? 51.253  70.622  -29.223 1.00 742.99 ? 223 UNK A N  1 
ATOM 632  C CA . UNK A 1 127 ? 50.950  71.521  -30.319 1.00 742.99 ? 223 UNK A CA 1 
ATOM 633  C C  . UNK A 1 127 ? 51.454  72.890  -29.959 1.00 742.99 ? 223 UNK A C  1 
ATOM 634  O O  . UNK A 1 127 ? 52.453  73.368  -30.486 1.00 742.99 ? 223 UNK A O  1 
ATOM 635  C CB . UNK A 1 127 ? 49.452  71.572  -30.599 1.00 742.99 ? 223 UNK A CB 1 
ATOM 636  N N  . UNK A 1 128 ? 50.738  73.493  -29.024 1.00 729.22 ? 224 UNK A N  1 
ATOM 637  C CA . UNK A 1 128 ? 51.037  74.814  -28.491 1.00 729.22 ? 224 UNK A CA 1 
ATOM 638  C C  . UNK A 1 128 ? 52.524  75.074  -28.382 1.00 729.22 ? 224 UNK A C  1 
ATOM 639  O O  . UNK A 1 128 ? 53.035  76.196  -28.603 1.00 729.22 ? 224 UNK A O  1 
ATOM 640  C CB . UNK A 1 128 ? 50.398  74.954  -27.116 1.00 729.22 ? 224 UNK A CB 1 
ATOM 641  N N  . UNK A 1 129 ? 53.203  73.995  -28.022 1.00 685.81 ? 225 UNK A N  1 
ATOM 642  C CA . UNK A 1 129 ? 54.638  74.001  -27.859 1.00 685.81 ? 225 UNK A CA 1 
ATOM 643  C C  . UNK A 1 129 ? 55.384  74.717  -28.978 1.00 685.81 ? 225 UNK A C  1 
ATOM 644  O O  . UNK A 1 129 ? 56.475  75.213  -28.764 1.00 685.81 ? 225 UNK A O  1 
ATOM 645  C CB . UNK A 1 129 ? 55.141  72.566  -27.755 1.00 685.81 ? 225 UNK A CB 1 
ATOM 646  N N  . UNK A 1 130 ? 54.803  74.782  -30.164 1.00 764.49 ? 226 UNK A N  1 
ATOM 647  C CA . UNK A 1 130 ? 55.544  75.309  -31.296 1.00 764.49 ? 226 UNK A CA 1 
ATOM 648  C C  . UNK A 1 130 ? 55.264  76.774  -31.553 1.00 764.49 ? 226 UNK A C  1 
ATOM 649  O O  . UNK A 1 130 ? 56.161  77.527  -31.927 1.00 764.49 ? 226 UNK A O  1 
ATOM 650  C CB . UNK A 1 130 ? 55.225  74.499  -32.545 1.00 764.49 ? 226 UNK A CB 1 
ATOM 651  N N  . UNK A 1 131 ? 54.012  77.176  -31.371 1.00 795.97 ? 227 UNK A N  1 
ATOM 652  C CA . UNK A 1 131 ? 53.664  78.579  -31.477 1.00 795.97 ? 227 UNK A CA 1 
ATOM 653  C C  . UNK A 1 131 ? 54.548  79.231  -30.471 1.00 795.97 ? 227 UNK A C  1 
ATOM 654  O O  . UNK A 1 131 ? 54.995  80.356  -30.633 1.00 795.97 ? 227 UNK A O  1 
ATOM 655  C CB . UNK A 1 131 ? 52.197  78.837  -31.181 1.00 795.97 ? 227 UNK A CB 1 
ATOM 656  N N  . UNK A 1 132 ? 54.821  78.480  -29.420 1.00 794.11 ? 228 UNK A N  1 
ATOM 657  C CA . UNK A 1 132 ? 55.969  78.792  -28.615 1.00 794.11 ? 228 UNK A CA 1 
ATOM 658  C C  . UNK A 1 132 ? 57.211  78.601  -29.469 1.00 794.11 ? 228 UNK A C  1 
ATOM 659  O O  . UNK A 1 132 ? 57.463  79.341  -30.420 1.00 794.11 ? 228 UNK A O  1 
ATOM 660  C CB . UNK A 1 132 ? 56.012  77.905  -27.382 1.00 794.11 ? 228 UNK A CB 1 
ATOM 661  N N  . UNK A 1 133 ? 57.978  77.579  -29.124 1.00 766.07 ? 229 UNK A N  1 
ATOM 662  C CA . UNK A 1 133 ? 59.187  77.216  -29.837 1.00 766.07 ? 229 UNK A CA 1 
ATOM 663  C C  . UNK A 1 133 ? 60.048  78.412  -30.087 1.00 766.07 ? 229 UNK A C  1 
ATOM 664  O O  . UNK A 1 133 ? 61.028  78.650  -29.394 1.00 766.07 ? 229 UNK A O  1 
ATOM 665  C CB . UNK A 1 133 ? 58.852  76.557  -31.161 1.00 766.07 ? 229 UNK A CB 1 
ATOM 666  N N  . UNK A 1 134 ? 59.647  79.176  -31.085 1.00 789.63 ? 230 UNK A N  1 
ATOM 667  C CA . UNK A 1 134 ? 60.419  80.319  -31.474 1.00 789.63 ? 230 UNK A CA 1 
ATOM 668  C C  . UNK A 1 134 ? 61.816  79.831  -31.704 1.00 789.63 ? 230 UNK A C  1 
ATOM 669  O O  . UNK A 1 134 ? 62.129  79.271  -32.739 1.00 789.63 ? 230 UNK A O  1 
ATOM 670  C CB . UNK A 1 134 ? 60.386  81.394  -30.400 1.00 789.63 ? 230 UNK A CB 1 
ATOM 671  N N  . UNK A 1 135 ? 62.652  79.992  -30.700 1.00 736.19 ? 231 UNK A N  1 
ATOM 672  C CA . UNK A 1 135 ? 63.999  79.495  -30.815 1.00 736.19 ? 231 UNK A CA 1 
ATOM 673  C C  . UNK A 1 135 ? 63.955  77.989  -30.846 1.00 736.19 ? 231 UNK A C  1 
ATOM 674  O O  . UNK A 1 135 ? 62.875  77.415  -30.749 1.00 736.19 ? 231 UNK A O  1 
ATOM 675  C CB . UNK A 1 135 ? 64.852  79.981  -29.657 1.00 736.19 ? 231 UNK A CB 1 
ATOM 676  N N  . UNK B 1 1   ? -68.920 -70.097 33.581  1.00 672.12 ? 97  UNK B N  1 
ATOM 677  C CA . UNK B 1 1   ? -69.856 -70.033 32.473  1.00 672.12 ? 97  UNK B CA 1 
ATOM 678  C C  . UNK B 1 1   ? -69.499 -68.854 31.646  1.00 672.12 ? 97  UNK B C  1 
ATOM 679  O O  . UNK B 1 1   ? -68.393 -68.724 31.135  1.00 672.12 ? 97  UNK B O  1 
ATOM 680  C CB . UNK B 1 1   ? -71.302 -69.892 32.953  1.00 672.12 ? 97  UNK B CB 1 
ATOM 681  N N  . UNK B 1 2   ? -70.479 -67.983 31.523  1.00 685.10 ? 98  UNK B N  1 
ATOM 682  C CA . UNK B 1 2   ? -70.235 -66.664 31.023  1.00 685.10 ? 98  UNK B CA 1 
ATOM 683  C C  . UNK B 1 2   ? -68.991 -66.130 31.714  1.00 685.10 ? 98  UNK B C  1 
ATOM 684  O O  . UNK B 1 2   ? -68.054 -65.612 31.098  1.00 685.10 ? 98  UNK B O  1 
ATOM 685  C CB . UNK B 1 2   ? -71.439 -65.780 31.290  1.00 685.10 ? 98  UNK B CB 1 
ATOM 686  N N  . UNK B 1 3   ? -68.961 -66.301 33.025  1.00 666.39 ? 99  UNK B N  1 
ATOM 687  C CA . UNK B 1 3   ? -67.839 -65.809 33.796  1.00 666.39 ? 99  UNK B CA 1 
ATOM 688  C C  . UNK B 1 3   ? -66.567 -66.563 33.446  1.00 666.39 ? 99  UNK B C  1 
ATOM 689  O O  . UNK B 1 3   ? -65.460 -66.001 33.472  1.00 666.39 ? 99  UNK B O  1 
ATOM 690  C CB . UNK B 1 3   ? -68.130 -65.923 35.286  1.00 666.39 ? 99  UNK B CB 1 
ATOM 691  N N  . UNK B 1 4   ? -66.717 -67.838 33.119  1.00 720.40 ? 100 UNK B N  1 
ATOM 692  C CA . UNK B 1 4   ? -65.557 -68.620 32.744  1.00 720.40 ? 100 UNK B CA 1 
ATOM 693  C C  . UNK B 1 4   ? -64.923 -67.938 31.536  1.00 720.40 ? 100 UNK B C  1 
ATOM 694  O O  . UNK B 1 4   ? -63.700 -67.735 31.438  1.00 720.40 ? 100 UNK B O  1 
ATOM 695  C CB . UNK B 1 4   ? -65.948 -70.066 32.442  1.00 720.40 ? 100 UNK B CB 1 
ATOM 696  N N  . UNK B 1 5   ? -65.792 -67.537 30.619  1.00 785.58 ? 101 UNK B N  1 
ATOM 697  C CA . UNK B 1 5   ? -65.367 -66.868 29.393  1.00 785.58 ? 101 UNK B CA 1 
ATOM 698  C C  . UNK B 1 5   ? -64.641 -65.573 29.694  1.00 785.58 ? 101 UNK B C  1 
ATOM 699  O O  . UNK B 1 5   ? -63.652 -65.191 29.047  1.00 785.58 ? 101 UNK B O  1 
ATOM 700  C CB . UNK B 1 5   ? -66.572 -66.581 28.503  1.00 785.58 ? 101 UNK B CB 1 
ATOM 701  N N  . UNK B 1 6   ? -65.194 -64.875 30.676  1.00 751.13 ? 102 UNK B N  1 
ATOM 702  C CA . UNK B 1 6   ? -64.582 -63.644 31.149  1.00 751.13 ? 102 UNK B CA 1 
ATOM 703  C C  . UNK B 1 6   ? -63.123 -63.918 31.466  1.00 751.13 ? 102 UNK B C  1 
ATOM 704  O O  . UNK B 1 6   ? -62.211 -63.242 30.988  1.00 751.13 ? 102 UNK B O  1 
ATOM 705  C CB . UNK B 1 6   ? -65.305 -63.112 32.384  1.00 751.13 ? 102 UNK B CB 1 
ATOM 706  N N  . UNK B 1 7   ? -62.930 -64.943 32.284  1.00 766.00 ? 103 UNK B N  1 
ATOM 707  C CA . UNK B 1 7   ? -61.595 -65.330 32.720  1.00 766.00 ? 103 UNK B CA 1 
ATOM 708  C C  . UNK B 1 7   ? -60.676 -65.556 31.531  1.00 766.00 ? 103 UNK B C  1 
ATOM 709  O O  . UNK B 1 7   ? -59.507 -65.143 31.492  1.00 766.00 ? 103 UNK B O  1 
ATOM 710  C CB . UNK B 1 7   ? -61.664 -66.597 33.570  1.00 766.00 ? 103 UNK B CB 1 
ATOM 711  N N  . UNK B 1 8   ? -61.226 -66.263 30.560  1.00 833.68 ? 104 UNK B N  1 
ATOM 712  C CA . UNK B 1 8   ? -60.480 -66.578 29.352  1.00 833.68 ? 104 UNK B CA 1 
ATOM 713  C C  . UNK B 1 8   ? -59.910 -65.314 28.756  1.00 833.68 ? 104 UNK B C  1 
ATOM 714  O O  . UNK B 1 8   ? -58.693 -65.131 28.539  1.00 833.68 ? 104 UNK B O  1 
ATOM 715  C CB . UNK B 1 8   ? -61.384 -67.260 28.336  1.00 833.68 ? 104 UNK B CB 1 
ATOM 716  N N  . UNK B 1 9   ? -60.859 -64.429 28.501  1.00 812.62 ? 105 UNK B N  1 
ATOM 717  C CA . UNK B 1 9   ? -60.574 -63.146 27.918  1.00 812.62 ? 105 UNK B CA 1 
ATOM 718  C C  . UNK B 1 9   ? -59.456 -62.498 28.692  1.00 812.62 ? 105 UNK B C  1 
ATOM 719  O O  . UNK B 1 9   ? -58.543 -61.912 28.131  1.00 812.62 ? 105 UNK B O  1 
ATOM 720  C CB . UNK B 1 9   ? -61.822 -62.270 27.937  1.00 812.62 ? 105 UNK B CB 1 
ATOM 721  N N  . UNK B 1 10  ? -59.543 -62.626 30.001  1.00 808.94 ? 106 UNK B N  1 
ATOM 722  C CA . UNK B 1 10  ? -58.588 -61.980 30.873  1.00 808.94 ? 106 UNK B CA 1 
ATOM 723  C C  . UNK B 1 10  ? -57.191 -62.478 30.585  1.00 808.94 ? 106 UNK B C  1 
ATOM 724  O O  . UNK B 1 10  ? -56.218 -61.719 30.530  1.00 808.94 ? 106 UNK B O  1 
ATOM 725  C CB . UNK B 1 10  ? -58.943 -62.239 32.331  1.00 808.94 ? 106 UNK B CB 1 
ATOM 726  N N  . UNK B 1 11  ? -57.109 -63.788 30.440  1.00 852.38 ? 107 UNK B N  1 
ATOM 727  C CA . UNK B 1 11  ? -55.835 -64.423 30.178  1.00 852.38 ? 107 UNK B CA 1 
ATOM 728  C C  . UNK B 1 11  ? -55.228 -63.754 28.972  1.00 852.38 ? 107 UNK B C  1 
ATOM 729  O O  . UNK B 1 11  ? -54.098 -63.215 28.960  1.00 852.38 ? 107 UNK B O  1 
ATOM 730  C CB . UNK B 1 11  ? -56.016 -65.913 29.924  1.00 852.38 ? 107 UNK B CB 1 
ATOM 731  N N  . UNK B 1 12  ? -56.058 -63.783 27.944  1.00 819.36 ? 108 UNK B N  1 
ATOM 732  C CA . UNK B 1 12  ? -55.701 -63.253 26.641  1.00 819.36 ? 108 UNK B CA 1 
ATOM 733  C C  . UNK B 1 12  ? -55.138 -61.855 26.745  1.00 819.36 ? 108 UNK B C  1 
ATOM 734  O O  . UNK B 1 12  ? -54.113 -61.460 26.158  1.00 819.36 ? 108 UNK B O  1 
ATOM 735  C CB . UNK B 1 12  ? -56.930 -63.236 25.743  1.00 819.36 ? 108 UNK B CB 1 
ATOM 736  N N  . UNK B 1 13  ? -55.880 -61.090 27.522  1.00 756.53 ? 109 UNK B N  1 
ATOM 737  C CA . UNK B 1 13  ? -55.590 -59.704 27.729  1.00 756.53 ? 109 UNK B CA 1 
ATOM 738  C C  . UNK B 1 13  ? -54.180 -59.612 28.233  1.00 756.53 ? 109 UNK B C  1 
ATOM 739  O O  . UNK B 1 13  ? -53.296 -59.145 27.527  1.00 756.53 ? 109 UNK B O  1 
ATOM 740  C CB . UNK B 1 13  ? -56.572 -59.096 28.724  1.00 756.53 ? 109 UNK B CB 1 
ATOM 741  N N  . UNK B 1 14  ? -53.992 -60.130 29.437  1.00 763.63 ? 110 UNK B N  1 
ATOM 742  C CA . UNK B 1 14  ? -52.723 -60.049 30.146  1.00 763.63 ? 110 UNK B CA 1 
ATOM 743  C C  . UNK B 1 14  ? -51.565 -60.309 29.214  1.00 763.63 ? 110 UNK B C  1 
ATOM 744  O O  . UNK B 1 14  ? -50.521 -59.640 29.213  1.00 763.63 ? 110 UNK B O  1 
ATOM 745  C CB . UNK B 1 14  ? -52.704 -61.056 31.289  1.00 763.63 ? 110 UNK B CB 1 
ATOM 746  N N  . UNK B 1 15  ? -51.784 -61.313 28.385  1.00 818.51 ? 111 UNK B N  1 
ATOM 747  C CA . UNK B 1 15  ? -50.795 -61.644 27.387  1.00 818.51 ? 111 UNK B CA 1 
ATOM 748  C C  . UNK B 1 15  ? -50.489 -60.442 26.504  1.00 818.51 ? 111 UNK B C  1 
ATOM 749  O O  . UNK B 1 15  ? -49.357 -59.928 26.448  1.00 818.51 ? 111 UNK B O  1 
ATOM 750  C CB . UNK B 1 15  ? -51.290 -62.804 26.538  1.00 818.51 ? 111 UNK B CB 1 
ATOM 751  N N  . UNK B 1 16  ? -51.528 -59.994 25.815  1.00 775.83 ? 112 UNK B N  1 
ATOM 752  C CA . UNK B 1 16  ? -51.369 -58.915 24.852  1.00 775.83 ? 112 UNK B CA 1 
ATOM 753  C C  . UNK B 1 16  ? -50.712 -57.720 25.530  1.00 775.83 ? 112 UNK B C  1 
ATOM 754  O O  . UNK B 1 16  ? -49.938 -56.947 24.952  1.00 775.83 ? 112 UNK B O  1 
ATOM 755  C CB . UNK B 1 16  ? -52.720 -58.535 24.264  1.00 775.83 ? 112 UNK B CB 1 
ATOM 756  N N  . UNK B 1 17  ? -51.037 -57.597 26.805  1.00 756.11 ? 113 UNK B N  1 
ATOM 757  C CA . UNK B 1 17  ? -50.520 -56.537 27.644  1.00 756.11 ? 113 UNK B CA 1 
ATOM 758  C C  . UNK B 1 17  ? -49.016 -56.612 27.673  1.00 756.11 ? 113 UNK B C  1 
ATOM 759  O O  . UNK B 1 17  ? -48.296 -55.631 27.432  1.00 756.11 ? 113 UNK B O  1 
ATOM 760  C CB . UNK B 1 17  ? -51.075 -56.655 29.058  1.00 756.11 ? 113 UNK B CB 1 
ATOM 761  N N  . UNK B 1 18  ? -48.550 -57.806 27.997  1.00 865.64 ? 114 UNK B N  1 
ATOM 762  C CA . UNK B 1 18  ? -47.126 -58.049 28.064  1.00 865.64 ? 114 UNK B CA 1 
ATOM 763  C C  . UNK B 1 18  ? -46.486 -57.641 26.745  1.00 865.64 ? 114 UNK B C  1 
ATOM 764  O O  . UNK B 1 18  ? -45.412 -57.015 26.701  1.00 865.64 ? 114 UNK B O  1 
ATOM 765  C CB . UNK B 1 18  ? -46.849 -59.517 28.370  1.00 865.64 ? 114 UNK B CB 1 
ATOM 766  N N  . UNK B 1 19  ? -47.174 -58.014 25.670  1.00 851.27 ? 115 UNK B N  1 
ATOM 767  C CA . UNK B 1 19  ? -46.684 -57.750 24.314  1.00 851.27 ? 115 UNK B CA 1 
ATOM 768  C C  . UNK B 1 19  ? -46.378 -56.272 24.148  1.00 851.27 ? 115 UNK B C  1 
ATOM 769  O O  . UNK B 1 19  ? -45.290 -55.819 23.733  1.00 851.27 ? 115 UNK B O  1 
ATOM 770  C CB . UNK B 1 19  ? -47.713 -58.186 23.272  1.00 851.27 ? 115 UNK B CB 1 
ATOM 771  N N  . UNK B 1 20  ? -47.396 -55.512 24.498  1.00 721.67 ? 116 UNK B N  1 
ATOM 772  C CA . UNK B 1 20  ? -47.303 -54.071 24.466  1.00 721.67 ? 116 UNK B CA 1 
ATOM 773  C C  . UNK B 1 20  ? -46.082 -53.588 25.234  1.00 721.67 ? 116 UNK B C  1 
ATOM 774  O O  . UNK B 1 20  ? -45.251 -52.843 24.704  1.00 721.67 ? 116 UNK B O  1 
ATOM 775  C CB . UNK B 1 20  ? -48.568 -53.455 25.051  1.00 721.67 ? 116 UNK B CB 1 
ATOM 776  N N  . UNK B 1 21  ? -45.986 -54.025 26.484  1.00 759.32 ? 117 UNK B N  1 
ATOM 777  C CA . UNK B 1 21  ? -44.968 -53.505 27.393  1.00 759.32 ? 117 UNK B CA 1 
ATOM 778  C C  . UNK B 1 21  ? -43.575 -53.710 26.825  1.00 759.32 ? 117 UNK B C  1 
ATOM 779  O O  . UNK B 1 21  ? -42.679 -52.862 26.906  1.00 759.32 ? 117 UNK B O  1 
ATOM 780  C CB . UNK B 1 21  ? -45.077 -54.177 28.755  1.00 759.32 ? 117 UNK B CB 1 
ATOM 781  N N  . UNK B 1 22  ? -43.397 -54.875 26.228  1.00 855.36 ? 118 UNK B N  1 
ATOM 782  C CA . UNK B 1 22  ? -42.106 -55.195 25.649  1.00 855.36 ? 118 UNK B CA 1 
ATOM 783  C C  . UNK B 1 22  ? -41.807 -54.263 24.481  1.00 855.36 ? 118 UNK B C  1 
ATOM 784  O O  . UNK B 1 22  ? -40.676 -53.754 24.321  1.00 855.36 ? 118 UNK B O  1 
ATOM 785  C CB . UNK B 1 22  ? -42.073 -56.647 25.191  1.00 855.36 ? 118 UNK B CB 1 
ATOM 786  N N  . UNK B 1 23  ? -42.830 -54.055 23.656  1.00 747.23 ? 119 UNK B N  1 
ATOM 787  C CA . UNK B 1 23  ? -42.681 -53.176 22.502  1.00 747.23 ? 119 UNK B CA 1 
ATOM 788  C C  . UNK B 1 23  ? -42.171 -51.823 22.981  1.00 747.23 ? 119 UNK B C  1 
ATOM 789  O O  . UNK B 1 23  ? -41.300 -51.157 22.385  1.00 747.23 ? 119 UNK B O  1 
ATOM 790  C CB . UNK B 1 23  ? -44.012 -53.029 21.762  1.00 747.23 ? 119 UNK B CB 1 
ATOM 791  N N  . UNK B 1 24  ? -42.740 -51.441 24.116  1.00 686.43 ? 120 UNK B N  1 
ATOM 792  C CA . UNK B 1 24  ? -42.420 -50.181 24.767  1.00 686.43 ? 120 UNK B CA 1 
ATOM 793  C C  . UNK B 1 24  ? -40.949 -50.104 25.114  1.00 686.43 ? 120 UNK B C  1 
ATOM 794  O O  . UNK B 1 24  ? -40.248 -49.095 24.866  1.00 686.43 ? 120 UNK B O  1 
ATOM 795  C CB . UNK B 1 24  ? -43.255 -50.017 26.037  1.00 686.43 ? 120 UNK B CB 1 
ATOM 796  N N  . UNK B 1 25  ? -40.512 -51.181 25.755  1.00 845.83 ? 121 UNK B N  1 
ATOM 797  C CA . UNK B 1 25  ? -39.122 -51.324 26.132  1.00 845.83 ? 121 UNK B CA 1 
ATOM 798  C C  . UNK B 1 25  ? -38.261 -50.957 24.931  1.00 845.83 ? 121 UNK B C  1 
ATOM 799  O O  . UNK B 1 25  ? -37.397 -50.062 24.985  1.00 845.83 ? 121 UNK B O  1 
ATOM 800  C CB . UNK B 1 25  ? -38.832 -52.751 26.594  1.00 845.83 ? 121 UNK B CB 1 
ATOM 801  N N  . UNK B 1 26  ? -38.548 -51.652 23.837  1.00 879.55 ? 122 UNK B N  1 
ATOM 802  C CA . UNK B 1 26  ? -37.793 -51.486 22.596  1.00 879.55 ? 122 UNK B CA 1 
ATOM 803  C C  . UNK B 1 26  ? -37.686 -50.033 22.152  1.00 879.55 ? 122 UNK B C  1 
ATOM 804  O O  . UNK B 1 26  ? -36.595 -49.478 21.913  1.00 879.55 ? 122 UNK B O  1 
ATOM 805  C CB . UNK B 1 26  ? -38.440 -52.299 21.481  1.00 879.55 ? 122 UNK B CB 1 
ATOM 806  N N  . UNK B 1 27  ? -38.856 -49.426 22.026  1.00 775.63 ? 123 UNK B N  1 
ATOM 807  C CA . UNK B 1 27  ? -38.933 -48.065 21.519  1.00 775.63 ? 123 UNK B CA 1 
ATOM 808  C C  . UNK B 1 27  ? -38.101 -47.091 22.352  1.00 775.63 ? 123 UNK B C  1 
ATOM 809  O O  . UNK B 1 27  ? -37.302 -46.314 21.817  1.00 775.63 ? 123 UNK B O  1 
ATOM 810  C CB . UNK B 1 27  ? -40.385 -47.601 21.476  1.00 775.63 ? 123 UNK B CB 1 
ATOM 811  N N  . UNK B 1 28  ? -38.284 -47.136 23.665  1.00 811.17 ? 124 UNK B N  1 
ATOM 812  C CA . UNK B 1 28  ? -37.593 -46.184 24.534  1.00 811.17 ? 124 UNK B CA 1 
ATOM 813  C C  . UNK B 1 28  ? -36.092 -46.387 24.463  1.00 811.17 ? 124 UNK B C  1 
ATOM 814  O O  . UNK B 1 28  ? -35.283 -45.432 24.496  1.00 811.17 ? 124 UNK B O  1 
ATOM 815  C CB . UNK B 1 28  ? -38.065 -46.329 25.974  1.00 811.17 ? 124 UNK B CB 1 
ATOM 816  N N  . UNK B 1 29  ? -35.726 -47.661 24.387  1.00 849.29 ? 125 UNK B N  1 
ATOM 817  C CA . UNK B 1 29  ? -34.336 -48.028 24.262  1.00 849.29 ? 125 UNK B CA 1 
ATOM 818  C C  . UNK B 1 29  ? -33.763 -47.273 23.100  1.00 849.29 ? 125 UNK B C  1 
ATOM 819  O O  . UNK B 1 29  ? -32.738 -46.602 23.213  1.00 849.29 ? 125 UNK B O  1 
ATOM 820  C CB . UNK B 1 29  ? -34.187 -49.528 24.043  1.00 849.29 ? 125 UNK B CB 1 
ATOM 821  N N  . UNK B 1 30  ? -34.461 -47.383 21.977  1.00 771.73 ? 126 UNK B N  1 
ATOM 822  C CA . UNK B 1 30  ? -34.040 -46.696 20.767  1.00 771.73 ? 126 UNK B CA 1 
ATOM 823  C C  . UNK B 1 30  ? -33.830 -45.210 21.056  1.00 771.73 ? 126 UNK B C  1 
ATOM 824  O O  . UNK B 1 30  ? -32.746 -44.631 20.823  1.00 771.73 ? 126 UNK B O  1 
ATOM 825  C CB . UNK B 1 30  ? -35.080 -46.883 19.659  1.00 771.73 ? 126 UNK B CB 1 
ATOM 826  N N  . UNK B 1 31  ? -34.890 -44.626 21.607  1.00 719.59 ? 127 UNK B N  1 
ATOM 827  C CA . UNK B 1 31  ? -34.966 -43.198 21.893  1.00 719.59 ? 127 UNK B CA 1 
ATOM 828  C C  . UNK B 1 31  ? -33.694 -42.670 22.535  1.00 719.59 ? 127 UNK B C  1 
ATOM 829  O O  . UNK B 1 31  ? -33.166 -41.597 22.187  1.00 719.59 ? 127 UNK B O  1 
ATOM 830  C CB . UNK B 1 31  ? -36.156 -42.918 22.808  1.00 719.59 ? 127 UNK B CB 1 
ATOM 831  N N  . UNK B 1 32  ? -33.221 -43.450 23.495  1.00 728.69 ? 128 UNK B N  1 
ATOM 832  C CA . UNK B 1 32  ? -32.001 -43.110 24.217  1.00 728.69 ? 128 UNK B CA 1 
ATOM 833  C C  . UNK B 1 32  ? -30.856 -42.663 23.295  1.00 728.69 ? 128 UNK B C  1 
ATOM 834  O O  . UNK B 1 32  ? -30.484 -41.478 23.197  1.00 728.69 ? 128 UNK B O  1 
ATOM 835  C CB . UNK B 1 32  ? -31.553 -44.309 25.047  1.00 728.69 ? 128 UNK B CB 1 
ATOM 836  N N  . UNK B 1 33  ? -30.291 -43.639 22.601  1.00 775.14 ? 129 UNK B N  1 
ATOM 837  C CA . UNK B 1 33  ? -29.132 -43.382 21.769  1.00 775.14 ? 129 UNK B CA 1 
ATOM 838  C C  . UNK B 1 33  ? -29.482 -42.460 20.629  1.00 775.14 ? 129 UNK B C  1 
ATOM 839  O O  . UNK B 1 33  ? -28.598 -41.784 20.109  1.00 775.14 ? 129 UNK B O  1 
ATOM 840  C CB . UNK B 1 33  ? -28.558 -44.683 21.218  1.00 775.14 ? 129 UNK B CB 1 
ATOM 841  N N  . UNK B 1 34  ? -30.749 -42.451 20.225  1.00 825.72 ? 130 UNK B N  1 
ATOM 842  C CA . UNK B 1 34  ? -31.169 -41.505 19.208  1.00 825.72 ? 130 UNK B CA 1 
ATOM 843  C C  . UNK B 1 34  ? -30.749 -40.127 19.671  1.00 825.72 ? 130 UNK B C  1 
ATOM 844  O O  . UNK B 1 34  ? -29.959 -39.433 19.014  1.00 825.72 ? 130 UNK B O  1 
ATOM 845  C CB . UNK B 1 34  ? -32.676 -41.563 18.984  1.00 825.72 ? 130 UNK B CB 1 
ATOM 846  N N  . UNK B 1 35  ? -31.268 -39.763 20.837  1.00 897.16 ? 131 UNK B N  1 
ATOM 847  C CA . UNK B 1 35  ? -30.981 -38.469 21.430  1.00 897.16 ? 131 UNK B CA 1 
ATOM 848  C C  . UNK B 1 35  ? -29.487 -38.258 21.547  1.00 897.16 ? 131 UNK B C  1 
ATOM 849  O O  . UNK B 1 35  ? -28.951 -37.185 21.236  1.00 897.16 ? 131 UNK B O  1 
ATOM 850  C CB . UNK B 1 35  ? -31.630 -38.363 22.805  1.00 897.16 ? 131 UNK B CB 1 
ATOM 851  N N  . UNK B 1 36  ? -28.823 -39.309 22.010  1.00 849.04 ? 132 UNK B N  1 
ATOM 852  C CA . UNK B 1 36  ? -27.382 -39.275 22.220  1.00 849.04 ? 132 UNK B CA 1 
ATOM 853  C C  . UNK B 1 36  ? -26.628 -38.770 20.993  1.00 849.04 ? 132 UNK B C  1 
ATOM 854  O O  . UNK B 1 36  ? -25.926 -37.737 20.977  1.00 849.04 ? 132 UNK B O  1 
ATOM 855  C CB . UNK B 1 36  ? -26.883 -40.671 22.583  1.00 849.04 ? 132 UNK B CB 1 
ATOM 856  N N  . UNK B 1 37  ? -26.790 -39.548 19.937  1.00 836.15 ? 133 UNK B N  1 
ATOM 857  C CA . UNK B 1 37  ? -26.128 -39.285 18.675  1.00 836.15 ? 133 UNK B CA 1 
ATOM 858  C C  . UNK B 1 37  ? -26.499 -37.918 18.137  1.00 836.15 ? 133 UNK B C  1 
ATOM 859  O O  . UNK B 1 37  ? -25.661 -37.224 17.548  1.00 836.15 ? 133 UNK B O  1 
ATOM 860  C CB . UNK B 1 37  ? -26.493 -40.361 17.659  1.00 836.15 ? 133 UNK B CB 1 
ATOM 861  N N  . UNK B 1 38  ? -27.763 -37.550 18.317  1.00 838.93 ? 134 UNK B N  1 
ATOM 862  C CA . UNK B 1 38  ? -28.237 -36.268 17.830  1.00 838.93 ? 134 UNK B CA 1 
ATOM 863  C C  . UNK B 1 38  ? -27.393 -35.175 18.442  1.00 838.93 ? 134 UNK B C  1 
ATOM 864  O O  . UNK B 1 38  ? -26.895 -34.275 17.760  1.00 838.93 ? 134 UNK B O  1 
ATOM 865  C CB . UNK B 1 38  ? -29.714 -36.067 18.177  1.00 838.93 ? 134 UNK B CB 1 
ATOM 866  N N  . UNK B 1 39  ? -27.237 -35.283 19.754  1.00 820.12 ? 135 UNK B N  1 
ATOM 867  C CA . UNK B 1 39  ? -26.453 -34.325 20.502  1.00 820.12 ? 135 UNK B CA 1 
ATOM 868  C C  . UNK B 1 39  ? -25.057 -34.241 19.926  1.00 820.12 ? 135 UNK B C  1 
ATOM 869  O O  . UNK B 1 39  ? -24.547 -33.154 19.668  1.00 820.12 ? 135 UNK B O  1 
ATOM 870  C CB . UNK B 1 39  ? -26.397 -34.717 21.976  1.00 820.12 ? 135 UNK B CB 1 
ATOM 871  N N  . UNK B 1 40  ? -24.449 -35.401 19.732  1.00 733.36 ? 136 UNK B N  1 
ATOM 872  C CA . UNK B 1 40  ? -23.072 -35.442 19.249  1.00 733.36 ? 136 UNK B CA 1 
ATOM 873  C C  . UNK B 1 40  ? -22.928 -34.704 17.930  1.00 733.36 ? 136 UNK B C  1 
ATOM 874  O O  . UNK B 1 40  ? -22.010 -33.894 17.705  1.00 733.36 ? 136 UNK B O  1 
ATOM 875  C CB . UNK B 1 40  ? -22.608 -36.882 19.081  1.00 733.36 ? 136 UNK B CB 1 
ATOM 876  N N  . UNK B 1 41  ? -23.861 -35.017 17.045  1.00 797.57 ? 137 UNK B N  1 
ATOM 877  C CA . UNK B 1 41  ? -23.850 -34.484 15.703  1.00 797.57 ? 137 UNK B CA 1 
ATOM 878  C C  . UNK B 1 41  ? -23.941 -32.975 15.783  1.00 797.57 ? 137 UNK B C  1 
ATOM 879  O O  . UNK B 1 41  ? -23.158 -32.241 15.171  1.00 797.57 ? 137 UNK B O  1 
ATOM 880  C CB . UNK B 1 41  ? -25.007 -35.061 14.889  1.00 797.57 ? 137 UNK B CB 1 
ATOM 881  N N  . UNK B 1 42  ? -24.907 -32.528 16.569  1.00 814.68 ? 138 UNK B N  1 
ATOM 882  C CA . UNK B 1 42  ? -25.148 -31.114 16.761  1.00 814.68 ? 138 UNK B CA 1 
ATOM 883  C C  . UNK B 1 42  ? -23.889 -30.429 17.241  1.00 814.68 ? 138 UNK B C  1 
ATOM 884  O O  . UNK B 1 42  ? -23.507 -29.342 16.791  1.00 814.68 ? 138 UNK B O  1 
ATOM 885  C CB . UNK B 1 42  ? -26.271 -30.911 17.769  1.00 814.68 ? 138 UNK B CB 1 
ATOM 886  N N  . UNK B 1 43  ? -23.245 -31.100 18.180  1.00 779.08 ? 139 UNK B N  1 
ATOM 887  C CA . UNK B 1 43  ? -22.055 -30.587 18.814  1.00 779.08 ? 139 UNK B CA 1 
ATOM 888  C C  . UNK B 1 43  ? -21.025 -30.270 17.763  1.00 779.08 ? 139 UNK B C  1 
ATOM 889  O O  . UNK B 1 43  ? -20.564 -29.138 17.611  1.00 779.08 ? 139 UNK B O  1 
ATOM 890  C CB . UNK B 1 43  ? -21.504 -31.608 19.802  1.00 779.08 ? 139 UNK B CB 1 
ATOM 891  N N  . UNK B 1 44  ? -20.683 -31.308 17.021  1.00 799.76 ? 140 UNK B N  1 
ATOM 892  C CA . UNK B 1 44  ? -19.656 -31.184 16.002  1.00 799.76 ? 140 UNK B CA 1 
ATOM 893  C C  . UNK B 1 44  ? -20.008 -30.069 15.031  1.00 799.76 ? 140 UNK B C  1 
ATOM 894  O O  . UNK B 1 44  ? -19.161 -29.266 14.618  1.00 799.76 ? 140 UNK B O  1 
ATOM 895  C CB . UNK B 1 44  ? -19.488 -32.500 15.257  1.00 799.76 ? 140 UNK B CB 1 
ATOM 896  N N  . UNK B 1 45  ? -21.287 -30.022 14.684  1.00 816.87 ? 141 UNK B N  1 
ATOM 897  C CA . UNK B 1 45  ? -21.772 -29.043 13.735  1.00 816.87 ? 141 UNK B CA 1 
ATOM 898  C C  . UNK B 1 45  ? -21.512 -27.641 14.236  1.00 816.87 ? 141 UNK B C  1 
ATOM 899  O O  . UNK B 1 45  ? -21.226 -26.743 13.456  1.00 816.87 ? 141 UNK B O  1 
ATOM 900  C CB . UNK B 1 45  ? -23.265 -29.244 13.485  1.00 816.87 ? 141 UNK B CB 1 
ATOM 901  N N  . UNK B 1 46  ? -21.640 -27.462 15.542  1.00 808.12 ? 142 UNK B N  1 
ATOM 902  C CA . UNK B 1 46  ? -21.455 -26.148 16.131  1.00 808.12 ? 142 UNK B CA 1 
ATOM 903  C C  . UNK B 1 46  ? -20.071 -25.643 15.800  1.00 808.12 ? 142 UNK B C  1 
ATOM 904  O O  . UNK B 1 46  ? -19.871 -24.518 15.322  1.00 808.12 ? 142 UNK B O  1 
ATOM 905  C CB . UNK B 1 46  ? -21.646 -26.200 17.643  1.00 808.12 ? 142 UNK B CB 1 
ATOM 906  N N  . UNK B 1 47  ? -19.107 -26.507 16.071  1.00 831.06 ? 143 UNK B N  1 
ATOM 907  C CA . UNK B 1 47  ? -17.722 -26.195 15.825  1.00 831.06 ? 143 UNK B CA 1 
ATOM 908  C C  . UNK B 1 47  ? -17.553 -25.895 14.364  1.00 831.06 ? 143 UNK B C  1 
ATOM 909  O O  . UNK B 1 47  ? -16.903 -24.922 13.996  1.00 831.06 ? 143 UNK B O  1 
ATOM 910  C CB . UNK B 1 47  ? -16.825 -27.355 16.238  1.00 831.06 ? 143 UNK B CB 1 
ATOM 911  N N  . UNK B 1 48  ? -18.142 -26.750 13.540  1.00 817.16 ? 144 UNK B N  1 
ATOM 912  C CA . UNK B 1 48  ? -18.034 -26.618 12.099  1.00 817.16 ? 144 UNK B CA 1 
ATOM 913  C C  . UNK B 1 48  ? -18.420 -25.215 11.680  1.00 817.16 ? 144 UNK B C  1 
ATOM 914  O O  . UNK B 1 48  ? -17.712 -24.514 10.954  1.00 817.16 ? 144 UNK B O  1 
ATOM 915  C CB . UNK B 1 48  ? -18.927 -27.641 11.403  1.00 817.16 ? 144 UNK B CB 1 
ATOM 916  N N  . UNK B 1 49  ? -19.574 -24.813 12.180  1.00 780.93 ? 145 UNK B N  1 
ATOM 917  C CA . UNK B 1 49  ? -20.180 -23.556 11.818  1.00 780.93 ? 145 UNK B CA 1 
ATOM 918  C C  . UNK B 1 49  ? -19.299 -22.407 12.224  1.00 780.93 ? 145 UNK B C  1 
ATOM 919  O O  . UNK B 1 49  ? -18.967 -21.536 11.416  1.00 780.93 ? 145 UNK B O  1 
ATOM 920  C CB . UNK B 1 49  ? -21.547 -23.427 12.478  1.00 780.93 ? 145 UNK B CB 1 
ATOM 921  N N  . UNK B 1 50  ? -18.938 -22.417 13.498  1.00 710.34 ? 146 UNK B N  1 
ATOM 922  C CA . UNK B 1 50  ? -18.183 -21.328 14.073  1.00 710.34 ? 146 UNK B CA 1 
ATOM 923  C C  . UNK B 1 50  ? -16.883 -21.165 13.321  1.00 710.34 ? 146 UNK B C  1 
ATOM 924  O O  . UNK B 1 50  ? -16.434 -20.051 13.028  1.00 710.34 ? 146 UNK B O  1 
ATOM 925  C CB . UNK B 1 50  ? -17.923 -21.589 15.550  1.00 710.34 ? 146 UNK B CB 1 
ATOM 926  N N  . UNK B 1 51  ? -16.280 -22.302 13.005  1.00 755.97 ? 147 UNK B N  1 
ATOM 927  C CA . UNK B 1 51  ? -15.013 -22.327 12.315  1.00 755.97 ? 147 UNK B CA 1 
ATOM 928  C C  . UNK B 1 51  ? -15.171 -21.674 10.968  1.00 755.97 ? 147 UNK B C  1 
ATOM 929  O O  . UNK B 1 51  ? -14.440 -20.732 10.645  1.00 755.97 ? 147 UNK B O  1 
ATOM 930  C CB . UNK B 1 51  ? -14.517 -23.760 12.156  1.00 755.97 ? 147 UNK B CB 1 
ATOM 931  N N  . UNK B 1 52  ? -16.110 -22.208 10.188  1.00 796.15 ? 148 UNK B N  1 
ATOM 932  C CA . UNK B 1 52  ? -16.440 -21.689 8.870   1.00 796.15 ? 148 UNK B CA 1 
ATOM 933  C C  . UNK B 1 52  ? -16.481 -20.184 8.917   1.00 796.15 ? 148 UNK B C  1 
ATOM 934  O O  . UNK B 1 52  ? -15.773 -19.464 8.196   1.00 796.15 ? 148 UNK B O  1 
ATOM 935  C CB . UNK B 1 52  ? -17.791 -22.230 8.414   1.00 796.15 ? 148 UNK B CB 1 
ATOM 936  N N  . UNK B 1 53  ? -17.318 -19.723 9.831   1.00 777.32 ? 149 UNK B N  1 
ATOM 937  C CA . UNK B 1 53  ? -17.565 -18.313 10.031  1.00 777.32 ? 149 UNK B CA 1 
ATOM 938  C C  . UNK B 1 53  ? -16.289 -17.525 10.242  1.00 777.32 ? 149 UNK B C  1 
ATOM 939  O O  . UNK B 1 53  ? -15.840 -16.784 9.362   1.00 777.32 ? 149 UNK B O  1 
ATOM 940  C CB . UNK B 1 53  ? -18.483 -18.123 11.235  1.00 777.32 ? 149 UNK B CB 1 
ATOM 941  N N  . UNK B 1 54  ? -15.717 -17.704 11.424  1.00 700.16 ? 150 UNK B N  1 
ATOM 942  C CA . UNK B 1 54  ? -14.603 -16.885 11.872  1.00 700.16 ? 150 UNK B CA 1 
ATOM 943  C C  . UNK B 1 54  ? -13.470 -16.916 10.875  1.00 700.16 ? 150 UNK B C  1 
ATOM 944  O O  . UNK B 1 54  ? -12.768 -15.924 10.657  1.00 700.16 ? 150 UNK B O  1 
ATOM 945  C CB . UNK B 1 54  ? -14.111 -17.364 13.233  1.00 700.16 ? 150 UNK B CB 1 
ATOM 946  N N  . UNK B 1 55  ? -13.295 -18.065 10.245  1.00 654.21 ? 151 UNK B N  1 
ATOM 947  C CA . UNK B 1 55  ? -12.247 -18.194 9.267   1.00 654.21 ? 151 UNK B CA 1 
ATOM 948  C C  . UNK B 1 55  ? -12.548 -17.304 8.071   1.00 654.21 ? 151 UNK B C  1 
ATOM 949  O O  . UNK B 1 55  ? -11.666 -16.574 7.623   1.00 654.21 ? 151 UNK B O  1 
ATOM 950  C CB . UNK B 1 55  ? -12.095 -19.653 8.851   1.00 654.21 ? 151 UNK B CB 1 
ATOM 951  N N  . UNK B 1 56  ? -13.777 -17.346 7.566   1.00 741.35 ? 152 UNK B N  1 
ATOM 952  C CA . UNK B 1 56  ? -14.130 -16.520 6.418   1.00 741.35 ? 152 UNK B CA 1 
ATOM 953  C C  . UNK B 1 56  ? -13.946 -15.058 6.774   1.00 741.35 ? 152 UNK B C  1 
ATOM 954  O O  . UNK B 1 56  ? -13.597 -14.201 5.958   1.00 741.35 ? 152 UNK B O  1 
ATOM 955  C CB . UNK B 1 56  ? -15.566 -16.788 5.987   1.00 741.35 ? 152 UNK B CB 1 
ATOM 956  N N  . UNK B 1 57  ? -14.196 -14.789 8.045   1.00 808.94 ? 153 UNK B N  1 
ATOM 957  C CA . UNK B 1 57  ? -14.021 -13.460 8.581   1.00 808.94 ? 153 UNK B CA 1 
ATOM 958  C C  . UNK B 1 57  ? -12.582 -13.039 8.372   1.00 808.94 ? 153 UNK B C  1 
ATOM 959  O O  . UNK B 1 57  ? -12.278 -12.017 7.743   1.00 808.94 ? 153 UNK B O  1 
ATOM 960  C CB . UNK B 1 57  ? -14.384 -13.428 10.061  1.00 808.94 ? 153 UNK B CB 1 
ATOM 961  N N  . UNK B 1 58  ? -11.698 -13.864 8.911   1.00 758.86 ? 154 UNK B N  1 
ATOM 962  C CA . UNK B 1 58  ? -10.274 -13.617 8.822   1.00 758.86 ? 154 UNK B CA 1 
ATOM 963  C C  . UNK B 1 58  ? -9.875  -13.422 7.372   1.00 758.86 ? 154 UNK B C  1 
ATOM 964  O O  . UNK B 1 58  ? -9.018  -12.600 7.038   1.00 758.86 ? 154 UNK B O  1 
ATOM 965  C CB . UNK B 1 58  ? -9.494  -14.774 9.431   1.00 758.86 ? 154 UNK B CB 1 
ATOM 966  N N  . UNK B 1 59  ? -10.523 -14.197 6.515   1.00 744.19 ? 155 UNK B N  1 
ATOM 967  C CA . UNK B 1 59  ? -10.256 -14.176 5.088   1.00 744.19 ? 155 UNK B CA 1 
ATOM 968  C C  . UNK B 1 59  ? -10.516 -12.789 4.526   1.00 744.19 ? 155 UNK B C  1 
ATOM 969  O O  . UNK B 1 59  ? -9.687  -12.186 3.839   1.00 744.19 ? 155 UNK B O  1 
ATOM 970  C CB . UNK B 1 59  ? -11.122 -15.212 4.372   1.00 744.19 ? 155 UNK B CB 1 
ATOM 971  N N  . UNK B 1 60  ? -11.693 -12.278 4.839   1.00 866.33 ? 156 UNK B N  1 
ATOM 972  C CA . UNK B 1 60  ? -12.061 -10.951 4.381   1.00 866.33 ? 156 UNK B CA 1 
ATOM 973  C C  . UNK B 1 60  ? -11.079 -9.894  4.902   1.00 866.33 ? 156 UNK B C  1 
ATOM 974  O O  . UNK B 1 60  ? -10.684 -8.956  4.194   1.00 866.33 ? 156 UNK B O  1 
ATOM 975  C CB . UNK B 1 60  ? -13.479 -10.626 4.826   1.00 866.33 ? 156 UNK B CB 1 
ATOM 976  N N  . UNK B 1 61  ? -10.687 -10.060 6.160   1.00 902.50 ? 157 UNK B N  1 
ATOM 977  C CA . UNK B 1 61  ? -9.800  -9.093  6.811   1.00 902.50 ? 157 UNK B CA 1 
ATOM 978  C C  . UNK B 1 61  ? -8.469  -9.008  6.094   1.00 902.50 ? 157 UNK B C  1 
ATOM 979  O O  . UNK B 1 61  ? -7.875  -7.951  5.845   1.00 902.50 ? 157 UNK B O  1 
ATOM 980  C CB . UNK B 1 61  ? -9.567  -9.478  8.272   1.00 902.50 ? 157 UNK B CB 1 
ATOM 981  N N  . UNK B 1 62  ? -7.979  -10.182 5.764   1.00 870.55 ? 158 UNK B N  1 
ATOM 982  C CA . UNK B 1 62  ? -6.739  -10.261 5.041   1.00 870.55 ? 158 UNK B CA 1 
ATOM 983  C C  . UNK B 1 62  ? -6.935  -9.642  3.672   1.00 870.55 ? 158 UNK B C  1 
ATOM 984  O O  . UNK B 1 62  ? -6.015  -9.026  3.162   1.00 870.55 ? 158 UNK B O  1 
ATOM 985  C CB . UNK B 1 62  ? -6.276  -11.707 4.924   1.00 870.55 ? 158 UNK B CB 1 
ATOM 986  N N  . UNK B 1 63  ? -8.112  -9.825  3.082   1.00 908.16 ? 159 UNK B N  1 
ATOM 987  C CA . UNK B 1 63  ? -8.374  -9.280  1.755   1.00 908.16 ? 159 UNK B CA 1 
ATOM 988  C C  . UNK B 1 63  ? -8.180  -7.785  1.814   1.00 908.16 ? 159 UNK B C  1 
ATOM 989  O O  . UNK B 1 63  ? -7.616  -7.137  0.929   1.00 908.16 ? 159 UNK B O  1 
ATOM 990  C CB . UNK B 1 63  ? -9.786  -9.617  1.289   1.00 908.16 ? 159 UNK B CB 1 
ATOM 991  N N  . UNK B 1 64  ? -8.683  -7.247  2.909   1.00 913.37 ? 160 UNK B N  1 
ATOM 992  C CA . UNK B 1 64  ? -8.474  -5.852  3.211   1.00 913.37 ? 160 UNK B CA 1 
ATOM 993  C C  . UNK B 1 64  ? -6.987  -5.577  3.180   1.00 913.37 ? 160 UNK B C  1 
ATOM 994  O O  . UNK B 1 64  ? -6.508  -4.861  2.304   1.00 913.37 ? 160 UNK B O  1 
ATOM 995  C CB . UNK B 1 64  ? -9.056  -5.495  4.572   1.00 913.37 ? 160 UNK B CB 1 
ATOM 996  N N  . UNK B 1 65  ? -6.274  -6.187  4.122   1.00 842.41 ? 161 UNK B N  1 
ATOM 997  C CA . UNK B 1 65  ? -4.826  -5.995  4.275   1.00 842.41 ? 161 UNK B CA 1 
ATOM 998  C C  . UNK B 1 65  ? -4.106  -5.973  2.930   1.00 842.41 ? 161 UNK B C  1 
ATOM 999  O O  . UNK B 1 65  ? -3.191  -5.189  2.617   1.00 842.41 ? 161 UNK B O  1 
ATOM 1000 C CB . UNK B 1 65  ? -4.248  -7.103  5.153   1.00 842.41 ? 161 UNK B CB 1 
ATOM 1001 N N  . UNK B 1 66  ? -4.586  -6.872  2.097   1.00 847.76 ? 162 UNK B N  1 
ATOM 1002 C CA . UNK B 1 66  ? -4.064  -7.069  0.771   1.00 847.76 ? 162 UNK B CA 1 
ATOM 1003 C C  . UNK B 1 66  ? -4.257  -5.827  -0.060  1.00 847.76 ? 162 UNK B C  1 
ATOM 1004 O O  . UNK B 1 66  ? -3.301  -5.264  -0.587  1.00 847.76 ? 162 UNK B O  1 
ATOM 1005 C CB . UNK B 1 66  ? -4.763  -8.250  0.112   1.00 847.76 ? 162 UNK B CB 1 
ATOM 1006 N N  . UNK B 1 67  ? -5.511  -5.415  -0.174  1.00 917.01 ? 163 UNK B N  1 
ATOM 1007 C CA . UNK B 1 67  ? -5.861  -4.250  -0.970  1.00 917.01 ? 163 UNK B CA 1 
ATOM 1008 C C  . UNK B 1 67  ? -5.061  -3.052  -0.497  1.00 917.01 ? 163 UNK B C  1 
ATOM 1009 O O  . UNK B 1 67  ? -4.688  -2.161  -1.260  1.00 917.01 ? 163 UNK B O  1 
ATOM 1010 C CB . UNK B 1 67  ? -7.357  -3.969  -0.874  1.00 917.01 ? 163 UNK B CB 1 
ATOM 1011 N N  . UNK B 1 68  ? -4.792  -3.051  0.800   1.00 890.28 ? 164 UNK B N  1 
ATOM 1012 C CA . UNK B 1 68  ? -4.006  -2.002  1.410   1.00 890.28 ? 164 UNK B CA 1 
ATOM 1013 C C  . UNK B 1 68  ? -2.644  -1.961  0.771   1.00 890.28 ? 164 UNK B C  1 
ATOM 1014 O O  . UNK B 1 68  ? -2.213  -0.927  0.259   1.00 890.28 ? 164 UNK B O  1 
ATOM 1015 C CB . UNK B 1 68  ? -3.873  -2.234  2.909   1.00 890.28 ? 164 UNK B CB 1 
ATOM 1016 N N  . UNK B 1 69  ? -1.974  -3.103  0.832   1.00 828.74 ? 165 UNK B N  1 
ATOM 1017 C CA . UNK B 1 69  ? -0.671  -3.237  0.206   1.00 828.74 ? 165 UNK B CA 1 
ATOM 1018 C C  . UNK B 1 69  ? -0.768  -2.750  -1.232  1.00 828.74 ? 165 UNK B C  1 
ATOM 1019 O O  . UNK B 1 69  ? 0.064   -1.995  -1.735  1.00 828.74 ? 165 UNK B O  1 
ATOM 1020 C CB . UNK B 1 69  ? -0.199  -4.687  0.255   1.00 828.74 ? 165 UNK B CB 1 
ATOM 1021 N N  . UNK B 1 70  ? -1.838  -3.182  -1.876  1.00 860.24 ? 166 UNK B N  1 
ATOM 1022 C CA . UNK B 1 70  ? -2.066  -2.916  -3.280  1.00 860.24 ? 166 UNK B CA 1 
ATOM 1023 C C  . UNK B 1 70  ? -2.135  -1.431  -3.567  1.00 860.24 ? 166 UNK B C  1 
ATOM 1024 O O  . UNK B 1 70  ? -1.773  -0.969  -4.638  1.00 860.24 ? 166 UNK B O  1 
ATOM 1025 C CB . UNK B 1 70  ? -3.355  -3.590  -3.736  1.00 860.24 ? 166 UNK B CB 1 
ATOM 1026 N N  . UNK B 1 71  ? -2.630  -0.678  -2.606  1.00 881.22 ? 167 UNK B N  1 
ATOM 1027 C CA . UNK B 1 71  ? -2.768  0.750   -2.817  1.00 881.22 ? 167 UNK B CA 1 
ATOM 1028 C C  . UNK B 1 71  ? -1.459  1.445   -2.480  1.00 881.22 ? 167 UNK B C  1 
ATOM 1029 O O  . UNK B 1 71  ? -1.051  2.444   -3.093  1.00 881.22 ? 167 UNK B O  1 
ATOM 1030 C CB . UNK B 1 71  ? -3.905  1.300   -1.969  1.00 881.22 ? 167 UNK B CB 1 
ATOM 1031 N N  . UNK B 1 72  ? -0.795  0.889   -1.477  1.00 835.47 ? 168 UNK B N  1 
ATOM 1032 C CA . UNK B 1 72  ? 0.488   1.400   -1.028  1.00 835.47 ? 168 UNK B CA 1 
ATOM 1033 C C  . UNK B 1 72  ? 1.414   1.394   -2.217  1.00 835.47 ? 168 UNK B C  1 
ATOM 1034 O O  . UNK B 1 72  ? 2.314   2.233   -2.407  1.00 835.47 ? 168 UNK B O  1 
ATOM 1035 C CB . UNK B 1 72  ? 1.046   0.537   0.096   1.00 835.47 ? 168 UNK B CB 1 
ATOM 1036 N N  . UNK B 1 73  ? 1.167   0.375   -3.023  1.00 742.07 ? 169 UNK B N  1 
ATOM 1037 C CA . UNK B 1 73  ? 1.776   0.270   -4.321  1.00 742.07 ? 169 UNK B CA 1 
ATOM 1038 C C  . UNK B 1 73  ? 1.608   1.596   -5.024  1.00 742.07 ? 169 UNK B C  1 
ATOM 1039 O O  . UNK B 1 73  ? 2.569   2.335   -5.133  1.00 742.07 ? 169 UNK B O  1 
ATOM 1040 C CB . UNK B 1 73  ? 1.143   -0.853  -5.129  1.00 742.07 ? 169 UNK B CB 1 
ATOM 1041 N N  . UNK B 1 74  ? 0.383   1.903   -5.433  1.00 789.75 ? 170 UNK B N  1 
ATOM 1042 C CA . UNK B 1 74  ? 0.077   3.123   -6.172  1.00 789.75 ? 170 UNK B CA 1 
ATOM 1043 C C  . UNK B 1 74  ? 0.800   4.329   -5.616  1.00 789.75 ? 170 UNK B C  1 
ATOM 1044 O O  . UNK B 1 74  ? 1.254   5.210   -6.336  1.00 789.75 ? 170 UNK B O  1 
ATOM 1045 C CB . UNK B 1 74  ? -1.424  3.379   -6.153  1.00 789.75 ? 170 UNK B CB 1 
ATOM 1046 N N  . UNK B 1 75  ? 0.898   4.349   -4.299  1.00 908.76 ? 171 UNK B N  1 
ATOM 1047 C CA . UNK B 1 75  ? 1.609   5.423   -3.628  1.00 908.76 ? 171 UNK B CA 1 
ATOM 1048 C C  . UNK B 1 75  ? 3.037   5.494   -4.129  1.00 908.76 ? 171 UNK B C  1 
ATOM 1049 O O  . UNK B 1 75  ? 3.481   6.449   -4.792  1.00 908.76 ? 171 UNK B O  1 
ATOM 1050 C CB . UNK B 1 75  ? 1.604   5.208   -2.121  1.00 908.76 ? 171 UNK B CB 1 
ATOM 1051 N N  . UNK B 1 76  ? 3.762   4.437   -3.805  1.00 861.98 ? 172 UNK B N  1 
ATOM 1052 C CA . UNK B 1 76  ? 5.173   4.359   -4.145  1.00 861.98 ? 172 UNK B CA 1 
ATOM 1053 C C  . UNK B 1 76  ? 5.358   4.558   -5.643  1.00 861.98 ? 172 UNK B C  1 
ATOM 1054 O O  . UNK B 1 76  ? 6.371   5.083   -6.127  1.00 861.98 ? 172 UNK B O  1 
ATOM 1055 C CB . UNK B 1 76  ? 5.755   3.020   -3.705  1.00 861.98 ? 172 UNK B CB 1 
ATOM 1056 N N  . UNK B 1 77  ? 4.341   4.112   -6.369  1.00 774.70 ? 173 UNK B N  1 
ATOM 1057 C CA . UNK B 1 77  ? 4.285   4.208   -7.809  1.00 774.70 ? 173 UNK B CA 1 
ATOM 1058 C C  . UNK B 1 77  ? 4.399   5.658   -8.192  1.00 774.70 ? 173 UNK B C  1 
ATOM 1059 O O  . UNK B 1 77  ? 5.320   6.066   -8.897  1.00 774.70 ? 173 UNK B O  1 
ATOM 1060 C CB . UNK B 1 77  ? 2.981   3.616   -8.342  1.00 774.70 ? 173 UNK B CB 1 
ATOM 1061 N N  . UNK B 1 78  ? 3.446   6.431   -7.693  1.00 816.93 ? 174 UNK B N  1 
ATOM 1062 C CA . UNK B 1 78  ? 3.411   7.863   -7.903  1.00 816.93 ? 174 UNK B CA 1 
ATOM 1063 C C  . UNK B 1 78  ? 4.766   8.474   -7.581  1.00 816.93 ? 174 UNK B C  1 
ATOM 1064 O O  . UNK B 1 78  ? 5.233   9.401   -8.241  1.00 816.93 ? 174 UNK B O  1 
ATOM 1065 C CB . UNK B 1 78  ? 2.321   8.491   -7.038  1.00 816.93 ? 174 UNK B CB 1 
ATOM 1066 N N  . UNK B 1 79  ? 5.411   7.921   -6.565  1.00 848.14 ? 175 UNK B N  1 
ATOM 1067 C CA . UNK B 1 79  ? 6.692   8.470   -6.126  1.00 848.14 ? 175 UNK B CA 1 
ATOM 1068 C C  . UNK B 1 79  ? 7.857   8.291   -7.114  1.00 848.14 ? 175 UNK B C  1 
ATOM 1069 O O  . UNK B 1 79  ? 8.563   9.256   -7.453  1.00 848.14 ? 175 UNK B O  1 
ATOM 1070 C CB . UNK B 1 79  ? 7.075   7.846   -4.787  1.00 848.14 ? 175 UNK B CB 1 
ATOM 1071 N N  . UNK B 1 80  ? 8.053   7.052   -7.554  1.00 820.64 ? 176 UNK B N  1 
ATOM 1072 C CA . UNK B 1 80  ? 9.311   6.639   -8.197  1.00 820.64 ? 176 UNK B CA 1 
ATOM 1073 C C  . UNK B 1 80  ? 9.700   7.392   -9.458  1.00 820.64 ? 176 UNK B C  1 
ATOM 1074 O O  . UNK B 1 80  ? 10.818  7.886   -9.610  1.00 820.64 ? 176 UNK B O  1 
ATOM 1075 C CB . UNK B 1 80  ? 9.258   5.147   -8.521  1.00 820.64 ? 176 UNK B CB 1 
ATOM 1076 N N  . UNK B 1 81  ? 8.776   7.463   -10.397 1.00 810.53 ? 177 UNK B N  1 
ATOM 1077 C CA . UNK B 1 81  ? 9.092   8.104   -11.655 1.00 810.53 ? 177 UNK B CA 1 
ATOM 1078 C C  . UNK B 1 81  ? 9.084   9.606   -11.475 1.00 810.53 ? 177 UNK B C  1 
ATOM 1079 O O  . UNK B 1 81  ? 9.750   10.308  -12.224 1.00 810.53 ? 177 UNK B O  1 
ATOM 1080 C CB . UNK B 1 81  ? 8.106   7.689   -12.737 1.00 810.53 ? 177 UNK B CB 1 
ATOM 1081 N N  . UNK B 1 82  ? 8.322   10.088  -10.499 1.00 857.27 ? 178 UNK B N  1 
ATOM 1082 C CA . UNK B 1 82  ? 8.334   11.504  -10.168 1.00 857.27 ? 178 UNK B CA 1 
ATOM 1083 C C  . UNK B 1 82  ? 9.771   11.842  -9.899  1.00 857.27 ? 178 UNK B C  1 
ATOM 1084 O O  . UNK B 1 82  ? 10.363  12.788  -10.433 1.00 857.27 ? 178 UNK B O  1 
ATOM 1085 C CB . UNK B 1 82  ? 7.470   11.802  -8.946  1.00 857.27 ? 178 UNK B CB 1 
ATOM 1086 N N  . UNK B 1 83  ? 10.336  10.986  -9.062  1.00 890.73 ? 179 UNK B N  1 
ATOM 1087 C CA . UNK B 1 83  ? 11.722  11.082  -8.659  1.00 890.73 ? 179 UNK B CA 1 
ATOM 1088 C C  . UNK B 1 83  ? 12.686  11.023  -9.842  1.00 890.73 ? 179 UNK B C  1 
ATOM 1089 O O  . UNK B 1 83  ? 13.590  11.845  -9.955  1.00 890.73 ? 179 UNK B O  1 
ATOM 1090 C CB . UNK B 1 83  ? 12.038  9.963   -7.674  1.00 890.73 ? 179 UNK B CB 1 
ATOM 1091 N N  . UNK B 1 84  ? 12.497  10.032  -10.705 1.00 925.40 ? 180 UNK B N  1 
ATOM 1092 C CA . UNK B 1 84  ? 13.373  9.845   -11.864 1.00 925.40 ? 180 UNK B CA 1 
ATOM 1093 C C  . UNK B 1 84  ? 13.385  11.070  -12.787 1.00 925.40 ? 180 UNK B C  1 
ATOM 1094 O O  . UNK B 1 84  ? 14.433  11.592  -13.224 1.00 925.40 ? 180 UNK B O  1 
ATOM 1095 C CB . UNK B 1 84  ? 12.937  8.607   -12.646 1.00 925.40 ? 180 UNK B CB 1 
ATOM 1096 N N  . UNK B 1 85  ? 12.173  11.518  -13.089 1.00 887.36 ? 181 UNK B N  1 
ATOM 1097 C CA . UNK B 1 85  ? 11.948  12.637  -13.975 1.00 887.36 ? 181 UNK B CA 1 
ATOM 1098 C C  . UNK B 1 85  ? 12.588  13.873  -13.400 1.00 887.36 ? 181 UNK B C  1 
ATOM 1099 O O  . UNK B 1 85  ? 13.231  14.634  -14.109 1.00 887.36 ? 181 UNK B O  1 
ATOM 1100 C CB . UNK B 1 85  ? 10.454  12.860  -14.184 1.00 887.36 ? 181 UNK B CB 1 
ATOM 1101 N N  . UNK B 1 86  ? 12.419  14.075  -12.104 1.00 912.53 ? 182 UNK B N  1 
ATOM 1102 C CA . UNK B 1 86  ? 13.011  15.237  -11.488 1.00 912.53 ? 182 UNK B CA 1 
ATOM 1103 C C  . UNK B 1 86  ? 14.534  15.097  -11.464 1.00 912.53 ? 182 UNK B C  1 
ATOM 1104 O O  . UNK B 1 86  ? 15.225  16.100  -11.564 1.00 912.53 ? 182 UNK B O  1 
ATOM 1105 C CB . UNK B 1 86  ? 12.446  15.434  -10.088 1.00 912.53 ? 182 UNK B CB 1 
ATOM 1106 N N  . UNK B 1 87  ? 15.037  13.871  -11.326 1.00 912.90 ? 183 UNK B N  1 
ATOM 1107 C CA . UNK B 1 87  ? 16.467  13.606  -11.386 1.00 912.90 ? 183 UNK B CA 1 
ATOM 1108 C C  . UNK B 1 87  ? 16.997  14.271  -12.611 1.00 912.90 ? 183 UNK B C  1 
ATOM 1109 O O  . UNK B 1 87  ? 17.796  15.219  -12.594 1.00 912.90 ? 183 UNK B O  1 
ATOM 1110 C CB . UNK B 1 87  ? 16.751  12.112  -11.437 1.00 912.90 ? 183 UNK B CB 1 
ATOM 1111 N N  . UNK B 1 88  ? 16.459  13.765  -13.704 1.00 875.08 ? 184 UNK B N  1 
ATOM 1112 C CA . UNK B 1 88  ? 16.822  14.241  -15.018 1.00 875.08 ? 184 UNK B CA 1 
ATOM 1113 C C  . UNK B 1 88  ? 16.579  15.747  -15.214 1.00 875.08 ? 184 UNK B C  1 
ATOM 1114 O O  . UNK B 1 88  ? 17.407  16.422  -15.805 1.00 875.08 ? 184 UNK B O  1 
ATOM 1115 C CB . UNK B 1 88  ? 16.061  13.447  -16.070 1.00 875.08 ? 184 UNK B CB 1 
ATOM 1116 N N  . UNK B 1 89  ? 15.472  16.283  -14.715 1.00 895.46 ? 185 UNK B N  1 
ATOM 1117 C CA . UNK B 1 89  ? 15.117  17.679  -14.989 1.00 895.46 ? 185 UNK B CA 1 
ATOM 1118 C C  . UNK B 1 89  ? 16.008  18.673  -14.249 1.00 895.46 ? 185 UNK B C  1 
ATOM 1119 O O  . UNK B 1 89  ? 16.443  19.720  -14.776 1.00 895.46 ? 185 UNK B O  1 
ATOM 1120 C CB . UNK B 1 89  ? 13.656  17.928  -14.617 1.00 895.46 ? 185 UNK B CB 1 
ATOM 1121 N N  . UNK B 1 90  ? 16.271  18.341  -12.993 1.00 920.96 ? 186 UNK B N  1 
ATOM 1122 C CA . UNK B 1 90  ? 17.144  19.134  -12.155 1.00 920.96 ? 186 UNK B CA 1 
ATOM 1123 C C  . UNK B 1 90  ? 18.534  19.060  -12.738 1.00 920.96 ? 186 UNK B C  1 
ATOM 1124 O O  . UNK B 1 90  ? 19.291  20.026  -12.706 1.00 920.96 ? 186 UNK B O  1 
ATOM 1125 C CB . UNK B 1 90  ? 17.118  18.628  -10.720 1.00 920.96 ? 186 UNK B CB 1 
ATOM 1126 N N  . UNK B 1 91  ? 18.854  17.912  -13.323 1.00 850.60 ? 187 UNK B N  1 
ATOM 1127 C CA . UNK B 1 91  ? 20.093  17.799  -14.066 1.00 850.60 ? 187 UNK B CA 1 
ATOM 1128 C C  . UNK B 1 91  ? 20.067  18.685  -15.318 1.00 850.60 ? 187 UNK B C  1 
ATOM 1129 O O  . UNK B 1 91  ? 21.103  19.181  -15.741 1.00 850.60 ? 187 UNK B O  1 
ATOM 1130 C CB . UNK B 1 91  ? 20.353  16.340  -14.441 1.00 850.60 ? 187 UNK B CB 1 
ATOM 1131 N N  . UNK B 1 92  ? 18.892  18.851  -15.921 1.00 913.44 ? 188 UNK B N  1 
ATOM 1132 C CA . UNK B 1 92  ? 18.769  19.677  -17.121 1.00 913.44 ? 188 UNK B CA 1 
ATOM 1133 C C  . UNK B 1 92  ? 19.226  21.072  -16.769 1.00 913.44 ? 188 UNK B C  1 
ATOM 1134 O O  . UNK B 1 92  ? 20.159  21.621  -17.351 1.00 913.44 ? 188 UNK B O  1 
ATOM 1135 C CB . UNK B 1 92  ? 17.333  19.701  -17.649 1.00 913.44 ? 188 UNK B CB 1 
ATOM 1136 N N  . UNK B 1 93  ? 18.562  21.623  -15.769 1.00 999.99 ? 189 UNK B N  1 
ATOM 1137 C CA . UNK B 1 93  ? 18.935  22.939  -15.271 1.00 999.99 ? 189 UNK B CA 1 
ATOM 1138 C C  . UNK B 1 93  ? 20.391  22.961  -14.821 1.00 999.99 ? 189 UNK B C  1 
ATOM 1139 O O  . UNK B 1 93  ? 21.097  23.950  -14.992 1.00 999.99 ? 189 UNK B O  1 
ATOM 1140 C CB . UNK B 1 93  ? 18.031  23.351  -14.119 1.00 999.99 ? 189 UNK B CB 1 
ATOM 1141 N N  . UNK B 1 94  ? 20.844  21.846  -14.262 1.00 932.97 ? 190 UNK B N  1 
ATOM 1142 C CA . UNK B 1 94  ? 22.192  21.735  -13.752 1.00 932.97 ? 190 UNK B CA 1 
ATOM 1143 C C  . UNK B 1 94  ? 23.220  21.949  -14.823 1.00 932.97 ? 190 UNK B C  1 
ATOM 1144 O O  . UNK B 1 94  ? 23.973  22.907  -14.804 1.00 932.97 ? 190 UNK B O  1 
ATOM 1145 C CB . UNK B 1 94  ? 22.396  20.373  -13.102 1.00 932.97 ? 190 UNK B CB 1 
ATOM 1146 N N  . UNK B 1 95  ? 23.238  21.024  -15.764 1.00 867.27 ? 191 UNK B N  1 
ATOM 1147 C CA . UNK B 1 95  ? 24.175  21.054  -16.864 1.00 867.27 ? 191 UNK B CA 1 
ATOM 1148 C C  . UNK B 1 95  ? 23.961  22.309  -17.678 1.00 867.27 ? 191 UNK B C  1 
ATOM 1149 O O  . UNK B 1 95  ? 24.882  22.772  -18.341 1.00 867.27 ? 191 UNK B O  1 
ATOM 1150 C CB . UNK B 1 95  ? 24.024  19.815  -17.740 1.00 867.27 ? 191 UNK B CB 1 
ATOM 1151 N N  . UNK B 1 96  ? 22.756  22.865  -17.619 1.00 904.11 ? 192 UNK B N  1 
ATOM 1152 C CA . UNK B 1 96  ? 22.501  24.143  -18.247 1.00 904.11 ? 192 UNK B CA 1 
ATOM 1153 C C  . UNK B 1 96  ? 23.444  25.161  -17.646 1.00 904.11 ? 192 UNK B C  1 
ATOM 1154 O O  . UNK B 1 96  ? 24.263  25.827  -18.327 1.00 904.11 ? 192 UNK B O  1 
ATOM 1155 C CB . UNK B 1 96  ? 21.046  24.559  -18.031 1.00 904.11 ? 192 UNK B CB 1 
ATOM 1156 N N  . UNK B 1 97  ? 23.301  25.264  -16.332 1.00 918.12 ? 193 UNK B N  1 
ATOM 1157 C CA . UNK B 1 97  ? 24.088  26.163  -15.530 1.00 918.12 ? 193 UNK B CA 1 
ATOM 1158 C C  . UNK B 1 97  ? 25.554  25.916  -15.828 1.00 918.12 ? 193 UNK B C  1 
ATOM 1159 O O  . UNK B 1 97  ? 26.325  26.835  -16.005 1.00 918.12 ? 193 UNK B O  1 
ATOM 1160 C CB . UNK B 1 97  ? 23.766  25.961  -14.053 1.00 918.12 ? 193 UNK B CB 1 
ATOM 1161 N N  . UNK B 1 98  ? 25.909  24.648  -15.945 1.00 908.88 ? 194 UNK B N  1 
ATOM 1162 C CA . UNK B 1 98  ? 27.287  24.248  -16.187 1.00 908.88 ? 194 UNK B CA 1 
ATOM 1163 C C  . UNK B 1 98  ? 27.858  24.753  -17.514 1.00 908.88 ? 194 UNK B C  1 
ATOM 1164 O O  . UNK B 1 98  ? 28.961  25.290  -17.574 1.00 908.88 ? 194 UNK B O  1 
ATOM 1165 C CB . UNK B 1 98  ? 27.385  22.729  -16.148 1.00 908.88 ? 194 UNK B CB 1 
ATOM 1166 N N  . UNK B 1 99  ? 27.114  24.538  -18.586 1.00 893.20 ? 195 UNK B N  1 
ATOM 1167 C CA . UNK B 1 99  ? 27.571  24.927  -19.907 1.00 893.20 ? 195 UNK B CA 1 
ATOM 1168 C C  . UNK B 1 99  ? 27.793  26.423  -19.920 1.00 893.20 ? 195 UNK B C  1 
ATOM 1169 O O  . UNK B 1 99  ? 28.850  26.943  -20.309 1.00 893.20 ? 195 UNK B O  1 
ATOM 1170 C CB . UNK B 1 99  ? 26.555  24.528  -20.971 1.00 893.20 ? 195 UNK B CB 1 
ATOM 1171 N N  . UNK B 1 100 ? 26.773  27.127  -19.453 1.00 883.31 ? 196 UNK B N  1 
ATOM 1172 C CA . UNK B 1 100 ? 26.876  28.571  -19.412 1.00 883.31 ? 196 UNK B CA 1 
ATOM 1173 C C  . UNK B 1 100 ? 28.021  28.966  -18.501 1.00 883.31 ? 196 UNK B C  1 
ATOM 1174 O O  . UNK B 1 100 ? 28.648  30.002  -18.679 1.00 883.31 ? 196 UNK B O  1 
ATOM 1175 C CB . UNK B 1 100 ? 25.571  29.192  -18.929 1.00 883.31 ? 196 UNK B CB 1 
ATOM 1176 N N  . UNK B 1 101 ? 28.301  28.121  -17.522 1.00 826.49 ? 197 UNK B N  1 
ATOM 1177 C CA . UNK B 1 101 ? 29.315  28.416  -16.536 1.00 826.49 ? 197 UNK B CA 1 
ATOM 1178 C C  . UNK B 1 101 ? 30.654  28.423  -17.214 1.00 826.49 ? 197 UNK B C  1 
ATOM 1179 O O  . UNK B 1 101 ? 31.519  29.256  -16.974 1.00 826.49 ? 197 UNK B O  1 
ATOM 1180 C CB . UNK B 1 101 ? 29.283  27.386  -15.408 1.00 826.49 ? 197 UNK B CB 1 
ATOM 1181 N N  . UNK B 1 102 ? 30.813  27.445  -18.080 1.00 822.07 ? 198 UNK B N  1 
ATOM 1182 C CA . UNK B 1 102 ? 32.024  27.338  -18.852 1.00 822.07 ? 198 UNK B CA 1 
ATOM 1183 C C  . UNK B 1 102 ? 32.162  28.601  -19.674 1.00 822.07 ? 198 UNK B C  1 
ATOM 1184 O O  . UNK B 1 102 ? 33.244  29.203  -19.796 1.00 822.07 ? 198 UNK B O  1 
ATOM 1185 C CB . UNK B 1 102 ? 31.976  26.112  -19.748 1.00 822.07 ? 198 UNK B CB 1 
ATOM 1186 N N  . UNK B 1 103 ? 31.027  28.987  -20.246 1.00 836.21 ? 199 UNK B N  1 
ATOM 1187 C CA . UNK B 1 103 ? 30.972  30.152  -21.115 1.00 836.21 ? 199 UNK B CA 1 
ATOM 1188 C C  . UNK B 1 103 ? 31.529  31.360  -20.378 1.00 836.21 ? 199 UNK B C  1 
ATOM 1189 O O  . UNK B 1 103 ? 32.323  32.165  -20.889 1.00 836.21 ? 199 UNK B O  1 
ATOM 1190 C CB . UNK B 1 103 ? 29.535  30.416  -21.570 1.00 836.21 ? 199 UNK B CB 1 
ATOM 1191 N N  . UNK B 1 104 ? 31.080  31.462  -19.140 1.00 828.12 ? 200 UNK B N  1 
ATOM 1192 C CA . UNK B 1 104 ? 31.457  32.555  -18.273 1.00 828.12 ? 200 UNK B CA 1 
ATOM 1193 C C  . UNK B 1 104 ? 32.941  32.492  -18.003 1.00 828.12 ? 200 UNK B C  1 
ATOM 1194 O O  . UNK B 1 104 ? 33.633  33.503  -18.072 1.00 828.12 ? 200 UNK B O  1 
ATOM 1195 C CB . UNK B 1 104 ? 30.674  32.498  -16.962 1.00 828.12 ? 200 UNK B CB 1 
ATOM 1196 N N  . UNK B 1 105 ? 33.407  31.293  -17.683 1.00 880.71 ? 201 UNK B N  1 
ATOM 1197 C CA . UNK B 1 105 ? 34.802  31.059  -17.371 1.00 880.71 ? 201 UNK B CA 1 
ATOM 1198 C C  . UNK B 1 105 ? 35.644  31.676  -18.457 1.00 880.71 ? 201 UNK B C  1 
ATOM 1199 O O  . UNK B 1 105 ? 36.603  32.404  -18.211 1.00 880.71 ? 201 UNK B O  1 
ATOM 1200 C CB . UNK B 1 105 ? 35.083  29.563  -17.255 1.00 880.71 ? 201 UNK B CB 1 
ATOM 1201 N N  . UNK B 1 106 ? 35.232  31.403  -19.683 1.00 844.04 ? 202 UNK B N  1 
ATOM 1202 C CA . UNK B 1 106 ? 35.943  31.905  -20.848 1.00 844.04 ? 202 UNK B CA 1 
ATOM 1203 C C  . UNK B 1 106 ? 35.894  33.432  -20.987 1.00 844.04 ? 202 UNK B C  1 
ATOM 1204 O O  . UNK B 1 106 ? 36.910  34.162  -20.884 1.00 844.04 ? 202 UNK B O  1 
ATOM 1205 C CB . UNK B 1 106 ? 35.370  31.265  -22.107 1.00 844.04 ? 202 UNK B CB 1 
ATOM 1206 N N  . UNK B 1 107 ? 34.683  33.920  -21.230 1.00 847.55 ? 203 UNK B N  1 
ATOM 1207 C CA . UNK B 1 107 ? 34.496  35.333  -21.524 1.00 847.55 ? 203 UNK B CA 1 
ATOM 1208 C C  . UNK B 1 107 ? 35.070  36.196  -20.399 1.00 847.55 ? 203 UNK B C  1 
ATOM 1209 O O  . UNK B 1 107 ? 35.414  37.354  -20.622 1.00 847.55 ? 203 UNK B O  1 
ATOM 1210 C CB . UNK B 1 107 ? 33.018  35.646  -21.743 1.00 847.55 ? 203 UNK B CB 1 
ATOM 1211 N N  . UNK B 1 108 ? 35.219  35.608  -19.215 1.00 856.47 ? 204 UNK B N  1 
ATOM 1212 C CA . UNK B 1 108 ? 35.805  36.277  -18.064 1.00 856.47 ? 204 UNK B CA 1 
ATOM 1213 C C  . UNK B 1 108 ? 37.209  36.798  -18.336 1.00 856.47 ? 204 UNK B C  1 
ATOM 1214 O O  . UNK B 1 108 ? 37.472  37.998  -18.330 1.00 856.47 ? 204 UNK B O  1 
ATOM 1215 C CB . UNK B 1 108 ? 35.843  35.318  -16.873 1.00 856.47 ? 204 UNK B CB 1 
ATOM 1216 N N  . UNK B 1 109 ? 38.133  35.883  -18.574 1.00 924.30 ? 205 UNK B N  1 
ATOM 1217 C CA . UNK B 1 109 ? 39.484  36.308  -18.870 1.00 924.30 ? 205 UNK B CA 1 
ATOM 1218 C C  . UNK B 1 109 ? 39.509  37.044  -20.205 1.00 924.30 ? 205 UNK B C  1 
ATOM 1219 O O  . UNK B 1 109 ? 40.402  37.864  -20.420 1.00 924.30 ? 205 UNK B O  1 
ATOM 1220 C CB . UNK B 1 109 ? 40.437  35.119  -18.888 1.00 924.30 ? 205 UNK B CB 1 
ATOM 1221 N N  . UNK B 1 110 ? 38.550  36.759  -21.092 1.00 881.01 ? 206 UNK B N  1 
ATOM 1222 C CA . UNK B 1 110 ? 38.471  37.508  -22.358 1.00 881.01 ? 206 UNK B CA 1 
ATOM 1223 C C  . UNK B 1 110 ? 38.433  39.003  -22.065 1.00 881.01 ? 206 UNK B C  1 
ATOM 1224 O O  . UNK B 1 110 ? 39.216  39.855  -22.562 1.00 881.01 ? 206 UNK B O  1 
ATOM 1225 C CB . UNK B 1 110 ? 37.231  37.100  -23.160 1.00 881.01 ? 206 UNK B CB 1 
ATOM 1226 N N  . UNK B 1 111 ? 37.462  39.302  -21.220 1.00 865.93 ? 207 UNK B N  1 
ATOM 1227 C CA . UNK B 1 111 ? 37.306  40.613  -20.650 1.00 865.93 ? 207 UNK B CA 1 
ATOM 1228 C C  . UNK B 1 111 ? 38.615  41.029  -20.029 1.00 865.93 ? 207 UNK B C  1 
ATOM 1229 O O  . UNK B 1 111 ? 39.059  42.127  -20.279 1.00 865.93 ? 207 UNK B O  1 
ATOM 1230 C CB . UNK B 1 111 ? 36.194  40.621  -19.603 1.00 865.93 ? 207 UNK B CB 1 
ATOM 1231 N N  . UNK B 1 112 ? 39.208  40.151  -19.232 1.00 944.78 ? 208 UNK B N  1 
ATOM 1232 C CA . UNK B 1 112 ? 40.434  40.479  -18.515 1.00 944.78 ? 208 UNK B CA 1 
ATOM 1233 C C  . UNK B 1 112 ? 41.507  40.925  -19.487 1.00 944.78 ? 208 UNK B C  1 
ATOM 1234 O O  . UNK B 1 112 ? 42.260  41.863  -19.228 1.00 944.78 ? 208 UNK B O  1 
ATOM 1235 C CB . UNK B 1 112 ? 40.931  39.283  -17.707 1.00 944.78 ? 208 UNK B CB 1 
ATOM 1236 N N  . UNK B 1 113 ? 41.566  40.243  -20.618 1.00 964.97 ? 209 UNK B N  1 
ATOM 1237 C CA . UNK B 1 113 ? 42.539  40.566  -21.639 1.00 964.97 ? 209 UNK B CA 1 
ATOM 1238 C C  . UNK B 1 113 ? 42.339  41.982  -22.115 1.00 964.97 ? 209 UNK B C  1 
ATOM 1239 O O  . UNK B 1 113 ? 43.187  42.878  -21.938 1.00 964.97 ? 209 UNK B O  1 
ATOM 1240 C CB . UNK B 1 113 ? 42.416  39.606  -22.816 1.00 964.97 ? 209 UNK B CB 1 
ATOM 1241 N N  . UNK B 1 114 ? 41.174  42.185  -22.707 1.00 912.94 ? 210 UNK B N  1 
ATOM 1242 C CA . UNK B 1 114 ? 40.869  43.486  -23.281 1.00 912.94 ? 210 UNK B CA 1 
ATOM 1243 C C  . UNK B 1 114 ? 40.955  44.564  -22.202 1.00 912.94 ? 210 UNK B C  1 
ATOM 1244 O O  . UNK B 1 114 ? 41.146  45.759  -22.451 1.00 912.94 ? 210 UNK B O  1 
ATOM 1245 C CB . UNK B 1 114 ? 39.490  43.471  -23.922 1.00 912.94 ? 210 UNK B CB 1 
ATOM 1246 N N  . UNK B 1 115 ? 40.851  44.104  -20.965 1.00 915.93 ? 211 UNK B N  1 
ATOM 1247 C CA . UNK B 1 115 ? 40.830  44.973  -19.815 1.00 915.93 ? 211 UNK B CA 1 
ATOM 1248 C C  . UNK B 1 115 ? 42.210  45.501  -19.546 1.00 915.93 ? 211 UNK B C  1 
ATOM 1249 O O  . UNK B 1 115 ? 42.385  46.695  -19.369 1.00 915.93 ? 211 UNK B O  1 
ATOM 1250 C CB . UNK B 1 115 ? 40.304  44.226  -18.592 1.00 915.93 ? 211 UNK B CB 1 
ATOM 1251 N N  . UNK B 1 116 ? 43.177  44.600  -19.502 1.00 916.64 ? 212 UNK B N  1 
ATOM 1252 C CA . UNK B 1 116 ? 44.561  45.004  -19.326 1.00 916.64 ? 212 UNK B CA 1 
ATOM 1253 C C  . UNK B 1 116 ? 44.902  45.946  -20.459 1.00 916.64 ? 212 UNK B C  1 
ATOM 1254 O O  . UNK B 1 116 ? 45.660  46.915  -20.287 1.00 916.64 ? 212 UNK B O  1 
ATOM 1255 C CB . UNK B 1 116 ? 45.493  43.799  -19.325 1.00 916.64 ? 212 UNK B CB 1 
ATOM 1256 N N  . UNK B 1 117 ? 44.310  45.653  -21.619 1.00 870.90 ? 213 UNK B N  1 
ATOM 1257 C CA . UNK B 1 117 ? 44.502  46.476  -22.812 1.00 870.90 ? 213 UNK B CA 1 
ATOM 1258 C C  . UNK B 1 117 ? 44.152  47.932  -22.537 1.00 870.90 ? 213 UNK B C  1 
ATOM 1259 O O  . UNK B 1 117 ? 45.029  48.802  -22.509 1.00 870.90 ? 213 UNK B O  1 
ATOM 1260 C CB . UNK B 1 117 ? 43.665  45.953  -23.985 1.00 870.90 ? 213 UNK B CB 1 
ATOM 1261 N N  . UNK B 1 118 ? 42.868  48.179  -22.320 1.00 872.67 ? 214 UNK B N  1 
ATOM 1262 C CA . UNK B 1 118 ? 42.404  49.539  -22.047 1.00 872.67 ? 214 UNK B CA 1 
ATOM 1263 C C  . UNK B 1 118 ? 43.049  50.118  -20.790 1.00 872.67 ? 214 UNK B C  1 
ATOM 1264 O O  . UNK B 1 118 ? 43.163  51.330  -20.654 1.00 872.67 ? 214 UNK B O  1 
ATOM 1265 C CB . UNK B 1 118 ? 40.884  49.574  -21.909 1.00 872.67 ? 214 UNK B CB 1 
ATOM 1266 N N  . UNK B 1 119 ? 43.490  49.247  -19.889 1.00 885.95 ? 215 UNK B N  1 
ATOM 1267 C CA . UNK B 1 119 ? 44.115  49.662  -18.650 1.00 885.95 ? 215 UNK B CA 1 
ATOM 1268 C C  . UNK B 1 119 ? 45.389  50.400  -18.953 1.00 885.95 ? 215 UNK B C  1 
ATOM 1269 O O  . UNK B 1 119 ? 45.495  51.596  -18.710 1.00 885.95 ? 215 UNK B O  1 
ATOM 1270 C CB . UNK B 1 119 ? 44.407  48.453  -17.763 1.00 885.95 ? 215 UNK B CB 1 
ATOM 1271 N N  . UNK B 1 120 ? 46.350  49.668  -19.496 1.00 824.95 ? 216 UNK B N  1 
ATOM 1272 C CA . UNK B 1 120 ? 47.618  50.258  -19.885 1.00 824.95 ? 216 UNK B CA 1 
ATOM 1273 C C  . UNK B 1 120 ? 47.378  51.397  -20.857 1.00 824.95 ? 216 UNK B C  1 
ATOM 1274 O O  . UNK B 1 120 ? 48.105  52.388  -20.847 1.00 824.95 ? 216 UNK B O  1 
ATOM 1275 C CB . UNK B 1 120 ? 48.535  49.213  -20.508 1.00 824.95 ? 216 UNK B CB 1 
ATOM 1276 N N  . UNK B 1 121 ? 46.341  51.258  -21.677 1.00 799.03 ? 217 UNK B N  1 
ATOM 1277 C CA . UNK B 1 121 ? 45.984  52.282  -22.637 1.00 799.03 ? 217 UNK B CA 1 
ATOM 1278 C C  . UNK B 1 121 ? 45.729  53.600  -21.937 1.00 799.03 ? 217 UNK B C  1 
ATOM 1279 O O  . UNK B 1 121 ? 46.342  54.602  -22.269 1.00 799.03 ? 217 UNK B O  1 
ATOM 1280 C CB . UNK B 1 121 ? 44.753  51.857  -23.434 1.00 799.03 ? 217 UNK B CB 1 
ATOM 1281 N N  . UNK B 1 122 ? 44.825  53.596  -20.973 1.00 849.64 ? 218 UNK B N  1 
ATOM 1282 C CA . UNK B 1 122 ? 44.548  54.788  -20.203 1.00 849.64 ? 218 UNK B CA 1 
ATOM 1283 C C  . UNK B 1 122 ? 45.830  55.214  -19.514 1.00 849.64 ? 218 UNK B C  1 
ATOM 1284 O O  . UNK B 1 122 ? 46.185  56.386  -19.474 1.00 849.64 ? 218 UNK B O  1 
ATOM 1285 C CB . UNK B 1 122 ? 43.442  54.531  -19.187 1.00 849.64 ? 218 UNK B CB 1 
ATOM 1286 N N  . UNK B 1 123 ? 46.543  54.229  -18.991 1.00 808.53 ? 219 UNK B N  1 
ATOM 1287 C CA . UNK B 1 123 ? 47.772  54.470  -18.264 1.00 808.53 ? 219 UNK B CA 1 
ATOM 1288 C C  . UNK B 1 123 ? 48.799  55.130  -19.162 1.00 808.53 ? 219 UNK B C  1 
ATOM 1289 O O  . UNK B 1 123 ? 49.500  56.061  -18.773 1.00 808.53 ? 219 UNK B O  1 
ATOM 1290 C CB . UNK B 1 123 ? 48.320  53.161  -17.712 1.00 808.53 ? 219 UNK B CB 1 
ATOM 1291 N N  . UNK B 1 124 ? 48.883  54.636  -20.383 1.00 756.51 ? 220 UNK B N  1 
ATOM 1292 C CA . UNK B 1 124 ? 49.856  55.165  -21.315 1.00 756.51 ? 220 UNK B CA 1 
ATOM 1293 C C  . UNK B 1 124 ? 49.421  56.539  -21.813 1.00 756.51 ? 220 UNK B C  1 
ATOM 1294 O O  . UNK B 1 124 ? 50.244  57.367  -22.185 1.00 756.51 ? 220 UNK B O  1 
ATOM 1295 C CB . UNK B 1 124 ? 50.045  54.203  -22.483 1.00 756.51 ? 220 UNK B CB 1 
ATOM 1296 N N  . UNK B 1 125 ? 48.120  56.779  -21.821 1.00 798.06 ? 221 UNK B N  1 
ATOM 1297 C CA . UNK B 1 125 ? 47.613  58.092  -22.175 1.00 798.06 ? 221 UNK B CA 1 
ATOM 1298 C C  . UNK B 1 125 ? 48.126  59.020  -21.106 1.00 798.06 ? 221 UNK B C  1 
ATOM 1299 O O  . UNK B 1 125 ? 48.562  60.132  -21.353 1.00 798.06 ? 221 UNK B O  1 
ATOM 1300 C CB . UNK B 1 125 ? 46.088  58.113  -22.241 1.00 798.06 ? 221 UNK B CB 1 
ATOM 1301 N N  . UNK B 1 126 ? 48.091  58.509  -19.888 1.00 795.45 ? 222 UNK B N  1 
ATOM 1302 C CA . UNK B 1 126 ? 48.625  59.224  -18.751 1.00 795.45 ? 222 UNK B CA 1 
ATOM 1303 C C  . UNK B 1 126 ? 50.125  59.351  -18.893 1.00 795.45 ? 222 UNK B C  1 
ATOM 1304 O O  . UNK B 1 126 ? 50.703  60.329  -18.444 1.00 795.45 ? 222 UNK B O  1 
ATOM 1305 C CB . UNK B 1 126 ? 48.275  58.510  -17.452 1.00 795.45 ? 222 UNK B CB 1 
ATOM 1306 N N  . UNK B 1 127 ? 50.756  58.357  -19.501 1.00 768.15 ? 223 UNK B N  1 
ATOM 1307 C CA . UNK B 1 127 ? 52.192  58.415  -19.703 1.00 768.15 ? 223 UNK B CA 1 
ATOM 1308 C C  . UNK B 1 127 ? 52.494  59.626  -20.550 1.00 768.15 ? 223 UNK B C  1 
ATOM 1309 O O  . UNK B 1 127 ? 53.319  60.470  -20.222 1.00 768.15 ? 223 UNK B O  1 
ATOM 1310 C CB . UNK B 1 127 ? 52.708  57.151  -20.380 1.00 768.15 ? 223 UNK B CB 1 
ATOM 1311 N N  . UNK B 1 128 ? 51.787  59.684  -21.662 1.00 710.73 ? 224 UNK B N  1 
ATOM 1312 C CA . UNK B 1 128 ? 51.861  60.793  -22.581 1.00 710.73 ? 224 UNK B CA 1 
ATOM 1313 C C  . UNK B 1 128 ? 51.603  62.094  -21.838 1.00 710.73 ? 224 UNK B C  1 
ATOM 1314 O O  . UNK B 1 128 ? 52.312  63.089  -22.005 1.00 710.73 ? 224 UNK B O  1 
ATOM 1315 C CB . UNK B 1 128 ? 50.846  60.607  -23.704 1.00 710.73 ? 224 UNK B CB 1 
ATOM 1316 N N  . UNK B 1 129 ? 50.578  62.069  -21.003 1.00 722.97 ? 225 UNK B N  1 
ATOM 1317 C CA . UNK B 1 129 ? 50.140  63.242  -20.278 1.00 722.97 ? 225 UNK B CA 1 
ATOM 1318 C C  . UNK B 1 129 ? 51.271  63.798  -19.445 1.00 722.97 ? 225 UNK B C  1 
ATOM 1319 O O  . UNK B 1 129 ? 51.614  64.974  -19.498 1.00 722.97 ? 225 UNK B O  1 
ATOM 1320 C CB . UNK B 1 129 ? 48.952  62.891  -19.390 1.00 722.97 ? 225 UNK B CB 1 
ATOM 1321 N N  . UNK B 1 130 ? 51.870  62.911  -18.676 1.00 751.10 ? 226 UNK B N  1 
ATOM 1322 C CA . UNK B 1 130 ? 52.920  63.293  -17.768 1.00 751.10 ? 226 UNK B CA 1 
ATOM 1323 C C  . UNK B 1 130 ? 54.148  63.717  -18.544 1.00 751.10 ? 226 UNK B C  1 
ATOM 1324 O O  . UNK B 1 130 ? 54.904  64.575  -18.108 1.00 751.10 ? 226 UNK B O  1 
ATOM 1325 C CB . UNK B 1 130 ? 53.251  62.139  -16.832 1.00 751.10 ? 226 UNK B CB 1 
ATOM 1326 N N  . UNK B 1 131 ? 54.355  63.099  -19.696 1.00 754.78 ? 227 UNK B N  1 
ATOM 1327 C CA . UNK B 1 131 ? 55.509  63.427  -20.505 1.00 754.78 ? 227 UNK B CA 1 
ATOM 1328 C C  . UNK B 1 131 ? 55.368  64.871  -20.916 1.00 754.78 ? 227 UNK B C  1 
ATOM 1329 O O  . UNK B 1 131 ? 56.327  65.642  -20.929 1.00 754.78 ? 227 UNK B O  1 
ATOM 1330 C CB . UNK B 1 131 ? 55.603  62.510  -21.720 1.00 754.78 ? 227 UNK B CB 1 
ATOM 1331 N N  . UNK B 1 132 ? 54.135  65.222  -21.253 1.00 730.93 ? 228 UNK B N  1 
ATOM 1332 C CA . UNK B 1 132 ? 53.800  66.594  -21.573 1.00 730.93 ? 228 UNK B CA 1 
ATOM 1333 C C  . UNK B 1 132 ? 54.116  67.422  -20.351 1.00 730.93 ? 228 UNK B C  1 
ATOM 1334 O O  . UNK B 1 132 ? 54.702  68.500  -20.427 1.00 730.93 ? 228 UNK B O  1 
ATOM 1335 C CB . UNK B 1 132 ? 52.329  66.732  -21.966 1.00 730.93 ? 228 UNK B CB 1 
ATOM 1336 N N  . UNK B 1 133 ? 53.751  66.878  -19.203 1.00 815.47 ? 229 UNK B N  1 
ATOM 1337 C CA . UNK B 1 133 ? 54.055  67.518  -17.945 1.00 815.47 ? 229 UNK B CA 1 
ATOM 1338 C C  . UNK B 1 133 ? 55.555  67.479  -17.720 1.00 815.47 ? 229 UNK B C  1 
ATOM 1339 O O  . UNK B 1 133 ? 56.298  66.951  -18.547 1.00 815.47 ? 229 UNK B O  1 
ATOM 1340 C CB . UNK B 1 133 ? 53.320  66.827  -16.805 1.00 815.47 ? 229 UNK B CB 1 
# 
